data_8QFB
#
_entry.id   8QFB
#
_cell.length_a   102.556
_cell.length_b   179.531
_cell.length_c   228.076
_cell.angle_alpha   90.000
_cell.angle_beta   90.000
_cell.angle_gamma   90.000
#
_symmetry.space_group_name_H-M   'P 21 21 21'
#
_entity_poly.entity_id   1
_entity_poly.type   'polypeptide(L)'
_entity_poly.pdbx_seq_one_letter_code
;MGSSHHHHHHSSGLVPRGSHMEDFQKHLDGKDENFAATDAIPSNVLRDAVKNGDYITVKVALNSNEEYNLDQEDSSGMTL
VMLAAAGGQDDLLRLLITKGAKVNGRQKNGTTALIHAAEKNFLTTVAILLEAGAFVNVQQSNGETALMKACKRGNSDIVR
LVIECGADCNILSKHQNSALHFAKQSNNVLVYDLLKNHLETLSRVAEETIKDYFEARLALLEPVFPIACHRLCEGPDFST
DFNYKPPQNIPEGSGILLFIFHANFLGKEVIARLCGPCSVQAVVLNDKFQLPVFLDSHFVYSFSPVAGPNKLFIRLTEAP
SAKVKLLIGAYRVQLQ
;
_entity_poly.pdbx_strand_id   B,A,C,D,E,F,G,H
#
# COMPACT_ATOMS: atom_id res chain seq x y z
N SER A 43 19.88 49.71 17.73
CA SER A 43 19.93 49.13 19.08
C SER A 43 18.53 49.10 19.69
N ASN A 44 18.33 49.85 20.77
CA ASN A 44 17.04 50.03 21.41
C ASN A 44 15.90 50.27 20.42
N VAL A 45 16.25 50.78 19.23
CA VAL A 45 15.24 51.16 18.25
C VAL A 45 14.30 50.00 17.95
N LEU A 46 14.84 48.80 17.80
CA LEU A 46 14.00 47.64 17.49
C LEU A 46 13.06 47.27 18.62
N ARG A 47 13.43 47.48 19.87
CA ARG A 47 12.52 47.13 20.97
C ARG A 47 11.23 47.93 20.91
N ASP A 48 11.33 49.25 20.86
CA ASP A 48 10.13 50.08 20.77
C ASP A 48 9.44 49.90 19.42
N ALA A 49 10.20 49.62 18.35
CA ALA A 49 9.57 49.35 17.06
C ALA A 49 8.69 48.12 17.13
N VAL A 50 9.16 47.05 17.78
CA VAL A 50 8.37 45.83 17.91
C VAL A 50 7.16 46.07 18.81
N LYS A 51 7.33 46.85 19.89
CA LYS A 51 6.17 47.13 20.72
C LYS A 51 5.08 47.84 19.91
N ASN A 52 5.46 48.58 18.87
CA ASN A 52 4.59 49.30 17.95
C ASN A 52 4.62 48.63 16.56
N GLY A 53 4.01 49.30 15.58
CA GLY A 53 3.97 48.79 14.22
C GLY A 53 5.02 49.41 13.30
N ASP A 54 6.12 48.68 13.06
CA ASP A 54 7.22 49.17 12.23
C ASP A 54 7.78 48.06 11.33
N TYR A 55 6.96 47.50 10.45
CA TYR A 55 7.40 46.36 9.65
C TYR A 55 8.55 46.74 8.70
N ILE A 56 8.51 47.94 8.12
CA ILE A 56 9.57 48.35 7.20
C ILE A 56 10.89 48.53 7.96
N THR A 57 10.81 49.15 9.15
CA THR A 57 11.99 49.33 9.98
C THR A 57 12.66 47.99 10.26
N VAL A 58 11.85 47.01 10.65
CA VAL A 58 12.42 45.71 10.97
C VAL A 58 12.98 45.03 9.73
N LYS A 59 12.33 45.21 8.58
CA LYS A 59 12.87 44.61 7.36
C LYS A 59 14.28 45.13 7.10
N VAL A 60 14.47 46.45 7.22
CA VAL A 60 15.81 47.01 6.99
C VAL A 60 16.79 46.52 8.06
N ALA A 61 16.40 46.59 9.34
CA ALA A 61 17.29 46.15 10.40
C ALA A 61 17.66 44.68 10.25
N LEU A 62 16.82 43.90 9.57
CA LEU A 62 17.04 42.48 9.38
C LEU A 62 17.88 42.20 8.15
N ASN A 63 17.93 43.13 7.19
CA ASN A 63 18.89 43.05 6.09
C ASN A 63 20.09 43.96 6.28
N SER A 64 20.18 44.70 7.40
CA SER A 64 21.30 45.59 7.64
C SER A 64 22.50 44.84 8.22
N ASN A 65 23.67 45.49 8.11
CA ASN A 65 24.92 44.92 8.62
C ASN A 65 25.16 45.22 10.10
N GLU A 66 24.14 45.07 10.94
CA GLU A 66 24.27 45.27 12.38
C GLU A 66 23.94 43.97 13.09
N GLU A 67 24.71 43.66 14.14
CA GLU A 67 24.49 42.44 14.91
C GLU A 67 23.54 42.78 16.05
N TYR A 68 22.33 42.22 15.99
CA TYR A 68 21.31 42.44 17.00
C TYR A 68 21.03 41.14 17.72
N ASN A 69 20.88 41.21 19.04
CA ASN A 69 20.51 40.06 19.87
C ASN A 69 18.99 40.05 19.98
N LEU A 70 18.35 39.15 19.24
CA LEU A 70 16.89 39.08 19.24
C LEU A 70 16.34 38.31 20.44
N ASP A 71 17.19 37.99 21.43
CA ASP A 71 16.74 37.29 22.63
C ASP A 71 16.95 38.13 23.87
N GLN A 72 17.23 39.42 23.70
CA GLN A 72 17.39 40.31 24.85
C GLN A 72 16.09 40.36 25.63
N GLU A 73 16.20 40.42 26.95
CA GLU A 73 15.04 40.46 27.82
C GLU A 73 15.15 41.71 28.68
N ASP A 74 14.08 42.49 28.72
CA ASP A 74 14.05 43.65 29.58
C ASP A 74 13.95 43.18 31.04
N SER A 75 13.84 44.14 31.96
CA SER A 75 13.73 43.79 33.37
C SER A 75 12.59 42.79 33.58
N SER A 76 11.49 42.97 32.83
CA SER A 76 10.39 42.01 32.90
C SER A 76 10.84 40.63 32.42
N GLY A 77 11.62 40.59 31.36
CA GLY A 77 12.07 39.35 30.76
C GLY A 77 11.50 39.07 29.39
N MET A 78 10.70 39.97 28.83
CA MET A 78 10.07 39.73 27.54
C MET A 78 11.09 39.90 26.41
N THR A 79 11.12 38.93 25.52
CA THR A 79 11.94 39.01 24.32
C THR A 79 11.10 39.60 23.20
N LEU A 80 11.76 39.92 22.09
CA LEU A 80 11.05 40.51 20.96
C LEU A 80 9.96 39.57 20.46
N VAL A 81 10.24 38.26 20.47
CA VAL A 81 9.26 37.30 19.98
C VAL A 81 7.96 37.42 20.77
N MET A 82 8.05 37.48 22.09
CA MET A 82 6.82 37.46 22.88
C MET A 82 6.11 38.81 22.89
N LEU A 83 6.83 39.93 22.81
CA LEU A 83 6.14 41.21 22.60
C LEU A 83 5.41 41.23 21.25
N ALA A 84 6.11 40.82 20.20
CA ALA A 84 5.49 40.75 18.87
C ALA A 84 4.24 39.88 18.91
N ALA A 85 4.30 38.75 19.61
CA ALA A 85 3.12 37.90 19.73
C ALA A 85 2.06 38.57 20.60
N ALA A 86 2.48 39.44 21.51
CA ALA A 86 1.52 40.16 22.34
C ALA A 86 0.68 41.12 21.52
N GLY A 87 1.28 41.73 20.50
CA GLY A 87 0.57 42.70 19.68
C GLY A 87 -0.07 42.20 18.40
N GLY A 88 -0.13 40.89 18.20
CA GLY A 88 -0.79 40.34 17.03
C GLY A 88 -0.18 40.71 15.69
N GLN A 89 1.04 41.22 15.69
CA GLN A 89 1.70 41.67 14.45
C GLN A 89 2.34 40.43 13.81
N ASP A 90 1.55 39.72 13.00
CA ASP A 90 1.93 38.39 12.53
C ASP A 90 3.15 38.41 11.61
N ASP A 91 3.22 39.36 10.68
CA ASP A 91 4.35 39.38 9.74
C ASP A 91 5.67 39.53 10.50
N LEU A 92 5.65 40.27 11.60
CA LEU A 92 6.83 40.31 12.45
C LEU A 92 7.21 38.93 12.93
N LEU A 93 6.22 38.14 13.38
CA LEU A 93 6.50 36.79 13.82
C LEU A 93 7.11 35.96 12.69
N ARG A 94 6.56 36.04 11.48
CA ARG A 94 7.14 35.26 10.39
C ARG A 94 8.61 35.62 10.21
N LEU A 95 8.94 36.91 10.23
CA LEU A 95 10.33 37.30 10.06
C LEU A 95 11.19 36.81 11.24
N LEU A 96 10.66 36.93 12.46
CA LEU A 96 11.41 36.51 13.64
C LEU A 96 11.71 35.02 13.59
N ILE A 97 10.74 34.22 13.15
CA ILE A 97 10.96 32.79 13.00
C ILE A 97 12.02 32.54 11.91
N THR A 98 11.93 33.26 10.80
CA THR A 98 12.94 33.13 9.75
C THR A 98 14.21 33.92 10.05
N LYS A 99 14.37 34.45 11.26
CA LYS A 99 15.61 35.08 11.68
C LYS A 99 16.25 34.39 12.89
N GLY A 100 15.75 33.21 13.27
CA GLY A 100 16.35 32.43 14.34
C GLY A 100 16.11 33.01 15.71
N ALA A 101 14.86 33.05 16.15
CA ALA A 101 14.50 33.63 17.43
C ALA A 101 13.78 32.58 18.27
N LYS A 102 14.23 32.40 19.51
CA LYS A 102 13.66 31.37 20.36
C LYS A 102 12.17 31.64 20.51
N VAL A 103 11.37 30.71 20.03
CA VAL A 103 9.92 30.79 20.26
C VAL A 103 9.62 30.57 21.73
N ASN A 104 10.28 29.59 22.33
CA ASN A 104 10.01 29.20 23.71
C ASN A 104 11.04 29.81 24.66
N GLY A 105 10.95 31.13 24.82
CA GLY A 105 11.54 31.78 25.96
C GLY A 105 10.55 31.77 27.11
N ARG A 106 11.00 32.26 28.25
CA ARG A 106 10.14 32.35 29.42
C ARG A 106 10.44 33.62 30.20
N GLN A 107 9.40 34.22 30.77
CA GLN A 107 9.60 35.37 31.64
C GLN A 107 10.07 34.87 33.00
N LYS A 108 10.36 35.81 33.91
CA LYS A 108 10.76 35.42 35.25
C LYS A 108 9.62 34.71 35.98
N ASN A 109 8.38 35.07 35.68
CA ASN A 109 7.21 34.38 36.20
C ASN A 109 6.79 33.21 35.32
N GLY A 110 7.62 32.83 34.35
CA GLY A 110 7.41 31.59 33.62
C GLY A 110 6.41 31.64 32.50
N THR A 111 6.28 32.77 31.82
CA THR A 111 5.34 32.92 30.73
C THR A 111 6.10 32.87 29.41
N THR A 112 5.61 32.06 28.47
CA THR A 112 6.16 32.00 27.13
C THR A 112 5.27 32.80 26.18
N ALA A 113 5.81 33.10 24.99
CA ALA A 113 5.07 33.88 24.01
C ALA A 113 3.71 33.26 23.72
N LEU A 114 3.65 31.93 23.70
CA LEU A 114 2.39 31.26 23.43
C LEU A 114 1.35 31.58 24.49
N ILE A 115 1.77 31.67 25.76
CA ILE A 115 0.85 32.01 26.83
C ILE A 115 0.31 33.43 26.62
N HIS A 116 1.19 34.36 26.26
CA HIS A 116 0.75 35.72 25.96
C HIS A 116 -0.31 35.72 24.86
N ALA A 117 -0.03 35.03 23.75
CA ALA A 117 -1.00 34.98 22.67
C ALA A 117 -2.34 34.41 23.15
N ALA A 118 -2.30 33.36 23.95
CA ALA A 118 -3.55 32.76 24.43
C ALA A 118 -4.34 33.76 25.27
N GLU A 119 -3.66 34.56 26.09
CA GLU A 119 -4.37 35.53 26.92
C GLU A 119 -5.30 36.42 26.10
N LYS A 120 -4.84 36.89 24.93
CA LYS A 120 -5.54 37.91 24.16
C LYS A 120 -6.15 37.39 22.87
N ASN A 121 -6.48 36.10 22.83
CA ASN A 121 -7.31 35.50 21.77
C ASN A 121 -6.75 35.68 20.36
N PHE A 122 -5.45 35.84 20.20
CA PHE A 122 -4.87 36.05 18.87
C PHE A 122 -4.65 34.69 18.19
N LEU A 123 -5.76 34.09 17.76
CA LEU A 123 -5.76 32.74 17.19
C LEU A 123 -4.67 32.55 16.14
N THR A 124 -4.59 33.47 15.17
CA THR A 124 -3.63 33.30 14.10
C THR A 124 -2.21 33.20 14.65
N THR A 125 -1.92 33.99 15.69
CA THR A 125 -0.60 33.94 16.31
C THR A 125 -0.32 32.59 16.97
N VAL A 126 -1.30 32.05 17.69
CA VAL A 126 -1.15 30.71 18.27
C VAL A 126 -0.88 29.69 17.19
N ALA A 127 -1.60 29.78 16.06
CA ALA A 127 -1.40 28.82 14.99
C ALA A 127 0.02 28.86 14.47
N ILE A 128 0.56 30.06 14.27
CA ILE A 128 1.93 30.14 13.75
C ILE A 128 2.93 29.62 14.79
N LEU A 129 2.69 29.89 16.07
CA LEU A 129 3.62 29.40 17.09
C LEU A 129 3.63 27.87 17.14
N LEU A 130 2.44 27.25 17.13
CA LEU A 130 2.40 25.78 17.08
C LEU A 130 3.05 25.27 15.81
N GLU A 131 2.96 26.02 14.71
CA GLU A 131 3.68 25.63 13.50
C GLU A 131 5.18 25.82 13.67
N ALA A 132 5.61 26.60 14.65
CA ALA A 132 7.03 26.85 14.89
C ALA A 132 7.61 25.99 16.01
N GLY A 133 6.91 24.96 16.45
CA GLY A 133 7.42 24.09 17.48
C GLY A 133 7.39 24.65 18.88
N ALA A 134 6.33 25.35 19.24
CA ALA A 134 6.23 25.96 20.56
C ALA A 134 5.72 24.95 21.58
N PHE A 135 6.32 24.98 22.76
CA PHE A 135 5.87 24.11 23.84
C PHE A 135 4.53 24.62 24.36
N VAL A 136 3.58 23.70 24.53
CA VAL A 136 2.20 24.09 24.87
C VAL A 136 1.95 24.02 26.36
N ASN A 137 2.51 23.03 27.05
CA ASN A 137 2.14 22.71 28.43
C ASN A 137 3.04 23.37 29.48
N VAL A 138 3.78 24.41 29.12
CA VAL A 138 4.51 25.15 30.14
C VAL A 138 3.52 25.83 31.10
N GLN A 139 3.97 26.08 32.32
CA GLN A 139 3.12 26.66 33.34
C GLN A 139 3.69 27.99 33.80
N GLN A 140 2.79 28.86 34.28
CA GLN A 140 3.18 30.09 34.95
C GLN A 140 3.55 29.76 36.40
N SER A 141 4.07 30.77 37.10
CA SER A 141 4.36 30.58 38.52
C SER A 141 3.12 30.21 39.31
N ASN A 142 1.92 30.56 38.82
CA ASN A 142 0.67 30.21 39.46
C ASN A 142 0.14 28.84 39.02
N GLY A 143 0.84 28.16 38.11
CA GLY A 143 0.46 26.82 37.69
C GLY A 143 -0.49 26.74 36.52
N GLU A 144 -0.69 27.83 35.79
CA GLU A 144 -1.65 27.88 34.69
C GLU A 144 -0.96 27.73 33.34
N THR A 145 -1.64 27.07 32.41
CA THR A 145 -1.13 26.83 31.07
C THR A 145 -1.92 27.69 30.08
N ALA A 146 -1.47 27.69 28.82
CA ALA A 146 -2.21 28.40 27.78
C ALA A 146 -3.64 27.88 27.67
N LEU A 147 -3.80 26.56 27.61
CA LEU A 147 -5.12 25.95 27.47
C LEU A 147 -6.08 26.47 28.52
N MET A 148 -5.59 26.68 29.74
CA MET A 148 -6.45 27.17 30.80
C MET A 148 -6.94 28.58 30.50
N LYS A 149 -6.07 29.44 29.98
CA LYS A 149 -6.50 30.79 29.61
C LYS A 149 -7.58 30.72 28.54
N ALA A 150 -7.36 29.90 27.51
CA ALA A 150 -8.34 29.80 26.43
C ALA A 150 -9.67 29.29 26.96
N CYS A 151 -9.64 28.31 27.86
CA CYS A 151 -10.89 27.85 28.46
C CYS A 151 -11.56 28.95 29.26
N LYS A 152 -10.76 29.71 30.01
CA LYS A 152 -11.30 30.76 30.87
C LYS A 152 -12.04 31.82 30.07
N ARG A 153 -11.47 32.24 28.94
CA ARG A 153 -12.09 33.28 28.12
C ARG A 153 -13.09 32.73 27.10
N GLY A 154 -13.30 31.42 27.07
CA GLY A 154 -14.39 30.85 26.30
C GLY A 154 -14.15 30.70 24.81
N ASN A 155 -12.89 30.60 24.37
CA ASN A 155 -12.55 30.50 22.95
C ASN A 155 -12.32 29.05 22.56
N SER A 156 -13.35 28.42 21.98
CA SER A 156 -13.28 27.00 21.65
C SER A 156 -12.21 26.70 20.60
N ASP A 157 -11.98 27.62 19.66
CA ASP A 157 -11.07 27.33 18.57
C ASP A 157 -9.65 27.12 19.07
N ILE A 158 -9.18 27.99 19.97
CA ILE A 158 -7.85 27.81 20.53
C ILE A 158 -7.75 26.47 21.24
N VAL A 159 -8.81 26.10 21.97
CA VAL A 159 -8.82 24.82 22.68
C VAL A 159 -8.57 23.68 21.72
N ARG A 160 -9.33 23.64 20.61
CA ARG A 160 -9.11 22.58 19.64
C ARG A 160 -7.68 22.60 19.12
N LEU A 161 -7.19 23.79 18.78
CA LEU A 161 -5.88 23.87 18.15
C LEU A 161 -4.79 23.33 19.06
N VAL A 162 -4.85 23.64 20.36
CA VAL A 162 -3.78 23.22 21.25
C VAL A 162 -3.91 21.74 21.61
N ILE A 163 -5.12 21.28 21.96
CA ILE A 163 -5.19 19.88 22.36
C ILE A 163 -4.93 18.96 21.18
N GLU A 164 -5.19 19.41 19.96
CA GLU A 164 -4.86 18.58 18.81
C GLU A 164 -3.35 18.48 18.61
N CYS A 165 -2.61 19.52 18.98
CA CYS A 165 -1.16 19.51 18.86
C CYS A 165 -0.49 18.96 20.12
N GLY A 166 -1.27 18.38 21.03
CA GLY A 166 -0.74 17.59 22.13
C GLY A 166 -0.69 18.25 23.49
N ALA A 167 -1.72 19.00 23.87
CA ALA A 167 -1.76 19.64 25.17
C ALA A 167 -2.31 18.69 26.21
N ASP A 168 -2.05 19.01 27.48
CA ASP A 168 -2.49 18.20 28.61
C ASP A 168 -3.59 18.93 29.37
N CYS A 169 -4.73 18.25 29.55
CA CYS A 169 -5.91 18.87 30.13
C CYS A 169 -5.98 18.77 31.64
N ASN A 170 -5.44 17.68 32.21
CA ASN A 170 -5.63 17.41 33.63
C ASN A 170 -4.67 18.20 34.52
N ILE A 171 -3.76 18.99 33.92
CA ILE A 171 -2.81 19.73 34.73
C ILE A 171 -3.55 20.67 35.67
N LEU A 172 -3.01 20.84 36.88
CA LEU A 172 -3.62 21.65 37.91
C LEU A 172 -2.76 22.88 38.19
N SER A 173 -3.40 23.95 38.65
CA SER A 173 -2.72 25.16 39.04
C SER A 173 -2.41 25.12 40.54
N LYS A 174 -1.80 26.18 41.06
CA LYS A 174 -1.49 26.20 42.49
C LYS A 174 -2.76 26.15 43.35
N HIS A 175 -3.92 26.48 42.79
CA HIS A 175 -5.19 26.45 43.52
C HIS A 175 -6.01 25.21 43.19
N GLN A 176 -5.41 24.20 42.58
CA GLN A 176 -6.05 22.90 42.35
C GLN A 176 -7.31 23.04 41.50
N ASN A 177 -7.28 23.98 40.55
CA ASN A 177 -8.30 24.09 39.53
C ASN A 177 -7.69 23.63 38.21
N SER A 178 -8.40 22.76 37.51
CA SER A 178 -7.93 22.25 36.23
C SER A 178 -8.54 23.08 35.10
N ALA A 179 -8.05 22.84 33.88
CA ALA A 179 -8.67 23.47 32.73
C ALA A 179 -10.16 23.14 32.66
N LEU A 180 -10.54 21.94 33.09
CA LEU A 180 -11.93 21.52 33.02
C LEU A 180 -12.83 22.36 33.94
N HIS A 181 -12.36 22.67 35.14
CA HIS A 181 -13.15 23.49 36.05
C HIS A 181 -13.38 24.89 35.49
N PHE A 182 -12.32 25.50 34.94
CA PHE A 182 -12.49 26.81 34.32
C PHE A 182 -13.46 26.74 33.15
N ALA A 183 -13.36 25.68 32.35
CA ALA A 183 -14.26 25.54 31.20
C ALA A 183 -15.71 25.43 31.65
N LYS A 184 -15.98 24.67 32.71
CA LYS A 184 -17.36 24.54 33.15
C LYS A 184 -17.88 25.78 33.86
N GLN A 185 -17.04 26.49 34.61
CA GLN A 185 -17.50 27.68 35.32
C GLN A 185 -17.77 28.84 34.35
N SER A 186 -16.95 28.96 33.30
CA SER A 186 -17.21 29.98 32.30
C SER A 186 -18.51 29.71 31.56
N ASN A 187 -19.07 28.50 31.70
CA ASN A 187 -20.37 28.15 31.12
C ASN A 187 -20.37 28.33 29.60
N ASN A 188 -19.32 27.82 28.96
CA ASN A 188 -19.24 27.76 27.51
C ASN A 188 -19.24 26.29 27.10
N VAL A 189 -20.39 25.82 26.61
CA VAL A 189 -20.62 24.39 26.48
C VAL A 189 -19.65 23.75 25.48
N LEU A 190 -19.34 24.46 24.38
CA LEU A 190 -18.49 23.85 23.36
C LEU A 190 -17.11 23.51 23.92
N VAL A 191 -16.55 24.40 24.75
CA VAL A 191 -15.21 24.21 25.28
C VAL A 191 -15.17 22.97 26.18
N TYR A 192 -16.13 22.85 27.09
CA TYR A 192 -16.11 21.74 28.04
C TYR A 192 -16.52 20.44 27.37
N ASP A 193 -17.39 20.50 26.35
CA ASP A 193 -17.61 19.30 25.54
C ASP A 193 -16.33 18.86 24.84
N LEU A 194 -15.57 19.80 24.28
CA LEU A 194 -14.31 19.43 23.62
C LEU A 194 -13.37 18.74 24.58
N LEU A 195 -13.12 19.36 25.74
CA LEU A 195 -12.19 18.77 26.70
C LEU A 195 -12.67 17.40 27.16
N LYS A 196 -13.96 17.30 27.49
CA LYS A 196 -14.48 16.04 28.01
C LYS A 196 -14.39 14.93 26.98
N ASN A 197 -14.75 15.21 25.72
CA ASN A 197 -14.64 14.19 24.69
C ASN A 197 -13.19 13.81 24.44
N HIS A 198 -12.27 14.78 24.49
CA HIS A 198 -10.85 14.47 24.32
C HIS A 198 -10.37 13.47 25.37
N LEU A 199 -10.72 13.74 26.64
CA LEU A 199 -10.26 12.85 27.69
C LEU A 199 -10.96 11.49 27.64
N GLU A 200 -12.24 11.48 27.24
CA GLU A 200 -12.92 10.21 27.04
C GLU A 200 -12.18 9.38 25.99
N THR A 201 -11.77 10.03 24.90
CA THR A 201 -11.00 9.32 23.87
C THR A 201 -9.68 8.79 24.41
N LEU A 202 -8.97 9.59 25.21
CA LEU A 202 -7.70 9.12 25.75
C LEU A 202 -7.89 7.87 26.61
N SER A 203 -8.81 7.93 27.57
CA SER A 203 -8.99 6.77 28.45
C SER A 203 -9.48 5.55 27.68
N ARG A 204 -10.33 5.77 26.68
CA ARG A 204 -10.80 4.66 25.85
C ARG A 204 -9.63 3.98 25.15
N VAL A 205 -8.71 4.78 24.59
CA VAL A 205 -7.59 4.18 23.86
C VAL A 205 -6.64 3.47 24.83
N ALA A 206 -6.51 3.98 26.06
CA ALA A 206 -5.70 3.28 27.06
C ALA A 206 -6.26 1.89 27.32
N GLU A 207 -7.57 1.80 27.55
CA GLU A 207 -8.20 0.50 27.76
C GLU A 207 -7.96 -0.41 26.55
N GLU A 208 -8.17 0.13 25.34
CA GLU A 208 -8.05 -0.67 24.14
C GLU A 208 -6.63 -1.23 23.98
N THR A 209 -5.62 -0.38 24.19
CA THR A 209 -4.23 -0.83 23.98
C THR A 209 -3.79 -1.85 25.04
N ILE A 210 -4.15 -1.65 26.30
CA ILE A 210 -3.78 -2.67 27.29
C ILE A 210 -4.50 -3.97 26.99
N LYS A 211 -5.76 -3.90 26.53
CA LYS A 211 -6.44 -5.11 26.10
C LYS A 211 -5.64 -5.81 25.00
N ASP A 212 -5.17 -5.04 24.01
CA ASP A 212 -4.47 -5.63 22.87
C ASP A 212 -3.16 -6.28 23.30
N TYR A 213 -2.43 -5.65 24.24
CA TYR A 213 -1.07 -6.09 24.53
C TYR A 213 -0.98 -7.21 25.58
N PHE A 214 -1.95 -7.33 26.48
CA PHE A 214 -1.97 -8.41 27.44
C PHE A 214 -3.01 -9.49 27.10
N GLU A 215 -3.60 -9.44 25.92
CA GLU A 215 -4.49 -10.50 25.43
C GLU A 215 -5.61 -10.81 26.42
N ALA A 216 -6.02 -9.81 27.18
CA ALA A 216 -7.20 -9.82 28.05
C ALA A 216 -7.09 -10.73 29.27
N ARG A 217 -5.96 -11.39 29.50
CA ARG A 217 -5.78 -12.10 30.77
C ARG A 217 -5.67 -11.15 31.95
N LEU A 218 -5.51 -9.85 31.68
CA LEU A 218 -5.37 -8.79 32.67
C LEU A 218 -6.47 -7.76 32.43
N ALA A 219 -6.94 -7.12 33.51
CA ALA A 219 -8.03 -6.18 33.34
C ALA A 219 -7.90 -4.94 34.22
N LEU A 220 -8.00 -3.77 33.61
CA LEU A 220 -7.93 -2.52 34.34
C LEU A 220 -9.15 -2.38 35.25
N LEU A 221 -8.94 -1.76 36.42
CA LEU A 221 -10.00 -1.62 37.42
C LEU A 221 -10.40 -0.17 37.65
N GLU A 222 -9.45 0.68 38.04
CA GLU A 222 -9.73 2.06 38.43
C GLU A 222 -8.46 2.88 38.30
N PRO A 223 -8.49 4.00 37.59
CA PRO A 223 -7.28 4.85 37.53
C PRO A 223 -6.90 5.36 38.91
N VAL A 224 -5.59 5.51 39.12
CA VAL A 224 -5.08 6.05 40.38
C VAL A 224 -5.10 7.57 40.38
N PHE A 225 -4.92 8.18 39.23
CA PHE A 225 -4.67 9.62 39.15
C PHE A 225 -4.77 10.05 37.69
N PRO A 226 -5.27 11.27 37.43
CA PRO A 226 -5.67 11.62 36.06
C PRO A 226 -4.55 11.42 35.05
N ILE A 227 -4.81 10.57 34.05
CA ILE A 227 -3.80 10.26 33.05
C ILE A 227 -3.28 11.55 32.43
N ALA A 228 -1.96 11.68 32.35
CA ALA A 228 -1.31 12.89 31.88
C ALA A 228 -0.67 12.66 30.52
N CYS A 229 -0.32 13.78 29.87
CA CYS A 229 0.24 13.78 28.54
C CYS A 229 1.49 14.64 28.51
N HIS A 230 2.56 14.13 27.88
CA HIS A 230 3.85 14.80 27.81
C HIS A 230 4.35 14.83 26.38
N ARG A 231 4.74 16.01 25.90
CA ARG A 231 5.33 16.13 24.57
C ARG A 231 6.83 15.91 24.65
N LEU A 232 7.32 14.87 23.97
CA LEU A 232 8.75 14.56 24.06
C LEU A 232 9.60 15.72 23.56
N CYS A 233 9.19 16.38 22.48
CA CYS A 233 9.95 17.52 21.98
C CYS A 233 10.10 18.63 23.02
N GLU A 234 9.21 18.67 24.02
CA GLU A 234 9.28 19.75 25.00
C GLU A 234 10.46 19.59 25.96
N GLY A 235 10.84 18.35 26.28
CA GLY A 235 11.99 18.12 27.13
C GLY A 235 12.18 16.67 27.53
N PRO A 236 13.35 16.37 28.09
CA PRO A 236 13.63 15.00 28.55
C PRO A 236 13.21 14.70 29.98
N ASP A 237 12.79 15.71 30.74
CA ASP A 237 12.33 15.52 32.11
C ASP A 237 10.81 15.53 32.15
N PHE A 238 10.25 14.84 33.13
CA PHE A 238 8.82 14.90 33.38
C PHE A 238 8.55 14.81 34.88
N SER A 239 7.64 15.65 35.39
CA SER A 239 7.38 15.74 36.82
C SER A 239 5.89 15.95 37.07
N THR A 240 5.40 15.41 38.18
CA THR A 240 4.03 15.72 38.61
C THR A 240 3.83 15.33 40.07
N ASP A 241 2.78 15.92 40.66
CA ASP A 241 2.35 15.67 42.03
C ASP A 241 0.89 15.25 42.00
N PHE A 242 0.55 14.15 42.68
CA PHE A 242 -0.83 13.68 42.71
C PHE A 242 -1.21 13.24 44.12
N ASN A 243 -2.47 12.84 44.28
CA ASN A 243 -3.01 12.38 45.54
C ASN A 243 -3.65 11.01 45.34
N TYR A 244 -3.37 10.08 46.27
CA TYR A 244 -3.83 8.71 46.17
C TYR A 244 -4.71 8.37 47.37
N LYS A 245 -5.95 7.96 47.09
CA LYS A 245 -6.93 7.59 48.11
C LYS A 245 -7.42 6.16 47.91
N PRO A 246 -6.94 5.19 48.69
CA PRO A 246 -7.29 3.80 48.41
C PRO A 246 -8.75 3.50 48.76
N PRO A 247 -9.41 2.63 48.00
CA PRO A 247 -10.74 2.16 48.41
C PRO A 247 -10.67 1.08 49.48
N GLN A 248 -11.75 0.97 50.25
CA GLN A 248 -11.79 -0.01 51.34
C GLN A 248 -11.61 -1.42 50.81
N ASN A 249 -12.37 -1.78 49.77
CA ASN A 249 -12.35 -3.13 49.21
C ASN A 249 -11.27 -3.20 48.13
N ILE A 250 -10.15 -3.85 48.46
CA ILE A 250 -9.07 -4.14 47.52
C ILE A 250 -9.16 -5.62 47.16
N PRO A 251 -9.45 -5.97 45.91
CA PRO A 251 -9.49 -7.40 45.55
C PRO A 251 -8.11 -8.06 45.66
N GLU A 252 -7.95 -8.99 46.61
CA GLU A 252 -6.66 -9.64 46.79
C GLU A 252 -6.25 -10.34 45.50
N GLY A 253 -5.00 -10.14 45.12
CA GLY A 253 -4.57 -10.51 43.78
C GLY A 253 -4.64 -9.38 42.78
N SER A 254 -4.83 -8.15 43.23
CA SER A 254 -4.88 -6.98 42.36
C SER A 254 -3.71 -6.08 42.69
N GLY A 255 -3.23 -5.34 41.68
CA GLY A 255 -2.05 -4.53 41.87
C GLY A 255 -2.02 -3.27 41.04
N ILE A 256 -1.09 -2.38 41.36
CA ILE A 256 -0.96 -1.08 40.70
C ILE A 256 0.21 -1.14 39.72
N LEU A 257 -0.01 -0.62 38.52
CA LEU A 257 1.02 -0.55 37.49
C LEU A 257 1.05 0.83 36.86
N LEU A 258 2.26 1.31 36.54
CA LEU A 258 2.44 2.53 35.77
C LEU A 258 2.65 2.17 34.31
N PHE A 259 1.88 2.81 33.43
CA PHE A 259 1.97 2.62 31.99
C PHE A 259 2.43 3.91 31.36
N ILE A 260 3.34 3.80 30.40
CA ILE A 260 3.79 4.92 29.58
C ILE A 260 3.50 4.55 28.13
N PHE A 261 2.30 4.90 27.65
CA PHE A 261 1.97 4.60 26.27
C PHE A 261 2.66 5.61 25.36
N HIS A 262 3.25 5.13 24.28
CA HIS A 262 3.83 5.99 23.27
C HIS A 262 2.78 6.20 22.19
N ALA A 263 2.32 7.44 22.03
CA ALA A 263 1.11 7.75 21.28
C ALA A 263 1.36 8.84 20.26
N ASN A 264 0.53 8.82 19.21
CA ASN A 264 0.50 9.83 18.16
C ASN A 264 -0.91 10.39 18.02
N PHE A 265 -1.01 11.73 17.96
CA PHE A 265 -2.26 12.43 17.72
C PHE A 265 -2.35 12.79 16.24
N LEU A 266 -3.36 12.26 15.55
CA LEU A 266 -3.70 12.63 14.17
C LEU A 266 -5.12 13.19 14.14
N GLY A 267 -5.22 14.51 14.26
CA GLY A 267 -6.52 15.14 14.24
C GLY A 267 -7.23 14.88 15.54
N LYS A 268 -8.38 14.22 15.44
CA LYS A 268 -9.13 13.78 16.61
C LYS A 268 -8.89 12.33 16.96
N GLU A 269 -8.03 11.63 16.21
CA GLU A 269 -7.76 10.21 16.46
C GLU A 269 -6.39 10.04 17.11
N VAL A 270 -6.33 9.24 18.18
CA VAL A 270 -5.09 8.99 18.91
C VAL A 270 -4.80 7.50 18.88
N ILE A 271 -3.56 7.14 18.51
CA ILE A 271 -3.14 5.74 18.52
C ILE A 271 -1.89 5.58 19.35
N ALA A 272 -1.85 4.52 20.17
CA ALA A 272 -0.80 4.33 21.17
C ALA A 272 -0.26 2.91 21.16
N ARG A 273 0.93 2.76 21.76
CA ARG A 273 1.64 1.48 21.79
C ARG A 273 2.33 1.30 23.14
N LEU A 274 2.55 0.02 23.49
CA LEU A 274 3.36 -0.37 24.65
C LEU A 274 4.54 -1.24 24.24
N CYS A 275 4.95 -1.19 22.98
CA CYS A 275 6.15 -1.86 22.51
C CYS A 275 6.92 -0.89 21.61
N GLY A 276 7.99 -1.40 20.99
CA GLY A 276 8.79 -0.60 20.09
C GLY A 276 9.76 0.30 20.82
N PRO A 277 10.33 1.27 20.11
CA PRO A 277 11.29 2.19 20.75
C PRO A 277 10.69 2.85 21.97
N CYS A 278 11.46 2.88 23.05
CA CYS A 278 11.04 3.45 24.32
C CYS A 278 11.92 4.66 24.61
N SER A 279 11.29 5.71 25.16
CA SER A 279 12.00 6.92 25.54
C SER A 279 12.20 7.02 27.05
N VAL A 280 11.90 5.95 27.80
CA VAL A 280 11.95 5.96 29.26
C VAL A 280 13.27 5.36 29.72
N GLN A 281 14.01 6.10 30.54
CA GLN A 281 15.24 5.65 31.14
C GLN A 281 15.10 5.31 32.61
N ALA A 282 14.40 6.14 33.39
CA ALA A 282 14.29 5.93 34.83
C ALA A 282 13.02 6.56 35.33
N VAL A 283 12.45 5.94 36.37
CA VAL A 283 11.24 6.41 37.04
C VAL A 283 11.54 6.51 38.53
N VAL A 284 11.18 7.65 39.13
CA VAL A 284 11.44 7.94 40.54
C VAL A 284 10.11 8.30 41.17
N LEU A 285 9.65 7.49 42.11
CA LEU A 285 8.47 7.74 42.92
C LEU A 285 8.96 8.04 44.32
N ASN A 286 8.95 9.31 44.71
CA ASN A 286 9.36 9.72 46.06
C ASN A 286 10.81 9.35 46.36
N ASP A 287 11.69 9.67 45.41
CA ASP A 287 13.14 9.45 45.51
C ASP A 287 13.48 7.96 45.51
N LYS A 288 12.50 7.08 45.35
CA LYS A 288 12.72 5.65 45.24
C LYS A 288 12.53 5.26 43.78
N PHE A 289 13.58 4.74 43.16
CA PHE A 289 13.45 4.31 41.77
C PHE A 289 12.38 3.22 41.70
N GLN A 290 11.57 3.25 40.65
CA GLN A 290 10.66 2.16 40.35
C GLN A 290 11.29 1.33 39.23
N LEU A 291 11.05 0.03 39.28
CA LEU A 291 11.71 -0.87 38.34
C LEU A 291 10.69 -1.46 37.36
N PRO A 292 11.08 -1.64 36.09
CA PRO A 292 10.14 -2.19 35.12
C PRO A 292 9.70 -3.59 35.50
N VAL A 293 8.46 -3.91 35.13
CA VAL A 293 7.96 -5.26 35.38
C VAL A 293 8.70 -6.28 34.53
N PHE A 294 9.11 -5.89 33.32
CA PHE A 294 9.91 -6.74 32.44
C PHE A 294 11.29 -6.11 32.25
N LEU A 295 12.28 -6.95 31.96
CA LEU A 295 13.57 -6.43 31.54
C LEU A 295 13.61 -6.18 30.03
N ASP A 296 12.66 -6.73 29.28
CA ASP A 296 12.66 -6.55 27.83
C ASP A 296 12.01 -5.24 27.37
N SER A 297 11.24 -4.58 28.24
CA SER A 297 10.53 -3.37 27.85
C SER A 297 10.51 -2.42 29.03
N HIS A 298 10.39 -1.14 28.74
CA HIS A 298 10.38 -0.09 29.75
C HIS A 298 9.07 0.70 29.70
N PHE A 299 8.01 0.09 29.18
CA PHE A 299 6.73 0.78 29.10
C PHE A 299 5.84 0.52 30.31
N VAL A 300 5.99 -0.61 30.99
CA VAL A 300 5.22 -0.93 32.18
C VAL A 300 6.16 -1.02 33.37
N TYR A 301 5.97 -0.15 34.35
CA TYR A 301 6.73 -0.22 35.58
C TYR A 301 5.84 -0.61 36.76
N SER A 302 6.48 -1.22 37.77
CA SER A 302 5.86 -1.38 39.07
C SER A 302 5.64 -0.02 39.72
N PHE A 303 4.48 0.14 40.35
CA PHE A 303 4.06 1.43 40.92
C PHE A 303 3.40 1.12 42.26
N SER A 304 4.12 1.36 43.35
CA SER A 304 3.62 1.10 44.71
C SER A 304 3.60 2.43 45.45
N PRO A 305 2.59 3.26 45.19
CA PRO A 305 2.48 4.55 45.89
C PRO A 305 1.92 4.39 47.29
N VAL A 306 2.20 5.40 48.11
CA VAL A 306 1.64 5.47 49.45
C VAL A 306 0.47 6.44 49.44
N ALA A 307 -0.45 6.25 50.38
CA ALA A 307 -1.65 7.07 50.44
C ALA A 307 -1.30 8.52 50.77
N GLY A 308 -2.04 9.45 50.17
CA GLY A 308 -1.78 10.86 50.33
C GLY A 308 -1.06 11.45 49.14
N PRO A 309 -0.28 12.50 49.37
CA PRO A 309 0.44 13.13 48.26
C PRO A 309 1.67 12.33 47.84
N ASN A 310 1.85 12.23 46.51
CA ASN A 310 2.96 11.51 45.91
C ASN A 310 3.59 12.35 44.81
N LYS A 311 4.90 12.16 44.61
CA LYS A 311 5.68 12.90 43.62
C LYS A 311 6.32 11.91 42.66
N LEU A 312 6.06 12.11 41.36
CA LEU A 312 6.54 11.23 40.30
C LEU A 312 7.44 12.04 39.38
N PHE A 313 8.60 11.49 39.02
CA PHE A 313 9.48 12.14 38.03
C PHE A 313 10.18 11.10 37.17
N ILE A 314 10.10 11.29 35.86
CA ILE A 314 10.63 10.36 34.88
C ILE A 314 11.68 11.05 34.02
N ARG A 315 12.77 10.35 33.74
CA ARG A 315 13.80 10.82 32.85
C ARG A 315 13.64 10.17 31.48
N LEU A 316 13.78 10.97 30.43
CA LEU A 316 13.46 10.52 29.08
C LEU A 316 14.67 10.73 28.15
N THR A 317 14.56 10.15 26.97
CA THR A 317 15.53 10.40 25.91
C THR A 317 15.32 11.78 25.31
N GLU A 318 16.39 12.34 24.75
CA GLU A 318 16.35 13.65 24.13
C GLU A 318 16.25 13.50 22.62
N ALA A 319 15.07 13.78 22.07
CA ALA A 319 14.84 13.85 20.63
C ALA A 319 14.02 15.11 20.38
N PRO A 320 14.67 16.26 20.22
CA PRO A 320 13.91 17.52 20.06
C PRO A 320 13.01 17.54 18.85
N SER A 321 13.25 16.69 17.86
CA SER A 321 12.43 16.65 16.66
C SER A 321 11.41 15.52 16.69
N ALA A 322 11.34 14.77 17.78
CA ALA A 322 10.36 13.69 17.88
C ALA A 322 8.96 14.27 17.97
N LYS A 323 8.05 13.72 17.16
CA LYS A 323 6.64 14.11 17.16
C LYS A 323 5.82 13.15 17.99
N VAL A 324 6.35 12.71 19.13
CA VAL A 324 5.77 11.64 19.92
C VAL A 324 5.17 12.22 21.20
N LYS A 325 3.98 11.76 21.55
CA LYS A 325 3.33 12.12 22.81
C LYS A 325 3.36 10.91 23.73
N LEU A 326 3.48 11.16 25.04
CA LEU A 326 3.55 10.11 26.04
C LEU A 326 2.35 10.22 26.96
N LEU A 327 1.58 9.14 27.04
CA LEU A 327 0.39 9.08 27.90
C LEU A 327 0.78 8.30 29.15
N ILE A 328 0.80 9.00 30.28
CA ILE A 328 1.36 8.49 31.53
C ILE A 328 0.23 8.26 32.52
N GLY A 329 0.02 7.00 32.90
CA GLY A 329 -1.06 6.68 33.81
C GLY A 329 -0.80 5.47 34.68
N ALA A 330 -1.12 5.54 35.96
CA ALA A 330 -0.92 4.45 36.91
C ALA A 330 -2.29 3.96 37.36
N TYR A 331 -2.59 2.69 37.08
CA TYR A 331 -3.89 2.14 37.40
C TYR A 331 -3.78 0.88 38.27
N ARG A 332 -4.85 0.58 38.99
CA ARG A 332 -5.05 -0.75 39.54
C ARG A 332 -5.48 -1.71 38.44
N VAL A 333 -5.26 -3.00 38.68
CA VAL A 333 -5.46 -4.00 37.64
C VAL A 333 -5.64 -5.35 38.30
N GLN A 334 -6.37 -6.24 37.62
CA GLN A 334 -6.68 -7.57 38.12
C GLN A 334 -5.93 -8.59 37.28
N LEU A 335 -5.42 -9.61 37.97
CA LEU A 335 -4.51 -10.61 37.44
C LEU A 335 -5.30 -11.91 37.25
N GLN A 336 -5.73 -12.15 36.02
CA GLN A 336 -6.52 -13.34 35.71
C GLN A 336 -5.63 -14.49 35.25
N ASP B 39 -50.51 -0.61 -9.35
CA ASP B 39 -49.92 0.61 -8.81
C ASP B 39 -48.44 0.40 -8.45
N ALA B 40 -48.02 -0.86 -8.30
CA ALA B 40 -46.64 -1.20 -7.96
C ALA B 40 -45.83 -1.49 -9.23
N ILE B 41 -44.59 -0.99 -9.25
CA ILE B 41 -43.75 -1.06 -10.45
C ILE B 41 -43.13 -2.44 -10.57
N PRO B 42 -42.92 -2.96 -11.77
CA PRO B 42 -42.15 -4.20 -11.94
C PRO B 42 -40.65 -3.95 -11.83
N SER B 43 -39.90 -5.05 -11.73
CA SER B 43 -38.46 -4.95 -11.53
C SER B 43 -37.73 -4.46 -12.79
N ASN B 44 -38.07 -5.05 -13.95
CA ASN B 44 -37.49 -4.55 -15.19
C ASN B 44 -37.73 -3.05 -15.37
N VAL B 45 -38.91 -2.57 -14.96
CA VAL B 45 -39.20 -1.14 -15.06
C VAL B 45 -38.29 -0.34 -14.14
N LEU B 46 -38.04 -0.86 -12.93
CA LEU B 46 -37.13 -0.17 -12.02
C LEU B 46 -35.71 -0.14 -12.59
N ARG B 47 -35.31 -1.19 -13.30
CA ARG B 47 -34.01 -1.19 -13.94
C ARG B 47 -33.93 -0.06 -14.96
N ASP B 48 -34.92 0.03 -15.85
CA ASP B 48 -34.89 1.11 -16.83
C ASP B 48 -34.97 2.46 -16.12
N ALA B 49 -35.66 2.53 -14.98
CA ALA B 49 -35.72 3.78 -14.23
C ALA B 49 -34.35 4.20 -13.74
N VAL B 50 -33.58 3.25 -13.22
CA VAL B 50 -32.25 3.60 -12.74
C VAL B 50 -31.34 3.97 -13.91
N LYS B 51 -31.43 3.23 -15.00
CA LYS B 51 -30.61 3.56 -16.16
C LYS B 51 -30.95 4.92 -16.76
N ASN B 52 -32.16 5.43 -16.52
CA ASN B 52 -32.57 6.72 -17.07
C ASN B 52 -32.55 7.86 -16.07
N GLY B 53 -32.37 7.57 -14.78
CA GLY B 53 -32.35 8.59 -13.76
C GLY B 53 -33.71 9.17 -13.42
N ASP B 54 -34.68 8.31 -13.13
CA ASP B 54 -36.04 8.70 -12.77
C ASP B 54 -36.17 8.61 -11.25
N TYR B 55 -35.86 9.72 -10.56
CA TYR B 55 -35.85 9.69 -9.09
C TYR B 55 -37.23 9.39 -8.54
N ILE B 56 -38.28 9.86 -9.20
CA ILE B 56 -39.63 9.65 -8.68
C ILE B 56 -40.01 8.17 -8.71
N THR B 57 -39.73 7.49 -9.82
CA THR B 57 -40.09 6.09 -9.94
C THR B 57 -39.44 5.26 -8.83
N VAL B 58 -38.13 5.45 -8.65
CA VAL B 58 -37.41 4.66 -7.66
C VAL B 58 -37.83 5.04 -6.25
N LYS B 59 -38.08 6.34 -6.00
CA LYS B 59 -38.55 6.76 -4.69
C LYS B 59 -39.85 6.03 -4.35
N VAL B 60 -40.76 5.94 -5.32
CA VAL B 60 -42.04 5.25 -5.11
C VAL B 60 -41.82 3.76 -4.87
N ALA B 61 -41.00 3.15 -5.70
CA ALA B 61 -40.72 1.72 -5.57
C ALA B 61 -40.03 1.39 -4.24
N LEU B 62 -39.36 2.35 -3.62
CA LEU B 62 -38.58 2.07 -2.42
C LEU B 62 -39.38 2.13 -1.12
N ASN B 63 -40.53 2.82 -1.10
CA ASN B 63 -41.43 2.74 0.06
C ASN B 63 -42.61 1.80 -0.16
N SER B 64 -42.69 1.13 -1.30
CA SER B 64 -43.78 0.20 -1.56
C SER B 64 -43.51 -1.16 -0.92
N ASN B 65 -44.57 -1.96 -0.80
CA ASN B 65 -44.49 -3.28 -0.19
C ASN B 65 -44.04 -4.33 -1.18
N GLU B 66 -42.98 -4.04 -1.92
CA GLU B 66 -42.44 -4.95 -2.93
C GLU B 66 -41.05 -5.41 -2.54
N GLU B 67 -40.78 -6.70 -2.76
CA GLU B 67 -39.47 -7.29 -2.45
C GLU B 67 -38.62 -7.13 -3.71
N TYR B 68 -37.60 -6.29 -3.62
CA TYR B 68 -36.73 -6.01 -4.75
C TYR B 68 -35.32 -6.47 -4.45
N ASN B 69 -34.69 -7.09 -5.44
CA ASN B 69 -33.30 -7.52 -5.35
C ASN B 69 -32.43 -6.39 -5.87
N LEU B 70 -31.79 -5.66 -4.97
CA LEU B 70 -30.99 -4.51 -5.38
C LEU B 70 -29.63 -4.93 -5.92
N ASP B 71 -29.41 -6.21 -6.13
CA ASP B 71 -28.14 -6.73 -6.63
C ASP B 71 -28.30 -7.53 -7.91
N GLN B 72 -29.45 -7.42 -8.58
CA GLN B 72 -29.65 -8.15 -9.83
C GLN B 72 -28.66 -7.71 -10.88
N GLU B 73 -28.17 -8.69 -11.64
CA GLU B 73 -27.13 -8.49 -12.65
C GLU B 73 -27.60 -9.03 -13.98
N ASP B 74 -27.37 -8.26 -15.05
CA ASP B 74 -27.56 -8.79 -16.39
C ASP B 74 -26.44 -9.77 -16.69
N SER B 75 -26.42 -10.30 -17.92
CA SER B 75 -25.35 -11.21 -18.31
C SER B 75 -23.98 -10.57 -18.10
N SER B 76 -23.87 -9.27 -18.37
CA SER B 76 -22.59 -8.59 -18.16
C SER B 76 -22.18 -8.60 -16.70
N GLY B 77 -23.13 -8.39 -15.79
CA GLY B 77 -22.82 -8.33 -14.37
C GLY B 77 -23.02 -6.99 -13.71
N MET B 78 -23.54 -5.97 -14.40
CA MET B 78 -23.74 -4.67 -13.78
C MET B 78 -24.96 -4.71 -12.87
N THR B 79 -24.78 -4.22 -11.65
CA THR B 79 -25.87 -4.05 -10.70
C THR B 79 -26.43 -2.63 -10.76
N LEU B 80 -27.52 -2.41 -10.02
CA LEU B 80 -28.15 -1.10 -10.00
C LEU B 80 -27.20 -0.03 -9.45
N VAL B 81 -26.43 -0.39 -8.42
CA VAL B 81 -25.51 0.58 -7.83
C VAL B 81 -24.51 1.08 -8.88
N MET B 82 -23.96 0.16 -9.68
CA MET B 82 -22.93 0.59 -10.62
C MET B 82 -23.54 1.33 -11.81
N LEU B 83 -24.76 1.00 -12.22
CA LEU B 83 -25.42 1.85 -13.23
C LEU B 83 -25.66 3.26 -12.70
N ALA B 84 -26.21 3.37 -11.49
CA ALA B 84 -26.39 4.69 -10.90
C ALA B 84 -25.06 5.44 -10.85
N ALA B 85 -23.97 4.75 -10.46
CA ALA B 85 -22.68 5.43 -10.41
C ALA B 85 -22.16 5.75 -11.80
N ALA B 86 -22.49 4.95 -12.80
CA ALA B 86 -22.07 5.22 -14.16
C ALA B 86 -22.71 6.48 -14.71
N GLY B 87 -23.96 6.75 -14.32
CA GLY B 87 -24.69 7.90 -14.79
C GLY B 87 -24.65 9.15 -13.92
N GLY B 88 -23.79 9.18 -12.92
CA GLY B 88 -23.66 10.37 -12.07
C GLY B 88 -24.89 10.72 -11.27
N GLN B 89 -25.82 9.79 -11.14
CA GLN B 89 -27.09 10.04 -10.45
C GLN B 89 -26.90 9.86 -8.95
N ASP B 90 -26.40 10.92 -8.31
CA ASP B 90 -25.94 10.80 -6.94
C ASP B 90 -27.06 10.44 -5.97
N ASP B 91 -28.22 11.09 -6.09
CA ASP B 91 -29.33 10.82 -5.16
C ASP B 91 -29.82 9.38 -5.26
N LEU B 92 -29.80 8.80 -6.48
CA LEU B 92 -30.10 7.39 -6.60
C LEU B 92 -29.13 6.54 -5.79
N LEU B 93 -27.83 6.86 -5.91
CA LEU B 93 -26.84 6.14 -5.12
C LEU B 93 -27.14 6.27 -3.64
N ARG B 94 -27.46 7.48 -3.17
CA ARG B 94 -27.73 7.62 -1.75
C ARG B 94 -28.86 6.69 -1.31
N LEU B 95 -29.96 6.63 -2.09
CA LEU B 95 -31.06 5.77 -1.67
C LEU B 95 -30.71 4.29 -1.73
N LEU B 96 -30.06 3.87 -2.82
CA LEU B 96 -29.72 2.46 -2.97
C LEU B 96 -28.75 2.01 -1.88
N ILE B 97 -27.75 2.85 -1.58
CA ILE B 97 -26.81 2.53 -0.52
C ILE B 97 -27.51 2.48 0.82
N THR B 98 -28.39 3.42 1.10
CA THR B 98 -29.10 3.39 2.38
C THR B 98 -30.22 2.36 2.40
N LYS B 99 -30.34 1.51 1.39
CA LYS B 99 -31.25 0.38 1.45
C LYS B 99 -30.55 -0.96 1.33
N GLY B 100 -29.22 -0.98 1.54
CA GLY B 100 -28.45 -2.19 1.55
C GLY B 100 -28.19 -2.77 0.18
N ALA B 101 -27.41 -2.03 -0.60
CA ALA B 101 -27.04 -2.45 -1.94
C ALA B 101 -25.52 -2.56 -1.97
N LYS B 102 -25.03 -3.71 -2.41
CA LYS B 102 -23.60 -3.95 -2.38
C LYS B 102 -22.89 -2.89 -3.21
N VAL B 103 -22.03 -2.12 -2.56
CA VAL B 103 -21.17 -1.19 -3.26
C VAL B 103 -20.13 -1.92 -4.08
N ASN B 104 -19.52 -2.96 -3.50
CA ASN B 104 -18.46 -3.68 -4.18
C ASN B 104 -18.99 -4.97 -4.80
N GLY B 105 -19.78 -4.81 -5.82
CA GLY B 105 -20.02 -5.91 -6.73
C GLY B 105 -18.97 -5.90 -7.82
N ARG B 106 -18.99 -6.91 -8.67
CA ARG B 106 -18.05 -6.94 -9.79
C ARG B 106 -18.71 -7.56 -11.00
N GLN B 107 -18.38 -7.01 -12.18
CA GLN B 107 -18.86 -7.55 -13.43
C GLN B 107 -18.10 -8.82 -13.79
N LYS B 108 -18.47 -9.42 -14.92
CA LYS B 108 -17.74 -10.58 -15.41
C LYS B 108 -16.32 -10.20 -15.83
N ASN B 109 -16.11 -8.99 -16.34
CA ASN B 109 -14.77 -8.49 -16.63
C ASN B 109 -14.15 -7.79 -15.43
N GLY B 110 -14.79 -7.87 -14.26
CA GLY B 110 -14.17 -7.45 -13.03
C GLY B 110 -14.20 -5.96 -12.72
N THR B 111 -15.23 -5.26 -13.13
CA THR B 111 -15.32 -3.82 -12.91
C THR B 111 -16.25 -3.57 -11.72
N THR B 112 -15.81 -2.71 -10.80
CA THR B 112 -16.65 -2.29 -9.68
C THR B 112 -17.25 -0.91 -9.96
N ALA B 113 -18.29 -0.56 -9.19
CA ALA B 113 -18.98 0.70 -9.43
C ALA B 113 -18.02 1.88 -9.39
N LEU B 114 -17.06 1.83 -8.49
CA LEU B 114 -16.07 2.90 -8.37
C LEU B 114 -15.25 3.05 -9.65
N ILE B 115 -14.94 1.93 -10.30
CA ILE B 115 -14.21 2.02 -11.56
C ILE B 115 -15.05 2.76 -12.60
N HIS B 116 -16.35 2.44 -12.68
CA HIS B 116 -17.23 3.17 -13.59
C HIS B 116 -17.23 4.67 -13.28
N ALA B 117 -17.37 5.03 -12.00
CA ALA B 117 -17.35 6.44 -11.62
C ALA B 117 -16.04 7.11 -12.07
N ALA B 118 -14.90 6.46 -11.81
CA ALA B 118 -13.63 7.05 -12.19
C ALA B 118 -13.53 7.23 -13.71
N GLU B 119 -14.04 6.25 -14.46
CA GLU B 119 -13.98 6.31 -15.93
C GLU B 119 -14.54 7.61 -16.47
N LYS B 120 -15.62 8.11 -15.86
CA LYS B 120 -16.36 9.27 -16.37
C LYS B 120 -16.25 10.53 -15.51
N ASN B 121 -15.17 10.66 -14.77
CA ASN B 121 -14.84 11.89 -14.04
C ASN B 121 -15.95 12.33 -13.07
N PHE B 122 -16.79 11.42 -12.59
CA PHE B 122 -17.87 11.81 -11.70
C PHE B 122 -17.33 11.89 -10.27
N LEU B 123 -16.59 12.98 -10.01
CA LEU B 123 -15.93 13.14 -8.71
C LEU B 123 -16.87 12.85 -7.56
N THR B 124 -18.04 13.47 -7.56
CA THR B 124 -18.97 13.36 -6.44
C THR B 124 -19.39 11.92 -6.19
N THR B 125 -19.59 11.13 -7.27
CA THR B 125 -19.95 9.73 -7.08
C THR B 125 -18.79 8.95 -6.47
N VAL B 126 -17.57 9.22 -6.94
CA VAL B 126 -16.38 8.58 -6.38
C VAL B 126 -16.31 8.84 -4.87
N ALA B 127 -16.53 10.10 -4.48
CA ALA B 127 -16.46 10.44 -3.07
C ALA B 127 -17.51 9.70 -2.25
N ILE B 128 -18.74 9.60 -2.76
CA ILE B 128 -19.76 8.91 -1.96
C ILE B 128 -19.46 7.42 -1.87
N LEU B 129 -18.92 6.83 -2.94
CA LEU B 129 -18.56 5.41 -2.90
C LEU B 129 -17.43 5.18 -1.89
N LEU B 130 -16.41 6.04 -1.90
CA LEU B 130 -15.38 5.95 -0.89
C LEU B 130 -15.98 6.11 0.52
N GLU B 131 -17.03 6.93 0.64
CA GLU B 131 -17.69 7.05 1.94
C GLU B 131 -18.50 5.81 2.30
N ALA B 132 -18.83 4.97 1.32
CA ALA B 132 -19.61 3.77 1.57
C ALA B 132 -18.75 2.52 1.68
N GLY B 133 -17.44 2.67 1.85
CA GLY B 133 -16.57 1.53 1.99
C GLY B 133 -16.25 0.83 0.69
N ALA B 134 -16.03 1.58 -0.38
CA ALA B 134 -15.77 0.98 -1.66
C ALA B 134 -14.30 0.59 -1.74
N PHE B 135 -14.06 -0.61 -2.29
CA PHE B 135 -12.70 -1.09 -2.50
C PHE B 135 -12.06 -0.31 -3.64
N VAL B 136 -10.83 0.15 -3.42
CA VAL B 136 -10.14 1.04 -4.35
C VAL B 136 -9.20 0.30 -5.29
N ASN B 137 -8.55 -0.76 -4.81
CA ASN B 137 -7.46 -1.39 -5.54
C ASN B 137 -7.89 -2.60 -6.39
N VAL B 138 -9.20 -2.80 -6.61
CA VAL B 138 -9.64 -3.84 -7.52
C VAL B 138 -9.15 -3.53 -8.94
N GLN B 139 -8.99 -4.60 -9.72
CA GLN B 139 -8.48 -4.47 -11.08
C GLN B 139 -9.46 -5.07 -12.09
N GLN B 140 -9.43 -4.54 -13.30
CA GLN B 140 -10.15 -5.10 -14.42
C GLN B 140 -9.37 -6.29 -14.99
N SER B 141 -10.01 -7.01 -15.92
CA SER B 141 -9.32 -8.12 -16.54
C SER B 141 -8.02 -7.69 -17.22
N ASN B 142 -7.92 -6.43 -17.62
CA ASN B 142 -6.71 -5.94 -18.27
C ASN B 142 -5.68 -5.44 -17.27
N GLY B 143 -6.01 -5.45 -15.98
CA GLY B 143 -5.09 -5.06 -14.94
C GLY B 143 -5.12 -3.60 -14.54
N GLU B 144 -6.13 -2.84 -14.95
CA GLU B 144 -6.19 -1.42 -14.66
C GLU B 144 -7.10 -1.17 -13.46
N THR B 145 -6.75 -0.15 -12.69
CA THR B 145 -7.51 0.23 -11.51
C THR B 145 -8.19 1.58 -11.72
N ALA B 146 -9.02 1.95 -10.74
CA ALA B 146 -9.64 3.26 -10.79
C ALA B 146 -8.58 4.36 -10.87
N LEU B 147 -7.58 4.29 -10.00
CA LEU B 147 -6.54 5.31 -9.98
C LEU B 147 -5.91 5.49 -11.35
N MET B 148 -5.75 4.38 -12.08
CA MET B 148 -5.16 4.47 -13.41
C MET B 148 -6.08 5.24 -14.35
N LYS B 149 -7.39 4.99 -14.26
CA LYS B 149 -8.34 5.71 -15.10
C LYS B 149 -8.29 7.21 -14.84
N ALA B 150 -8.26 7.58 -13.55
CA ALA B 150 -8.18 9.00 -13.21
C ALA B 150 -6.86 9.62 -13.69
N CYS B 151 -5.75 8.92 -13.53
CA CYS B 151 -4.48 9.47 -13.99
C CYS B 151 -4.46 9.62 -15.50
N LYS B 152 -4.99 8.63 -16.21
CA LYS B 152 -5.01 8.65 -17.67
C LYS B 152 -5.81 9.82 -18.20
N ARG B 153 -6.98 10.08 -17.58
CA ARG B 153 -7.83 11.17 -18.03
C ARG B 153 -7.51 12.52 -17.39
N GLY B 154 -6.52 12.58 -16.51
CA GLY B 154 -6.01 13.85 -16.02
C GLY B 154 -6.77 14.51 -14.89
N ASN B 155 -7.53 13.78 -14.10
CA ASN B 155 -8.34 14.39 -13.05
C ASN B 155 -7.60 14.32 -11.70
N SER B 156 -6.93 15.42 -11.36
CA SER B 156 -6.13 15.43 -10.14
C SER B 156 -6.96 15.21 -8.89
N ASP B 157 -8.19 15.72 -8.87
CA ASP B 157 -8.99 15.63 -7.65
C ASP B 157 -9.33 14.18 -7.29
N ILE B 158 -9.73 13.38 -8.27
CA ILE B 158 -10.02 11.97 -7.98
C ILE B 158 -8.76 11.27 -7.47
N VAL B 159 -7.61 11.57 -8.10
CA VAL B 159 -6.34 10.96 -7.70
C VAL B 159 -6.08 11.24 -6.23
N ARG B 160 -6.19 12.51 -5.84
CA ARG B 160 -5.98 12.87 -4.44
C ARG B 160 -6.93 12.12 -3.53
N LEU B 161 -8.21 12.05 -3.93
CA LEU B 161 -9.21 11.44 -3.07
C LEU B 161 -8.94 9.96 -2.84
N VAL B 162 -8.50 9.24 -3.89
CA VAL B 162 -8.30 7.80 -3.73
C VAL B 162 -6.99 7.50 -3.01
N ILE B 163 -5.89 8.17 -3.38
CA ILE B 163 -4.65 7.80 -2.72
C ILE B 163 -4.72 8.20 -1.24
N GLU B 164 -5.46 9.25 -0.91
CA GLU B 164 -5.59 9.59 0.51
C GLU B 164 -6.37 8.52 1.26
N CYS B 165 -7.32 7.86 0.60
CA CYS B 165 -8.11 6.81 1.25
C CYS B 165 -7.43 5.45 1.11
N GLY B 166 -6.17 5.42 0.67
CA GLY B 166 -5.33 4.24 0.77
C GLY B 166 -5.16 3.42 -0.49
N ALA B 167 -4.99 4.08 -1.62
CA ALA B 167 -4.80 3.38 -2.88
C ALA B 167 -3.33 3.00 -3.05
N ASP B 168 -3.08 2.04 -3.94
CA ASP B 168 -1.73 1.55 -4.21
C ASP B 168 -1.32 2.05 -5.59
N CYS B 169 -0.21 2.77 -5.62
CA CYS B 169 0.20 3.46 -6.85
C CYS B 169 1.03 2.58 -7.79
N ASN B 170 1.78 1.61 -7.23
CA ASN B 170 2.76 0.83 -7.99
C ASN B 170 2.14 -0.34 -8.74
N ILE B 171 0.83 -0.58 -8.62
CA ILE B 171 0.21 -1.71 -9.28
C ILE B 171 0.42 -1.63 -10.80
N LEU B 172 0.59 -2.79 -11.43
CA LEU B 172 0.83 -2.88 -12.85
C LEU B 172 -0.32 -3.60 -13.55
N SER B 173 -0.54 -3.24 -14.80
CA SER B 173 -1.55 -3.88 -15.62
C SER B 173 -0.93 -5.03 -16.42
N LYS B 174 -1.76 -5.70 -17.21
CA LYS B 174 -1.27 -6.80 -18.03
C LYS B 174 -0.21 -6.33 -19.01
N HIS B 175 -0.12 -5.03 -19.28
CA HIS B 175 0.88 -4.48 -20.19
C HIS B 175 2.03 -3.82 -19.45
N GLN B 176 2.17 -4.06 -18.16
CA GLN B 176 3.32 -3.58 -17.38
C GLN B 176 3.44 -2.06 -17.45
N ASN B 177 2.31 -1.39 -17.51
CA ASN B 177 2.24 0.07 -17.39
C ASN B 177 1.62 0.39 -16.03
N SER B 178 2.24 1.31 -15.33
CA SER B 178 1.81 1.72 -14.00
C SER B 178 0.95 2.96 -14.05
N ALA B 179 0.35 3.28 -12.90
CA ALA B 179 -0.40 4.52 -12.79
C ALA B 179 0.48 5.72 -13.11
N LEU B 180 1.74 5.68 -12.67
CA LEU B 180 2.65 6.80 -12.92
C LEU B 180 2.98 6.93 -14.40
N HIS B 181 3.12 5.82 -15.11
CA HIS B 181 3.39 5.88 -16.55
C HIS B 181 2.24 6.56 -17.26
N PHE B 182 1.00 6.21 -16.91
CA PHE B 182 -0.15 6.89 -17.48
C PHE B 182 -0.16 8.36 -17.11
N ALA B 183 0.17 8.68 -15.85
CA ALA B 183 0.16 10.08 -15.44
C ALA B 183 1.18 10.90 -16.21
N LYS B 184 2.36 10.35 -16.45
CA LYS B 184 3.37 11.13 -17.18
C LYS B 184 3.02 11.20 -18.66
N GLN B 185 2.38 10.17 -19.22
CA GLN B 185 2.03 10.25 -20.63
C GLN B 185 0.89 11.25 -20.88
N SER B 186 -0.07 11.34 -19.94
CA SER B 186 -1.15 12.30 -20.11
C SER B 186 -0.66 13.75 -20.04
N ASN B 187 0.57 13.98 -19.61
CA ASN B 187 1.17 15.30 -19.55
C ASN B 187 0.32 16.25 -18.71
N ASN B 188 -0.11 15.76 -17.55
CA ASN B 188 -0.78 16.57 -16.54
C ASN B 188 0.13 16.63 -15.31
N VAL B 189 0.82 17.75 -15.12
CA VAL B 189 1.91 17.81 -14.16
C VAL B 189 1.38 17.58 -12.75
N LEU B 190 0.18 18.08 -12.45
CA LEU B 190 -0.33 17.99 -11.08
C LEU B 190 -0.48 16.54 -10.63
N VAL B 191 -0.97 15.68 -11.52
CA VAL B 191 -1.21 14.28 -11.17
C VAL B 191 0.11 13.58 -10.84
N TYR B 192 1.12 13.76 -11.69
CA TYR B 192 2.39 13.04 -11.54
C TYR B 192 3.16 13.60 -10.35
N ASP B 193 3.03 14.89 -10.07
CA ASP B 193 3.57 15.41 -8.81
C ASP B 193 2.87 14.76 -7.61
N LEU B 194 1.55 14.62 -7.66
CA LEU B 194 0.84 14.00 -6.53
C LEU B 194 1.36 12.60 -6.27
N LEU B 195 1.41 11.78 -7.32
CA LEU B 195 1.88 10.41 -7.15
C LEU B 195 3.33 10.37 -6.65
N LYS B 196 4.19 11.20 -7.25
CA LYS B 196 5.61 11.15 -6.88
C LYS B 196 5.81 11.52 -5.42
N ASN B 197 5.13 12.57 -4.96
CA ASN B 197 5.28 12.95 -3.56
C ASN B 197 4.73 11.86 -2.64
N HIS B 198 3.61 11.23 -3.02
CA HIS B 198 3.07 10.17 -2.18
C HIS B 198 4.06 9.02 -2.03
N LEU B 199 4.64 8.57 -3.14
CA LEU B 199 5.54 7.42 -3.05
C LEU B 199 6.84 7.79 -2.33
N GLU B 200 7.34 9.01 -2.53
CA GLU B 200 8.50 9.45 -1.78
C GLU B 200 8.20 9.43 -0.28
N THR B 201 7.00 9.89 0.10
CA THR B 201 6.64 9.86 1.51
C THR B 201 6.58 8.43 2.06
N LEU B 202 6.02 7.50 1.28
CA LEU B 202 5.96 6.11 1.74
C LEU B 202 7.36 5.53 1.97
N SER B 203 8.24 5.66 0.98
CA SER B 203 9.57 5.11 1.14
C SER B 203 10.30 5.77 2.30
N ARG B 204 10.10 7.08 2.47
CA ARG B 204 10.73 7.79 3.57
C ARG B 204 10.27 7.24 4.92
N VAL B 205 8.98 7.00 5.07
CA VAL B 205 8.50 6.51 6.36
C VAL B 205 8.99 5.09 6.60
N ALA B 206 9.14 4.29 5.53
CA ALA B 206 9.71 2.96 5.70
C ALA B 206 11.14 3.03 6.24
N GLU B 207 11.97 3.87 5.61
CA GLU B 207 13.35 4.02 6.07
C GLU B 207 13.38 4.48 7.51
N GLU B 208 12.57 5.47 7.87
CA GLU B 208 12.61 5.99 9.22
C GLU B 208 12.25 4.92 10.23
N THR B 209 11.18 4.16 9.95
CA THR B 209 10.72 3.19 10.94
C THR B 209 11.72 2.06 11.12
N ILE B 210 12.31 1.57 10.03
CA ILE B 210 13.28 0.49 10.21
C ILE B 210 14.52 0.98 10.95
N LYS B 211 15.03 2.18 10.60
CA LYS B 211 16.18 2.71 11.32
C LYS B 211 15.87 2.85 12.80
N ASP B 212 14.69 3.38 13.14
CA ASP B 212 14.36 3.58 14.54
C ASP B 212 14.21 2.27 15.28
N TYR B 213 13.44 1.32 14.75
CA TYR B 213 13.22 0.09 15.50
C TYR B 213 14.52 -0.69 15.69
N PHE B 214 15.28 -0.90 14.62
CA PHE B 214 16.51 -1.67 14.81
C PHE B 214 17.64 -0.82 15.41
N GLU B 215 17.31 0.36 15.93
CA GLU B 215 18.27 1.19 16.67
C GLU B 215 19.51 1.47 15.84
N ALA B 216 19.34 1.50 14.52
CA ALA B 216 20.35 1.88 13.55
C ALA B 216 21.49 0.87 13.47
N ARG B 217 21.43 -0.24 14.21
CA ARG B 217 22.39 -1.32 14.05
C ARG B 217 22.27 -2.04 12.71
N LEU B 218 21.17 -1.82 11.99
CA LEU B 218 20.90 -2.43 10.70
C LEU B 218 20.65 -1.31 9.72
N ALA B 219 20.96 -1.55 8.44
CA ALA B 219 20.75 -0.46 7.48
C ALA B 219 20.21 -0.95 6.15
N LEU B 220 19.11 -0.33 5.71
CA LEU B 220 18.53 -0.69 4.41
C LEU B 220 19.50 -0.32 3.30
N LEU B 221 19.48 -1.11 2.23
CA LEU B 221 20.40 -0.93 1.12
C LEU B 221 19.69 -0.57 -0.19
N GLU B 222 18.76 -1.39 -0.64
CA GLU B 222 18.15 -1.24 -1.95
C GLU B 222 16.81 -1.98 -1.95
N PRO B 223 15.71 -1.34 -2.35
CA PRO B 223 14.46 -2.08 -2.46
C PRO B 223 14.57 -3.18 -3.51
N VAL B 224 13.90 -4.29 -3.23
CA VAL B 224 13.89 -5.38 -4.19
C VAL B 224 12.81 -5.19 -5.24
N PHE B 225 11.70 -4.51 -4.87
CA PHE B 225 10.48 -4.47 -5.69
C PHE B 225 9.57 -3.39 -5.12
N PRO B 226 8.81 -2.69 -5.99
CA PRO B 226 8.11 -1.46 -5.58
C PRO B 226 7.16 -1.69 -4.41
N ILE B 227 7.37 -0.93 -3.33
CA ILE B 227 6.59 -1.13 -2.13
C ILE B 227 5.12 -1.05 -2.47
N ALA B 228 4.35 -2.02 -1.96
CA ALA B 228 2.93 -2.11 -2.26
C ALA B 228 2.11 -1.74 -1.04
N CYS B 229 0.83 -1.44 -1.27
CA CYS B 229 -0.08 -1.01 -0.22
C CYS B 229 -1.35 -1.85 -0.32
N HIS B 230 -1.81 -2.34 0.83
CA HIS B 230 -2.97 -3.22 0.90
C HIS B 230 -3.95 -2.76 1.96
N ARG B 231 -5.22 -2.60 1.58
CA ARG B 231 -6.28 -2.24 2.52
C ARG B 231 -6.84 -3.51 3.16
N LEU B 232 -6.69 -3.62 4.49
CA LEU B 232 -7.10 -4.84 5.18
C LEU B 232 -8.60 -5.10 5.00
N CYS B 233 -9.41 -4.05 5.06
CA CYS B 233 -10.85 -4.21 4.86
C CYS B 233 -11.18 -4.81 3.49
N GLU B 234 -10.28 -4.68 2.50
CA GLU B 234 -10.62 -5.18 1.17
C GLU B 234 -10.62 -6.70 1.10
N GLY B 235 -9.79 -7.36 1.91
CA GLY B 235 -9.81 -8.80 1.94
C GLY B 235 -8.71 -9.41 2.78
N PRO B 236 -8.81 -10.70 3.07
CA PRO B 236 -7.77 -11.38 3.85
C PRO B 236 -6.63 -11.98 3.06
N ASP B 237 -6.72 -12.03 1.73
CA ASP B 237 -5.65 -12.57 0.91
C ASP B 237 -4.85 -11.41 0.31
N PHE B 238 -3.58 -11.67 0.02
CA PHE B 238 -2.78 -10.70 -0.72
C PHE B 238 -1.84 -11.40 -1.68
N SER B 239 -1.74 -10.90 -2.91
CA SER B 239 -0.97 -11.54 -3.95
C SER B 239 -0.24 -10.49 -4.78
N THR B 240 0.92 -10.87 -5.30
CA THR B 240 1.60 -10.00 -6.26
C THR B 240 2.63 -10.82 -7.05
N ASP B 241 3.01 -10.25 -8.19
CA ASP B 241 4.03 -10.82 -9.08
C ASP B 241 5.08 -9.75 -9.28
N PHE B 242 6.35 -10.10 -9.11
CA PHE B 242 7.42 -9.13 -9.29
C PHE B 242 8.59 -9.78 -10.02
N ASN B 243 9.59 -8.97 -10.32
CA ASN B 243 10.81 -9.43 -10.98
C ASN B 243 12.01 -9.01 -10.15
N TYR B 244 12.95 -9.94 -9.98
CA TYR B 244 14.13 -9.71 -9.15
C TYR B 244 15.36 -9.79 -10.05
N LYS B 245 16.14 -8.72 -10.06
CA LYS B 245 17.40 -8.67 -10.81
C LYS B 245 18.54 -8.34 -9.87
N PRO B 246 19.33 -9.33 -9.44
CA PRO B 246 20.36 -9.04 -8.42
C PRO B 246 21.48 -8.21 -9.01
N PRO B 247 22.09 -7.34 -8.21
CA PRO B 247 23.30 -6.63 -8.66
C PRO B 247 24.53 -7.52 -8.58
N GLN B 248 25.53 -7.18 -9.40
CA GLN B 248 26.74 -8.00 -9.47
C GLN B 248 27.43 -8.08 -8.12
N ASN B 249 27.66 -6.95 -7.47
CA ASN B 249 28.38 -6.88 -6.20
C ASN B 249 27.40 -7.06 -5.06
N ILE B 250 27.41 -8.23 -4.42
CA ILE B 250 26.60 -8.50 -3.25
C ILE B 250 27.49 -8.40 -2.01
N PRO B 251 27.27 -7.43 -1.12
CA PRO B 251 28.10 -7.36 0.10
C PRO B 251 27.88 -8.54 1.03
N GLU B 252 28.91 -9.37 1.22
CA GLU B 252 28.76 -10.52 2.10
C GLU B 252 28.40 -10.04 3.49
N GLY B 253 27.44 -10.70 4.11
CA GLY B 253 26.84 -10.22 5.33
C GLY B 253 25.60 -9.38 5.14
N SER B 254 25.07 -9.34 3.92
CA SER B 254 23.86 -8.61 3.60
C SER B 254 22.79 -9.60 3.17
N GLY B 255 21.53 -9.24 3.41
CA GLY B 255 20.44 -10.14 3.12
C GLY B 255 19.16 -9.43 2.76
N ILE B 256 18.20 -10.20 2.25
CA ILE B 256 16.91 -9.69 1.82
C ILE B 256 15.88 -10.03 2.90
N LEU B 257 15.07 -9.04 3.24
CA LEU B 257 14.02 -9.21 4.23
C LEU B 257 12.73 -8.60 3.70
N LEU B 258 11.61 -9.25 4.01
CA LEU B 258 10.28 -8.73 3.72
C LEU B 258 9.76 -8.06 4.99
N PHE B 259 9.28 -6.82 4.83
CA PHE B 259 8.69 -6.05 5.90
C PHE B 259 7.22 -5.85 5.58
N ILE B 260 6.38 -6.02 6.61
CA ILE B 260 4.96 -5.75 6.53
C ILE B 260 4.69 -4.68 7.57
N PHE B 261 4.80 -3.41 7.18
CA PHE B 261 4.52 -2.34 8.12
C PHE B 261 3.02 -2.22 8.30
N HIS B 262 2.59 -2.05 9.55
CA HIS B 262 1.19 -1.76 9.87
C HIS B 262 1.04 -0.24 10.02
N ALA B 263 0.26 0.38 9.11
CA ALA B 263 0.28 1.82 8.95
C ALA B 263 -1.12 2.41 8.98
N ASN B 264 -1.15 3.71 9.30
CA ASN B 264 -2.35 4.54 9.25
C ASN B 264 -2.11 5.80 8.44
N PHE B 265 -3.04 6.11 7.52
CA PHE B 265 -3.01 7.31 6.71
C PHE B 265 -3.96 8.37 7.28
N LEU B 266 -3.46 9.58 7.50
CA LEU B 266 -4.28 10.72 7.88
C LEU B 266 -4.21 11.80 6.80
N GLY B 267 -4.52 11.45 5.56
CA GLY B 267 -4.37 12.40 4.46
C GLY B 267 -2.95 12.36 3.90
N LYS B 268 -2.20 13.44 4.12
CA LYS B 268 -0.82 13.48 3.66
C LYS B 268 0.18 12.99 4.72
N GLU B 269 -0.30 12.57 5.89
CA GLU B 269 0.55 12.04 6.95
C GLU B 269 0.37 10.53 7.02
N VAL B 270 1.48 9.80 7.01
CA VAL B 270 1.48 8.34 7.10
C VAL B 270 2.36 7.91 8.27
N ILE B 271 1.83 7.07 9.16
CA ILE B 271 2.60 6.55 10.30
C ILE B 271 2.53 5.03 10.33
N ALA B 272 3.65 4.38 10.65
CA ALA B 272 3.77 2.93 10.57
C ALA B 272 4.47 2.34 11.79
N ARG B 273 4.21 1.05 12.02
CA ARG B 273 4.75 0.31 13.15
C ARG B 273 5.14 -1.10 12.71
N LEU B 274 6.12 -1.67 13.42
CA LEU B 274 6.53 -3.06 13.25
C LEU B 274 6.42 -3.88 14.53
N CYS B 275 5.62 -3.45 15.51
CA CYS B 275 5.32 -4.30 16.66
C CYS B 275 3.83 -4.21 16.93
N GLY B 276 3.37 -4.85 18.01
CA GLY B 276 1.96 -4.84 18.36
C GLY B 276 1.12 -5.88 17.64
N PRO B 277 -0.20 -5.74 17.67
CA PRO B 277 -1.07 -6.73 17.02
C PRO B 277 -0.70 -6.92 15.55
N CYS B 278 -0.63 -8.19 15.14
CA CYS B 278 -0.26 -8.55 13.78
C CYS B 278 -1.41 -9.23 13.05
N SER B 279 -1.55 -8.90 11.77
CA SER B 279 -2.57 -9.49 10.91
C SER B 279 -1.99 -10.52 9.93
N VAL B 280 -0.71 -10.84 10.08
CA VAL B 280 -0.01 -11.75 9.17
C VAL B 280 -0.03 -13.15 9.77
N GLN B 281 -0.52 -14.11 8.99
CA GLN B 281 -0.55 -15.52 9.38
C GLN B 281 0.49 -16.35 8.67
N ALA B 282 0.66 -16.17 7.36
CA ALA B 282 1.57 -17.00 6.59
C ALA B 282 2.03 -16.25 5.35
N VAL B 283 3.25 -16.55 4.92
CA VAL B 283 3.85 -15.96 3.73
C VAL B 283 4.34 -17.07 2.82
N VAL B 284 4.00 -17.00 1.54
CA VAL B 284 4.32 -18.03 0.55
C VAL B 284 5.02 -17.35 -0.62
N LEU B 285 6.29 -17.69 -0.83
CA LEU B 285 7.05 -17.22 -1.98
C LEU B 285 7.28 -18.42 -2.88
N ASN B 286 6.55 -18.47 -3.99
CA ASN B 286 6.70 -19.54 -4.97
C ASN B 286 6.38 -20.90 -4.36
N ASP B 287 5.26 -20.97 -3.65
CA ASP B 287 4.74 -22.20 -3.05
C ASP B 287 5.62 -22.70 -1.92
N LYS B 288 6.65 -21.94 -1.52
CA LYS B 288 7.52 -22.27 -0.40
C LYS B 288 7.22 -21.33 0.76
N PHE B 289 6.79 -21.89 1.89
CA PHE B 289 6.52 -21.05 3.04
C PHE B 289 7.79 -20.30 3.43
N GLN B 290 7.65 -19.03 3.81
CA GLN B 290 8.72 -18.24 4.37
C GLN B 290 8.50 -18.13 5.88
N LEU B 291 9.61 -18.08 6.63
CA LEU B 291 9.50 -18.13 8.08
C LEU B 291 9.90 -16.82 8.73
N PRO B 292 9.19 -16.39 9.77
CA PRO B 292 9.54 -15.13 10.43
C PRO B 292 10.94 -15.20 11.02
N VAL B 293 11.63 -14.06 11.02
CA VAL B 293 12.94 -14.00 11.63
C VAL B 293 12.86 -14.17 13.14
N PHE B 294 11.75 -13.75 13.75
CA PHE B 294 11.52 -13.95 15.17
C PHE B 294 10.34 -14.89 15.39
N LEU B 295 10.33 -15.58 16.52
CA LEU B 295 9.15 -16.34 16.92
C LEU B 295 8.14 -15.50 17.68
N ASP B 296 8.56 -14.34 18.20
CA ASP B 296 7.69 -13.44 18.93
C ASP B 296 6.92 -12.48 18.03
N SER B 297 7.30 -12.34 16.76
CA SER B 297 6.67 -11.38 15.88
C SER B 297 6.61 -11.94 14.48
N HIS B 298 5.63 -11.47 13.70
CA HIS B 298 5.42 -11.90 12.33
C HIS B 298 5.45 -10.75 11.32
N PHE B 299 6.08 -9.62 11.66
CA PHE B 299 6.08 -8.49 10.74
C PHE B 299 7.27 -8.50 9.79
N VAL B 300 8.38 -9.09 10.21
CA VAL B 300 9.58 -9.18 9.38
C VAL B 300 9.77 -10.66 9.07
N TYR B 301 9.70 -11.00 7.78
CA TYR B 301 9.98 -12.37 7.37
C TYR B 301 11.27 -12.43 6.57
N SER B 302 11.91 -13.60 6.64
CA SER B 302 12.97 -13.97 5.73
C SER B 302 12.42 -14.09 4.31
N PHE B 303 13.17 -13.54 3.37
CA PHE B 303 12.69 -13.39 1.99
C PHE B 303 13.87 -13.76 1.11
N SER B 304 13.81 -14.96 0.52
CA SER B 304 14.87 -15.47 -0.34
C SER B 304 14.32 -15.70 -1.74
N PRO B 305 14.13 -14.64 -2.52
CA PRO B 305 13.60 -14.79 -3.88
C PRO B 305 14.65 -15.26 -4.85
N VAL B 306 14.19 -15.83 -5.94
CA VAL B 306 15.05 -16.26 -7.03
C VAL B 306 14.98 -15.21 -8.12
N ALA B 307 16.05 -15.10 -8.90
CA ALA B 307 16.11 -14.10 -9.96
C ALA B 307 15.06 -14.42 -11.04
N GLY B 308 14.50 -13.36 -11.62
CA GLY B 308 13.46 -13.51 -12.60
C GLY B 308 12.10 -13.23 -12.00
N PRO B 309 11.06 -13.87 -12.54
CA PRO B 309 9.71 -13.68 -12.00
C PRO B 309 9.47 -14.44 -10.71
N ASN B 310 8.84 -13.76 -9.75
CA ASN B 310 8.51 -14.31 -8.45
C ASN B 310 7.06 -14.01 -8.11
N LYS B 311 6.44 -14.91 -7.37
CA LYS B 311 5.05 -14.79 -6.95
C LYS B 311 4.98 -14.81 -5.44
N LEU B 312 4.36 -13.80 -4.85
CA LEU B 312 4.24 -13.63 -3.41
C LEU B 312 2.77 -13.72 -3.04
N PHE B 313 2.46 -14.47 -1.98
CA PHE B 313 1.08 -14.54 -1.49
C PHE B 313 1.08 -14.65 0.03
N ILE B 314 0.31 -13.77 0.68
CA ILE B 314 0.25 -13.67 2.13
C ILE B 314 -1.19 -13.92 2.60
N ARG B 315 -1.32 -14.65 3.70
CA ARG B 315 -2.61 -14.89 4.36
C ARG B 315 -2.74 -13.98 5.56
N LEU B 316 -3.92 -13.37 5.72
CA LEU B 316 -4.13 -12.33 6.72
C LEU B 316 -5.34 -12.65 7.61
N THR B 317 -5.49 -11.84 8.66
CA THR B 317 -6.68 -11.84 9.49
C THR B 317 -7.83 -11.12 8.80
N GLU B 318 -9.06 -11.49 9.17
CA GLU B 318 -10.26 -10.88 8.61
C GLU B 318 -10.84 -9.86 9.58
N ALA B 319 -10.70 -8.58 9.25
CA ALA B 319 -11.32 -7.49 10.01
C ALA B 319 -11.93 -6.52 9.01
N PRO B 320 -13.18 -6.77 8.57
CA PRO B 320 -13.77 -5.89 7.54
C PRO B 320 -13.90 -4.44 7.96
N SER B 321 -13.86 -4.16 9.27
CA SER B 321 -13.97 -2.80 9.77
C SER B 321 -12.61 -2.21 10.16
N ALA B 322 -11.53 -2.96 9.97
CA ALA B 322 -10.20 -2.45 10.27
C ALA B 322 -9.79 -1.35 9.31
N LYS B 323 -9.37 -0.21 9.85
CA LYS B 323 -8.93 0.94 9.06
C LYS B 323 -7.41 0.96 8.93
N VAL B 324 -6.82 -0.22 8.74
CA VAL B 324 -5.37 -0.40 8.77
C VAL B 324 -4.87 -0.65 7.35
N LYS B 325 -3.78 -0.01 7.00
CA LYS B 325 -3.12 -0.24 5.72
C LYS B 325 -1.85 -1.05 5.98
N LEU B 326 -1.49 -1.89 5.01
CA LEU B 326 -0.30 -2.73 5.10
C LEU B 326 0.66 -2.30 4.01
N LEU B 327 1.86 -1.91 4.40
CA LEU B 327 2.91 -1.49 3.46
C LEU B 327 3.87 -2.66 3.32
N ILE B 328 3.91 -3.25 2.14
CA ILE B 328 4.59 -4.52 1.90
C ILE B 328 5.81 -4.26 1.03
N GLY B 329 7.01 -4.46 1.59
CA GLY B 329 8.21 -4.19 0.85
C GLY B 329 9.36 -5.08 1.26
N ALA B 330 10.10 -5.60 0.28
CA ALA B 330 11.23 -6.49 0.52
C ALA B 330 12.48 -5.76 0.06
N TYR B 331 13.40 -5.53 0.99
CA TYR B 331 14.62 -4.81 0.70
C TYR B 331 15.85 -5.63 1.06
N ARG B 332 16.97 -5.29 0.43
CA ARG B 332 18.27 -5.69 0.93
C ARG B 332 18.64 -4.85 2.15
N VAL B 333 19.51 -5.41 2.98
CA VAL B 333 19.81 -4.81 4.27
C VAL B 333 21.16 -5.31 4.73
N GLN B 334 21.84 -4.48 5.54
CA GLN B 334 23.17 -4.75 6.03
C GLN B 334 23.10 -4.97 7.53
N LEU B 335 23.91 -5.95 7.98
CA LEU B 335 23.93 -6.47 9.34
C LEU B 335 25.15 -5.93 10.06
N GLN B 336 24.97 -4.85 10.82
CA GLN B 336 26.05 -4.20 11.54
C GLN B 336 26.02 -4.58 13.02
N SER C 43 -16.82 54.68 35.23
CA SER C 43 -16.12 54.94 36.49
C SER C 43 -14.64 54.61 36.37
N ASN C 44 -14.13 54.67 35.14
CA ASN C 44 -12.72 54.42 34.84
C ASN C 44 -12.42 52.93 34.91
N VAL C 45 -13.29 52.15 35.55
CA VAL C 45 -13.05 50.71 35.64
C VAL C 45 -13.10 50.07 34.25
N LEU C 46 -14.13 50.42 33.46
CA LEU C 46 -14.25 49.87 32.13
C LEU C 46 -13.17 50.38 31.18
N ARG C 47 -12.67 51.60 31.38
CA ARG C 47 -11.62 52.10 30.50
C ARG C 47 -10.39 51.20 30.57
N ASP C 48 -9.89 50.96 31.78
CA ASP C 48 -8.75 50.08 31.94
C ASP C 48 -9.11 48.64 31.57
N ALA C 49 -10.35 48.24 31.82
CA ALA C 49 -10.77 46.89 31.43
C ALA C 49 -10.71 46.70 29.92
N VAL C 50 -11.21 47.67 29.16
CA VAL C 50 -11.19 47.60 27.70
C VAL C 50 -9.77 47.68 27.17
N LYS C 51 -8.91 48.48 27.82
CA LYS C 51 -7.52 48.51 27.36
C LYS C 51 -6.92 47.12 27.41
N ASN C 52 -7.42 46.25 28.30
CA ASN C 52 -7.01 44.86 28.45
C ASN C 52 -8.11 43.93 27.94
N GLY C 53 -7.89 42.63 28.12
CA GLY C 53 -8.85 41.61 27.70
C GLY C 53 -9.81 41.11 28.75
N ASP C 54 -10.59 41.98 29.38
CA ASP C 54 -11.51 41.58 30.46
C ASP C 54 -12.95 41.43 29.98
N TYR C 55 -13.30 40.24 29.48
CA TYR C 55 -14.64 40.01 28.94
C TYR C 55 -15.71 39.91 30.03
N ILE C 56 -15.40 39.24 31.14
CA ILE C 56 -16.42 39.04 32.19
C ILE C 56 -16.77 40.37 32.85
N THR C 57 -15.75 41.19 33.11
CA THR C 57 -15.99 42.50 33.71
C THR C 57 -16.97 43.32 32.88
N VAL C 58 -16.75 43.38 31.57
CA VAL C 58 -17.62 44.18 30.73
C VAL C 58 -19.01 43.58 30.66
N LYS C 59 -19.13 42.25 30.63
CA LYS C 59 -20.47 41.67 30.63
C LYS C 59 -21.25 42.10 31.87
N VAL C 60 -20.60 42.06 33.04
CA VAL C 60 -21.28 42.50 34.26
C VAL C 60 -21.66 43.97 34.16
N ALA C 61 -20.71 44.81 33.71
CA ALA C 61 -21.01 46.23 33.59
C ALA C 61 -22.17 46.48 32.63
N LEU C 62 -22.36 45.59 31.65
CA LEU C 62 -23.42 45.79 30.66
C LEU C 62 -24.78 45.26 31.11
N ASN C 63 -24.81 44.33 32.07
CA ASN C 63 -26.08 43.93 32.68
C ASN C 63 -26.36 44.60 34.02
N SER C 64 -25.46 45.46 34.50
CA SER C 64 -25.68 46.12 35.79
C SER C 64 -26.59 47.34 35.64
N ASN C 65 -27.16 47.77 36.75
CA ASN C 65 -28.06 48.92 36.77
C ASN C 65 -27.33 50.25 36.87
N GLU C 66 -26.26 50.43 36.10
CA GLU C 66 -25.48 51.65 36.11
C GLU C 66 -25.53 52.31 34.74
N GLU C 67 -25.63 53.64 34.74
CA GLU C 67 -25.65 54.40 33.49
C GLU C 67 -24.21 54.76 33.16
N TYR C 68 -23.69 54.17 32.08
CA TYR C 68 -22.33 54.43 31.65
C TYR C 68 -22.36 55.13 30.30
N ASN C 69 -21.48 56.12 30.14
CA ASN C 69 -21.33 56.82 28.87
C ASN C 69 -20.27 56.08 28.06
N LEU C 70 -20.69 55.30 27.08
CA LEU C 70 -19.76 54.53 26.27
C LEU C 70 -19.14 55.37 25.15
N ASP C 71 -19.35 56.68 25.16
CA ASP C 71 -18.78 57.58 24.16
C ASP C 71 -17.83 58.59 24.79
N GLN C 72 -17.43 58.36 26.05
CA GLN C 72 -16.48 59.23 26.72
C GLN C 72 -15.14 59.21 26.00
N GLU C 73 -14.48 60.36 25.94
CA GLU C 73 -13.21 60.50 25.25
C GLU C 73 -12.18 61.04 26.22
N ASP C 74 -11.03 60.39 26.28
CA ASP C 74 -9.91 60.89 27.07
C ASP C 74 -9.32 62.12 26.39
N SER C 75 -8.24 62.65 26.97
CA SER C 75 -7.58 63.79 26.37
C SER C 75 -7.22 63.52 24.91
N SER C 76 -6.81 62.29 24.60
CA SER C 76 -6.50 61.92 23.23
C SER C 76 -7.73 62.03 22.33
N GLY C 77 -8.89 61.58 22.82
CA GLY C 77 -10.11 61.55 22.04
C GLY C 77 -10.62 60.17 21.70
N MET C 78 -9.96 59.11 22.19
CA MET C 78 -10.39 57.75 21.88
C MET C 78 -11.58 57.34 22.73
N THR C 79 -12.60 56.78 22.07
CA THR C 79 -13.76 56.21 22.75
C THR C 79 -13.52 54.72 22.99
N LEU C 80 -14.42 54.11 23.76
CA LEU C 80 -14.26 52.69 24.09
C LEU C 80 -14.22 51.83 22.82
N VAL C 81 -15.05 52.18 21.83
CA VAL C 81 -15.12 51.39 20.61
C VAL C 81 -13.75 51.32 19.95
N MET C 82 -13.08 52.47 19.83
CA MET C 82 -11.83 52.49 19.09
C MET C 82 -10.66 51.88 19.86
N LEU C 83 -10.63 52.00 21.19
CA LEU C 83 -9.62 51.26 21.96
C LEU C 83 -9.83 49.75 21.81
N ALA C 84 -11.08 49.29 21.98
CA ALA C 84 -11.39 47.89 21.81
C ALA C 84 -10.97 47.42 20.42
N ALA C 85 -11.19 48.24 19.40
CA ALA C 85 -10.76 47.85 18.06
C ALA C 85 -9.23 47.88 17.94
N ALA C 86 -8.57 48.73 18.73
CA ALA C 86 -7.12 48.79 18.70
C ALA C 86 -6.50 47.50 19.19
N GLY C 87 -7.11 46.86 20.19
CA GLY C 87 -6.55 45.64 20.72
C GLY C 87 -7.06 44.34 20.12
N GLY C 88 -7.81 44.40 19.03
CA GLY C 88 -8.31 43.21 18.37
C GLY C 88 -9.26 42.39 19.19
N GLN C 89 -9.78 42.94 20.30
CA GLN C 89 -10.62 42.19 21.22
C GLN C 89 -12.05 42.18 20.68
N ASP C 90 -12.30 41.24 19.78
CA ASP C 90 -13.50 41.27 18.96
C ASP C 90 -14.79 41.15 19.77
N ASP C 91 -14.83 40.25 20.76
CA ASP C 91 -16.07 40.07 21.52
C ASP C 91 -16.49 41.36 22.24
N LEU C 92 -15.52 42.17 22.66
CA LEU C 92 -15.85 43.49 23.20
C LEU C 92 -16.57 44.33 22.14
N LEU C 93 -16.06 44.32 20.92
CA LEU C 93 -16.72 45.05 19.85
C LEU C 93 -18.14 44.54 19.65
N ARG C 94 -18.33 43.23 19.68
CA ARG C 94 -19.68 42.70 19.48
C ARG C 94 -20.64 43.28 20.52
N LEU C 95 -20.24 43.26 21.80
CA LEU C 95 -21.13 43.80 22.83
C LEU C 95 -21.31 45.31 22.69
N LEU C 96 -20.25 46.04 22.37
CA LEU C 96 -20.37 47.49 22.22
C LEU C 96 -21.31 47.85 21.09
N ILE C 97 -21.27 47.11 19.98
CA ILE C 97 -22.21 47.35 18.90
C ILE C 97 -23.62 47.02 19.37
N THR C 98 -23.80 45.90 20.06
CA THR C 98 -25.10 45.56 20.61
C THR C 98 -25.40 46.30 21.91
N LYS C 99 -24.60 47.29 22.28
CA LYS C 99 -24.88 48.17 23.41
C LYS C 99 -25.03 49.62 22.98
N GLY C 100 -25.11 49.88 21.67
CA GLY C 100 -25.35 51.21 21.16
C GLY C 100 -24.15 52.12 21.31
N ALA C 101 -23.06 51.80 20.62
CA ALA C 101 -21.84 52.59 20.72
C ALA C 101 -21.48 53.12 19.34
N LYS C 102 -21.24 54.44 19.27
CA LYS C 102 -20.96 55.07 18.00
C LYS C 102 -19.74 54.41 17.39
N VAL C 103 -19.93 53.76 16.24
CA VAL C 103 -18.80 53.22 15.53
C VAL C 103 -17.92 54.33 14.98
N ASN C 104 -18.54 55.36 14.42
CA ASN C 104 -17.81 56.44 13.75
C ASN C 104 -17.67 57.65 14.66
N GLY C 105 -16.84 57.49 15.69
CA GLY C 105 -16.30 58.63 16.40
C GLY C 105 -15.04 59.11 15.71
N ARG C 106 -14.50 60.21 16.20
CA ARG C 106 -13.25 60.73 15.66
C ARG C 106 -12.40 61.31 16.75
N GLN C 107 -11.09 61.14 16.63
CA GLN C 107 -10.14 61.71 17.57
C GLN C 107 -9.96 63.20 17.25
N LYS C 108 -9.14 63.88 18.06
CA LYS C 108 -8.85 65.28 17.80
C LYS C 108 -8.10 65.46 16.48
N ASN C 109 -7.28 64.47 16.10
CA ASN C 109 -6.61 64.45 14.81
C ASN C 109 -7.40 63.74 13.73
N GLY C 110 -8.66 63.39 14.01
CA GLY C 110 -9.53 62.90 12.96
C GLY C 110 -9.43 61.44 12.62
N THR C 111 -9.11 60.59 13.59
CA THR C 111 -8.96 59.16 13.36
C THR C 111 -10.19 58.42 13.89
N THR C 112 -10.75 57.53 13.09
CA THR C 112 -11.87 56.69 13.48
C THR C 112 -11.37 55.28 13.82
N ALA C 113 -12.23 54.53 14.50
CA ALA C 113 -11.87 53.18 14.93
C ALA C 113 -11.40 52.32 13.77
N LEU C 114 -12.04 52.46 12.61
CA LEU C 114 -11.65 51.67 11.44
C LEU C 114 -10.21 51.96 11.03
N ILE C 115 -9.79 53.23 11.12
CA ILE C 115 -8.42 53.57 10.77
C ILE C 115 -7.45 52.87 11.71
N HIS C 116 -7.75 52.87 13.02
CA HIS C 116 -6.92 52.14 13.97
C HIS C 116 -6.81 50.67 13.59
N ALA C 117 -7.96 50.03 13.34
CA ALA C 117 -7.94 48.61 12.98
C ALA C 117 -7.07 48.37 11.76
N ALA C 118 -7.18 49.23 10.74
CA ALA C 118 -6.37 49.03 9.54
C ALA C 118 -4.88 49.17 9.86
N GLU C 119 -4.52 50.11 10.74
CA GLU C 119 -3.12 50.32 11.06
C GLU C 119 -2.43 49.03 11.49
N LYS C 120 -3.09 48.21 12.31
CA LYS C 120 -2.45 47.07 12.95
C LYS C 120 -2.89 45.72 12.36
N ASN C 121 -3.29 45.71 11.10
CA ASN C 121 -3.50 44.47 10.34
C ASN C 121 -4.54 43.54 10.98
N PHE C 122 -5.47 44.10 11.76
CA PHE C 122 -6.50 43.29 12.42
C PHE C 122 -7.69 43.11 11.47
N LEU C 123 -7.53 42.23 10.48
CA LEU C 123 -8.55 42.03 9.46
C LEU C 123 -9.95 41.84 10.05
N THR C 124 -10.08 40.93 11.03
CA THR C 124 -11.40 40.58 11.54
C THR C 124 -12.13 41.81 12.10
N THR C 125 -11.41 42.69 12.78
CA THR C 125 -12.03 43.90 13.31
C THR C 125 -12.53 44.82 12.18
N VAL C 126 -11.73 44.98 11.13
CA VAL C 126 -12.18 45.77 10.00
C VAL C 126 -13.47 45.20 9.43
N ALA C 127 -13.54 43.87 9.33
CA ALA C 127 -14.74 43.25 8.77
C ALA C 127 -15.96 43.56 9.62
N ILE C 128 -15.83 43.47 10.94
CA ILE C 128 -17.01 43.74 11.77
C ILE C 128 -17.41 45.21 11.71
N LEU C 129 -16.44 46.12 11.62
CA LEU C 129 -16.78 47.54 11.52
C LEU C 129 -17.51 47.84 10.22
N LEU C 130 -17.04 47.28 9.09
CA LEU C 130 -17.76 47.44 7.83
C LEU C 130 -19.16 46.83 7.91
N GLU C 131 -19.32 45.78 8.72
CA GLU C 131 -20.67 45.26 8.95
C GLU C 131 -21.51 46.15 9.85
N ALA C 132 -20.90 47.07 10.59
CA ALA C 132 -21.62 47.97 11.48
C ALA C 132 -21.87 49.35 10.88
N GLY C 133 -21.69 49.52 9.59
CA GLY C 133 -21.92 50.79 8.94
C GLY C 133 -20.83 51.82 9.16
N ALA C 134 -19.57 51.40 9.18
CA ALA C 134 -18.49 52.31 9.46
C ALA C 134 -18.08 53.07 8.20
N PHE C 135 -17.84 54.36 8.35
CA PHE C 135 -17.39 55.18 7.23
C PHE C 135 -15.95 54.84 6.88
N VAL C 136 -15.69 54.65 5.60
CA VAL C 136 -14.41 54.16 5.12
C VAL C 136 -13.48 55.30 4.70
N ASN C 137 -14.04 56.34 4.08
CA ASN C 137 -13.28 57.38 3.40
C ASN C 137 -12.97 58.57 4.29
N VAL C 138 -13.05 58.42 5.62
CA VAL C 138 -12.56 59.45 6.51
C VAL C 138 -11.04 59.56 6.39
N GLN C 139 -10.52 60.74 6.67
CA GLN C 139 -9.10 61.03 6.53
C GLN C 139 -8.51 61.42 7.88
N GLN C 140 -7.21 61.18 8.04
CA GLN C 140 -6.50 61.74 9.17
C GLN C 140 -6.16 63.19 8.87
N SER C 141 -5.68 63.91 9.88
CA SER C 141 -5.22 65.27 9.66
C SER C 141 -4.10 65.30 8.62
N ASN C 142 -3.42 64.18 8.40
CA ASN C 142 -2.38 64.06 7.42
C ASN C 142 -2.93 63.76 6.03
N GLY C 143 -4.24 63.59 5.91
CA GLY C 143 -4.87 63.33 4.65
C GLY C 143 -4.95 61.88 4.26
N GLU C 144 -4.67 60.97 5.19
CA GLU C 144 -4.60 59.54 4.91
C GLU C 144 -5.87 58.84 5.35
N THR C 145 -6.24 57.82 4.58
CA THR C 145 -7.42 57.02 4.83
C THR C 145 -7.02 55.62 5.28
N ALA C 146 -8.01 54.83 5.68
CA ALA C 146 -7.76 53.44 6.04
C ALA C 146 -7.12 52.70 4.87
N LEU C 147 -7.70 52.82 3.69
CA LEU C 147 -7.20 52.13 2.50
C LEU C 147 -5.72 52.40 2.30
N MET C 148 -5.28 53.63 2.55
CA MET C 148 -3.87 53.97 2.37
C MET C 148 -3.00 53.23 3.38
N LYS C 149 -3.46 53.12 4.63
CA LYS C 149 -2.71 52.35 5.62
C LYS C 149 -2.57 50.89 5.19
N ALA C 150 -3.69 50.29 4.76
CA ALA C 150 -3.65 48.89 4.35
C ALA C 150 -2.73 48.68 3.15
N CYS C 151 -2.75 49.59 2.18
CA CYS C 151 -1.83 49.47 1.06
C CYS C 151 -0.39 49.61 1.53
N LYS C 152 -0.15 50.52 2.47
CA LYS C 152 1.20 50.76 2.97
C LYS C 152 1.76 49.52 3.65
N ARG C 153 0.93 48.82 4.44
CA ARG C 153 1.40 47.64 5.15
C ARG C 153 1.33 46.38 4.30
N GLY C 154 0.89 46.47 3.05
CA GLY C 154 1.00 45.35 2.11
C GLY C 154 -0.05 44.27 2.28
N ASN C 155 -1.18 44.60 2.89
CA ASN C 155 -2.23 43.63 3.20
C ASN C 155 -3.32 43.66 2.13
N SER C 156 -3.24 42.73 1.18
CA SER C 156 -4.19 42.72 0.08
C SER C 156 -5.62 42.50 0.55
N ASP C 157 -5.79 41.67 1.60
CA ASP C 157 -7.15 41.32 2.02
C ASP C 157 -7.94 42.53 2.50
N ILE C 158 -7.31 43.39 3.30
CA ILE C 158 -8.00 44.61 3.77
C ILE C 158 -8.35 45.51 2.59
N VAL C 159 -7.43 45.67 1.66
CA VAL C 159 -7.67 46.52 0.49
C VAL C 159 -8.92 46.05 -0.24
N ARG C 160 -8.97 44.75 -0.53
CA ARG C 160 -10.13 44.20 -1.22
C ARG C 160 -11.40 44.44 -0.43
N LEU C 161 -11.34 44.20 0.89
CA LEU C 161 -12.55 44.28 1.70
C LEU C 161 -13.10 45.70 1.73
N VAL C 162 -12.24 46.71 1.81
CA VAL C 162 -12.74 48.09 1.91
C VAL C 162 -13.21 48.60 0.55
N ILE C 163 -12.46 48.33 -0.52
CA ILE C 163 -12.90 48.89 -1.79
C ILE C 163 -14.18 48.19 -2.25
N GLU C 164 -14.42 46.95 -1.82
CA GLU C 164 -15.68 46.32 -2.20
C GLU C 164 -16.88 46.96 -1.48
N CYS C 165 -16.68 47.44 -0.27
CA CYS C 165 -17.74 48.08 0.49
C CYS C 165 -17.81 49.58 0.21
N GLY C 166 -17.09 50.03 -0.84
CA GLY C 166 -17.25 51.36 -1.39
C GLY C 166 -16.20 52.40 -1.04
N ALA C 167 -14.93 52.05 -1.07
CA ALA C 167 -13.87 52.99 -0.76
C ALA C 167 -13.46 53.78 -1.99
N ASP C 168 -12.74 54.88 -1.77
CA ASP C 168 -12.26 55.74 -2.84
C ASP C 168 -10.74 55.61 -2.93
N CYS C 169 -10.25 55.27 -4.12
CA CYS C 169 -8.83 54.98 -4.30
C CYS C 169 -7.99 56.20 -4.63
N ASN C 170 -8.56 57.17 -5.34
CA ASN C 170 -7.80 58.31 -5.84
C ASN C 170 -7.59 59.40 -4.82
N ILE C 171 -8.11 59.26 -3.60
CA ILE C 171 -7.94 60.32 -2.61
C ILE C 171 -6.47 60.57 -2.35
N LEU C 172 -6.12 61.84 -2.13
CA LEU C 172 -4.75 62.27 -1.93
C LEU C 172 -4.56 62.75 -0.50
N SER C 173 -3.33 62.62 0.00
CA SER C 173 -2.98 63.11 1.32
C SER C 173 -2.41 64.51 1.22
N LYS C 174 -2.03 65.07 2.37
CA LYS C 174 -1.44 66.41 2.39
C LYS C 174 -0.12 66.46 1.64
N HIS C 175 0.50 65.31 1.39
CA HIS C 175 1.74 65.24 0.62
C HIS C 175 1.49 64.78 -0.82
N GLN C 176 0.23 64.82 -1.25
CA GLN C 176 -0.15 64.53 -2.64
C GLN C 176 0.28 63.14 -3.07
N ASN C 177 0.26 62.18 -2.14
CA ASN C 177 0.49 60.78 -2.44
C ASN C 177 -0.83 60.01 -2.29
N SER C 178 -1.12 59.18 -3.28
CA SER C 178 -2.36 58.41 -3.29
C SER C 178 -2.15 57.02 -2.71
N ALA C 179 -3.26 56.32 -2.51
CA ALA C 179 -3.18 54.91 -2.13
C ALA C 179 -2.39 54.11 -3.14
N LEU C 180 -2.51 54.48 -4.42
CA LEU C 180 -1.82 53.76 -5.48
C LEU C 180 -0.30 53.92 -5.35
N HIS C 181 0.15 55.12 -4.98
CA HIS C 181 1.58 55.34 -4.80
C HIS C 181 2.13 54.49 -3.67
N PHE C 182 1.39 54.41 -2.55
CA PHE C 182 1.83 53.55 -1.46
C PHE C 182 1.84 52.09 -1.89
N ALA C 183 0.82 51.66 -2.63
CA ALA C 183 0.75 50.27 -3.06
C ALA C 183 1.93 49.90 -3.95
N LYS C 184 2.29 50.79 -4.87
CA LYS C 184 3.42 50.50 -5.76
C LYS C 184 4.75 50.63 -5.03
N GLN C 185 4.84 51.53 -4.06
CA GLN C 185 6.10 51.71 -3.34
C GLN C 185 6.43 50.53 -2.46
N SER C 186 5.41 49.93 -1.82
CA SER C 186 5.62 48.75 -0.99
C SER C 186 6.03 47.52 -1.79
N ASN C 187 5.90 47.56 -3.12
CA ASN C 187 6.32 46.46 -3.98
C ASN C 187 5.63 45.15 -3.58
N ASN C 188 4.32 45.23 -3.37
CA ASN C 188 3.46 44.07 -3.15
C ASN C 188 2.49 44.01 -4.35
N VAL C 189 2.75 43.07 -5.26
CA VAL C 189 2.11 43.13 -6.57
C VAL C 189 0.60 43.00 -6.45
N LEU C 190 0.12 42.17 -5.53
CA LEU C 190 -1.32 41.91 -5.44
C LEU C 190 -2.11 43.16 -5.09
N VAL C 191 -1.60 43.98 -4.17
CA VAL C 191 -2.34 45.16 -3.72
C VAL C 191 -2.53 46.14 -4.87
N TYR C 192 -1.44 46.45 -5.57
CA TYR C 192 -1.48 47.45 -6.65
C TYR C 192 -2.22 46.90 -7.86
N ASP C 193 -2.19 45.58 -8.07
CA ASP C 193 -3.06 44.98 -9.08
C ASP C 193 -4.53 45.20 -8.72
N LEU C 194 -4.89 44.98 -7.45
CA LEU C 194 -6.27 45.18 -7.05
C LEU C 194 -6.73 46.61 -7.33
N LEU C 195 -5.96 47.59 -6.84
CA LEU C 195 -6.37 48.97 -7.00
C LEU C 195 -6.52 49.32 -8.48
N LYS C 196 -5.52 48.95 -9.29
CA LYS C 196 -5.56 49.34 -10.69
C LYS C 196 -6.74 48.72 -11.41
N ASN C 197 -7.02 47.42 -11.15
CA ASN C 197 -8.16 46.81 -11.81
C ASN C 197 -9.48 47.43 -11.38
N HIS C 198 -9.61 47.79 -10.09
CA HIS C 198 -10.84 48.44 -9.65
C HIS C 198 -11.05 49.75 -10.40
N LEU C 199 -9.99 50.56 -10.52
CA LEU C 199 -10.17 51.86 -11.18
C LEU C 199 -10.45 51.67 -12.67
N GLU C 200 -9.84 50.66 -13.30
CA GLU C 200 -10.18 50.39 -14.69
C GLU C 200 -11.65 50.03 -14.83
N THR C 201 -12.17 49.21 -13.91
CA THR C 201 -13.60 48.87 -13.98
C THR C 201 -14.47 50.12 -13.82
N LEU C 202 -14.12 51.01 -12.90
CA LEU C 202 -14.91 52.21 -12.71
C LEU C 202 -14.94 53.08 -13.97
N SER C 203 -13.77 53.38 -14.53
CA SER C 203 -13.77 54.23 -15.73
C SER C 203 -14.48 53.52 -16.88
N ARG C 204 -14.35 52.20 -16.97
CA ARG C 204 -15.06 51.44 -18.00
C ARG C 204 -16.57 51.56 -17.86
N VAL C 205 -17.09 51.44 -16.64
CA VAL C 205 -18.54 51.52 -16.47
C VAL C 205 -19.02 52.94 -16.74
N ALA C 206 -18.19 53.94 -16.41
CA ALA C 206 -18.55 55.32 -16.76
C ALA C 206 -18.69 55.47 -18.27
N GLU C 207 -17.71 54.97 -19.02
CA GLU C 207 -17.79 55.04 -20.48
C GLU C 207 -19.03 54.32 -20.98
N GLU C 208 -19.30 53.12 -20.46
CA GLU C 208 -20.45 52.36 -20.94
C GLU C 208 -21.76 53.09 -20.69
N THR C 209 -21.92 53.64 -19.48
CA THR C 209 -23.19 54.29 -19.13
C THR C 209 -23.41 55.56 -19.95
N ILE C 210 -22.36 56.36 -20.15
CA ILE C 210 -22.53 57.56 -20.97
C ILE C 210 -22.84 57.17 -22.41
N LYS C 211 -22.19 56.12 -22.93
CA LYS C 211 -22.53 55.66 -24.27
C LYS C 211 -24.01 55.30 -24.35
N ASP C 212 -24.50 54.52 -23.38
CA ASP C 212 -25.87 54.02 -23.48
C ASP C 212 -26.90 55.15 -23.41
N TYR C 213 -26.75 56.08 -22.45
CA TYR C 213 -27.82 57.07 -22.33
C TYR C 213 -27.83 58.05 -23.51
N PHE C 214 -26.68 58.61 -23.86
CA PHE C 214 -26.68 59.66 -24.87
C PHE C 214 -26.74 59.10 -26.29
N GLU C 215 -27.07 57.82 -26.44
CA GLU C 215 -27.37 57.23 -27.74
C GLU C 215 -26.26 57.51 -28.75
N ALA C 216 -25.03 57.64 -28.26
CA ALA C 216 -23.83 57.75 -29.09
C ALA C 216 -23.77 59.05 -29.89
N ARG C 217 -24.72 59.97 -29.68
CA ARG C 217 -24.63 61.31 -30.25
C ARG C 217 -23.50 62.13 -29.63
N LEU C 218 -22.90 61.62 -28.56
CA LEU C 218 -21.86 62.28 -27.78
C LEU C 218 -20.60 61.43 -27.84
N ALA C 219 -19.45 62.08 -27.67
CA ALA C 219 -18.18 61.37 -27.72
C ALA C 219 -17.26 61.86 -26.60
N LEU C 220 -16.82 60.92 -25.75
CA LEU C 220 -15.89 61.23 -24.67
C LEU C 220 -14.49 61.53 -25.21
N LEU C 221 -13.79 62.45 -24.55
CA LEU C 221 -12.43 62.78 -24.96
C LEU C 221 -11.39 62.48 -23.87
N GLU C 222 -11.51 63.10 -22.69
CA GLU C 222 -10.45 63.00 -21.71
C GLU C 222 -10.94 63.37 -20.31
N PRO C 223 -10.69 62.54 -19.29
CA PRO C 223 -11.08 62.94 -17.93
C PRO C 223 -10.35 64.21 -17.51
N VAL C 224 -11.03 65.03 -16.72
CA VAL C 224 -10.42 66.24 -16.20
C VAL C 224 -9.64 65.99 -14.91
N PHE C 225 -10.05 65.01 -14.12
CA PHE C 225 -9.53 64.86 -12.76
C PHE C 225 -9.96 63.51 -12.22
N PRO C 226 -9.15 62.87 -11.37
CA PRO C 226 -9.40 61.45 -11.05
C PRO C 226 -10.79 61.23 -10.51
N ILE C 227 -11.56 60.40 -11.23
CA ILE C 227 -12.94 60.15 -10.86
C ILE C 227 -13.00 59.70 -9.41
N ALA C 228 -13.88 60.32 -8.63
CA ALA C 228 -13.98 60.05 -7.20
C ALA C 228 -15.28 59.31 -6.90
N CYS C 229 -15.33 58.75 -5.69
CA CYS C 229 -16.44 57.94 -5.22
C CYS C 229 -16.89 58.40 -3.85
N HIS C 230 -18.20 58.50 -3.66
CA HIS C 230 -18.78 58.98 -2.41
C HIS C 230 -19.86 58.03 -1.91
N ARG C 231 -19.77 57.65 -0.64
CA ARG C 231 -20.79 56.84 0.01
C ARG C 231 -21.85 57.78 0.58
N LEU C 232 -23.09 57.65 0.10
CA LEU C 232 -24.15 58.55 0.55
C LEU C 232 -24.36 58.43 2.05
N CYS C 233 -24.30 57.20 2.58
CA CYS C 233 -24.47 57.00 4.01
C CYS C 233 -23.44 57.76 4.84
N GLU C 234 -22.28 58.08 4.27
CA GLU C 234 -21.24 58.76 5.04
C GLU C 234 -21.61 60.21 5.32
N GLY C 235 -22.34 60.86 4.42
CA GLY C 235 -22.80 62.22 4.67
C GLY C 235 -23.48 62.90 3.51
N PRO C 236 -24.13 64.03 3.79
CA PRO C 236 -24.77 64.86 2.75
C PRO C 236 -23.82 65.88 2.13
N ASP C 237 -22.60 65.96 2.64
CA ASP C 237 -21.56 66.86 2.17
C ASP C 237 -20.60 66.11 1.25
N PHE C 238 -20.05 66.81 0.27
CA PHE C 238 -18.97 66.24 -0.51
C PHE C 238 -18.00 67.34 -0.94
N SER C 239 -16.70 67.10 -0.80
CA SER C 239 -15.70 68.12 -1.07
C SER C 239 -14.49 67.51 -1.74
N THR C 240 -13.85 68.29 -2.61
CA THR C 240 -12.58 67.87 -3.19
C THR C 240 -11.83 69.06 -3.78
N ASP C 241 -10.52 68.88 -3.94
CA ASP C 241 -9.64 69.87 -4.55
C ASP C 241 -8.88 69.16 -5.66
N PHE C 242 -8.85 69.76 -6.85
CA PHE C 242 -8.14 69.13 -7.97
C PHE C 242 -7.34 70.17 -8.74
N ASN C 243 -6.60 69.70 -9.75
CA ASN C 243 -5.76 70.54 -10.59
C ASN C 243 -6.12 70.32 -12.05
N TYR C 244 -6.25 71.42 -12.80
CA TYR C 244 -6.68 71.37 -14.20
C TYR C 244 -5.58 71.96 -15.08
N LYS C 245 -5.10 71.15 -16.03
CA LYS C 245 -4.08 71.54 -17.01
C LYS C 245 -4.61 71.34 -18.41
N PRO C 246 -5.04 72.40 -19.11
CA PRO C 246 -5.69 72.22 -20.41
C PRO C 246 -4.69 71.79 -21.47
N PRO C 247 -5.12 70.95 -22.43
CA PRO C 247 -4.24 70.65 -23.58
C PRO C 247 -4.27 71.76 -24.62
N GLN C 248 -3.19 71.85 -25.39
CA GLN C 248 -3.07 72.92 -26.38
C GLN C 248 -4.19 72.84 -27.42
N ASN C 249 -4.39 71.67 -28.01
CA ASN C 249 -5.38 71.49 -29.07
C ASN C 249 -6.72 71.18 -28.41
N ILE C 250 -7.61 72.17 -28.37
CA ILE C 250 -8.97 71.98 -27.88
C ILE C 250 -9.89 71.88 -29.10
N PRO C 251 -10.52 70.73 -29.35
CA PRO C 251 -11.41 70.65 -30.51
C PRO C 251 -12.61 71.58 -30.34
N GLU C 252 -12.71 72.61 -31.18
CA GLU C 252 -13.82 73.54 -31.06
C GLU C 252 -15.13 72.79 -31.25
N GLY C 253 -16.11 73.11 -30.41
CA GLY C 253 -17.31 72.33 -30.26
C GLY C 253 -17.24 71.31 -29.15
N SER C 254 -16.21 71.37 -28.32
CA SER C 254 -16.00 70.46 -27.21
C SER C 254 -16.13 71.21 -25.90
N GLY C 255 -16.57 70.49 -24.86
CA GLY C 255 -16.80 71.10 -23.57
C GLY C 255 -16.59 70.11 -22.44
N ILE C 256 -16.53 70.64 -21.22
CA ILE C 256 -16.30 69.84 -20.02
C ILE C 256 -17.64 69.67 -19.31
N LEU C 257 -17.92 68.45 -18.86
CA LEU C 257 -19.14 68.14 -18.14
C LEU C 257 -18.85 67.33 -16.89
N LEU C 258 -19.59 67.62 -15.81
CA LEU C 258 -19.54 66.85 -14.57
C LEU C 258 -20.68 65.84 -14.56
N PHE C 259 -20.36 64.58 -14.28
CA PHE C 259 -21.31 63.49 -14.19
C PHE C 259 -21.33 62.96 -12.76
N ILE C 260 -22.54 62.72 -12.27
CA ILE C 260 -22.74 62.08 -10.97
C ILE C 260 -23.54 60.82 -11.26
N PHE C 261 -22.85 59.71 -11.51
CA PHE C 261 -23.54 58.46 -11.74
C PHE C 261 -24.03 57.94 -10.40
N HIS C 262 -25.25 57.43 -10.37
CA HIS C 262 -25.80 56.75 -9.20
C HIS C 262 -25.57 55.24 -9.38
N ALA C 263 -24.76 54.64 -8.50
CA ALA C 263 -24.23 53.32 -8.74
C ALA C 263 -24.44 52.38 -7.56
N ASN C 264 -24.46 51.09 -7.88
CA ASN C 264 -24.49 50.01 -6.88
C ASN C 264 -23.33 49.05 -7.14
N PHE C 265 -22.61 48.73 -6.07
CA PHE C 265 -21.51 47.77 -6.12
C PHE C 265 -21.97 46.42 -5.57
N LEU C 266 -21.92 45.38 -6.39
CA LEU C 266 -22.14 44.00 -5.93
C LEU C 266 -20.89 43.18 -6.24
N GLY C 267 -20.01 43.06 -5.24
CA GLY C 267 -18.79 42.32 -5.39
C GLY C 267 -17.75 43.09 -6.18
N LYS C 268 -17.38 42.55 -7.34
CA LYS C 268 -16.55 43.25 -8.30
C LYS C 268 -17.36 43.84 -9.45
N GLU C 269 -18.69 43.70 -9.43
CA GLU C 269 -19.52 44.20 -10.52
C GLU C 269 -20.17 45.51 -10.08
N VAL C 270 -20.11 46.53 -10.95
CA VAL C 270 -20.66 47.84 -10.67
C VAL C 270 -21.70 48.18 -11.74
N ILE C 271 -22.86 48.63 -11.31
CA ILE C 271 -23.90 49.08 -12.23
C ILE C 271 -24.17 50.53 -11.92
N ALA C 272 -24.38 51.34 -12.96
CA ALA C 272 -24.55 52.77 -12.80
C ALA C 272 -25.71 53.27 -13.64
N ARG C 273 -26.29 54.40 -13.22
CA ARG C 273 -27.44 55.00 -13.89
C ARG C 273 -27.34 56.51 -13.80
N LEU C 274 -27.89 57.18 -14.83
CA LEU C 274 -27.95 58.64 -14.88
C LEU C 274 -29.37 59.18 -15.01
N CYS C 275 -30.39 58.44 -14.56
CA CYS C 275 -31.74 59.00 -14.44
C CYS C 275 -32.35 58.53 -13.13
N GLY C 276 -33.63 58.81 -12.94
CA GLY C 276 -34.34 58.36 -11.75
C GLY C 276 -34.13 59.26 -10.54
N PRO C 277 -34.46 58.75 -9.35
CA PRO C 277 -34.29 59.56 -8.14
C PRO C 277 -32.87 60.10 -8.03
N CYS C 278 -32.78 61.37 -7.63
CA CYS C 278 -31.52 62.07 -7.51
C CYS C 278 -31.20 62.41 -6.06
N SER C 279 -29.92 62.35 -5.72
CA SER C 279 -29.46 62.80 -4.41
C SER C 279 -28.68 64.11 -4.49
N VAL C 280 -28.64 64.75 -5.66
CA VAL C 280 -27.86 65.95 -5.88
C VAL C 280 -28.77 67.17 -5.78
N GLN C 281 -28.42 68.11 -4.89
CA GLN C 281 -29.13 69.37 -4.77
C GLN C 281 -28.38 70.55 -5.37
N ALA C 282 -27.07 70.67 -5.15
CA ALA C 282 -26.34 71.83 -5.62
C ALA C 282 -24.87 71.49 -5.81
N VAL C 283 -24.26 72.16 -6.80
CA VAL C 283 -22.84 72.00 -7.14
C VAL C 283 -22.17 73.35 -7.15
N VAL C 284 -21.03 73.46 -6.45
CA VAL C 284 -20.31 74.71 -6.28
C VAL C 284 -18.87 74.51 -6.74
N LEU C 285 -18.49 75.21 -7.79
CA LEU C 285 -17.12 75.23 -8.30
C LEU C 285 -16.56 76.63 -8.03
N ASN C 286 -15.71 76.74 -7.01
CA ASN C 286 -15.07 78.01 -6.66
C ASN C 286 -16.10 79.08 -6.29
N ASP C 287 -17.06 78.68 -5.47
CA ASP C 287 -18.11 79.54 -4.93
C ASP C 287 -19.11 80.01 -5.97
N LYS C 288 -19.01 79.58 -7.22
CA LYS C 288 -19.97 79.93 -8.27
C LYS C 288 -20.80 78.70 -8.63
N PHE C 289 -22.12 78.81 -8.48
CA PHE C 289 -23.00 77.68 -8.80
C PHE C 289 -22.83 77.29 -10.26
N GLN C 290 -22.89 75.98 -10.52
CA GLN C 290 -22.90 75.41 -11.87
C GLN C 290 -24.33 75.00 -12.24
N LEU C 291 -24.63 75.06 -13.55
CA LEU C 291 -26.01 74.88 -13.94
C LEU C 291 -26.25 73.56 -14.65
N PRO C 292 -27.34 72.86 -14.33
CA PRO C 292 -27.62 71.58 -15.00
C PRO C 292 -27.82 71.77 -16.49
N VAL C 293 -27.44 70.76 -17.26
CA VAL C 293 -27.64 70.82 -18.70
C VAL C 293 -29.12 70.72 -19.03
N PHE C 294 -29.88 69.94 -18.26
CA PHE C 294 -31.33 69.88 -18.39
C PHE C 294 -31.98 70.37 -17.09
N LEU C 295 -33.21 70.90 -17.19
CA LEU C 295 -33.94 71.21 -15.97
C LEU C 295 -34.67 69.99 -15.43
N ASP C 296 -34.84 68.94 -16.24
CA ASP C 296 -35.55 67.75 -15.82
C ASP C 296 -34.68 66.78 -15.03
N SER C 297 -33.36 66.97 -15.04
CA SER C 297 -32.45 66.05 -14.35
C SER C 297 -31.30 66.84 -13.75
N HIS C 298 -30.73 66.28 -12.68
CA HIS C 298 -29.63 66.90 -11.96
C HIS C 298 -28.39 66.00 -11.87
N PHE C 299 -28.23 65.06 -12.81
CA PHE C 299 -27.07 64.20 -12.74
C PHE C 299 -25.91 64.72 -13.59
N VAL C 300 -26.19 65.48 -14.64
CA VAL C 300 -25.17 66.03 -15.52
C VAL C 300 -25.18 67.54 -15.36
N TYR C 301 -24.08 68.09 -14.88
CA TYR C 301 -23.95 69.53 -14.75
C TYR C 301 -22.88 70.07 -15.70
N SER C 302 -23.06 71.33 -16.07
CA SER C 302 -22.01 72.09 -16.72
C SER C 302 -20.84 72.27 -15.75
N PHE C 303 -19.63 72.18 -16.27
CA PHE C 303 -18.42 72.20 -15.45
C PHE C 303 -17.40 73.04 -16.22
N SER C 304 -17.18 74.27 -15.75
CA SER C 304 -16.24 75.21 -16.37
C SER C 304 -15.13 75.53 -15.38
N PRO C 305 -14.15 74.65 -15.23
CA PRO C 305 -13.04 74.92 -14.30
C PRO C 305 -12.01 75.84 -14.93
N VAL C 306 -11.25 76.49 -14.05
CA VAL C 306 -10.15 77.34 -14.46
C VAL C 306 -8.84 76.57 -14.30
N ALA C 307 -7.84 76.97 -15.07
CA ALA C 307 -6.55 76.30 -15.02
C ALA C 307 -5.92 76.53 -13.65
N GLY C 308 -5.24 75.49 -13.15
CA GLY C 308 -4.65 75.54 -11.84
C GLY C 308 -5.48 74.80 -10.80
N PRO C 309 -5.41 75.24 -9.54
CA PRO C 309 -6.18 74.57 -8.49
C PRO C 309 -7.65 74.98 -8.50
N ASN C 310 -8.52 73.99 -8.32
CA ASN C 310 -9.96 74.19 -8.28
C ASN C 310 -10.54 73.47 -7.08
N LYS C 311 -11.63 74.03 -6.55
CA LYS C 311 -12.30 73.50 -5.36
C LYS C 311 -13.75 73.19 -5.72
N LEU C 312 -14.15 71.94 -5.50
CA LEU C 312 -15.48 71.45 -5.83
C LEU C 312 -16.20 71.03 -4.56
N PHE C 313 -17.47 71.44 -4.41
CA PHE C 313 -18.27 70.99 -3.26
C PHE C 313 -19.72 70.82 -3.66
N ILE C 314 -20.28 69.65 -3.32
CA ILE C 314 -21.63 69.26 -3.70
C ILE C 314 -22.45 68.96 -2.45
N ARG C 315 -23.70 69.40 -2.46
CA ARG C 315 -24.66 69.10 -1.40
C ARG C 315 -25.60 67.99 -1.87
N LEU C 316 -25.88 67.04 -0.99
CA LEU C 316 -26.61 65.83 -1.35
C LEU C 316 -27.84 65.66 -0.47
N THR C 317 -28.69 64.71 -0.84
CA THR C 317 -29.81 64.32 0.01
C THR C 317 -29.31 63.52 1.20
N GLU C 318 -30.10 63.55 2.27
CA GLU C 318 -29.76 62.84 3.52
C GLU C 318 -30.56 61.54 3.56
N ALA C 319 -29.87 60.43 3.30
CA ALA C 319 -30.44 59.09 3.45
C ALA C 319 -29.40 58.22 4.14
N PRO C 320 -29.38 58.22 5.47
CA PRO C 320 -28.33 57.47 6.18
C PRO C 320 -28.35 55.98 5.89
N SER C 321 -29.47 55.43 5.42
CA SER C 321 -29.58 54.01 5.13
C SER C 321 -29.45 53.70 3.65
N ALA C 322 -29.21 54.69 2.81
CA ALA C 322 -29.04 54.43 1.38
C ALA C 322 -27.77 53.65 1.15
N LYS C 323 -27.89 52.55 0.39
CA LYS C 323 -26.76 51.71 0.02
C LYS C 323 -26.26 52.09 -1.37
N VAL C 324 -26.25 53.40 -1.64
CA VAL C 324 -25.98 53.94 -2.96
C VAL C 324 -24.61 54.60 -2.96
N LYS C 325 -23.84 54.36 -4.01
CA LYS C 325 -22.56 55.01 -4.22
C LYS C 325 -22.70 56.06 -5.32
N LEU C 326 -21.93 57.13 -5.21
CA LEU C 326 -21.96 58.21 -6.18
C LEU C 326 -20.60 58.26 -6.87
N LEU C 327 -20.59 58.14 -8.18
CA LEU C 327 -19.36 58.20 -8.97
C LEU C 327 -19.31 59.57 -9.62
N ILE C 328 -18.36 60.39 -9.19
CA ILE C 328 -18.28 61.80 -9.53
C ILE C 328 -17.08 61.99 -10.46
N GLY C 329 -17.36 62.40 -11.70
CA GLY C 329 -16.28 62.56 -12.66
C GLY C 329 -16.55 63.63 -13.71
N ALA C 330 -15.54 64.44 -14.04
CA ALA C 330 -15.69 65.51 -15.01
C ALA C 330 -14.83 65.18 -16.22
N TYR C 331 -15.47 65.08 -17.38
CA TYR C 331 -14.77 64.72 -18.61
C TYR C 331 -14.94 65.81 -19.66
N ARG C 332 -13.96 65.91 -20.56
CA ARG C 332 -14.13 66.63 -21.81
C ARG C 332 -14.92 65.76 -22.77
N VAL C 333 -15.58 66.40 -23.73
CA VAL C 333 -16.54 65.71 -24.59
C VAL C 333 -16.76 66.54 -25.85
N GLN C 334 -17.24 65.88 -26.91
CA GLN C 334 -17.45 66.50 -28.22
C GLN C 334 -18.93 66.63 -28.55
N LEU C 335 -19.28 67.78 -29.15
CA LEU C 335 -20.66 68.15 -29.41
C LEU C 335 -20.74 68.70 -30.84
N GLN C 336 -21.87 69.33 -31.16
CA GLN C 336 -22.04 70.11 -32.39
C GLN C 336 -21.38 69.50 -33.62
N ASP D 39 -3.86 11.62 -40.63
CA ASP D 39 -3.43 11.97 -39.29
C ASP D 39 -4.58 12.58 -38.48
N ALA D 40 -5.82 12.34 -38.90
CA ALA D 40 -6.98 12.91 -38.24
C ALA D 40 -8.14 11.93 -38.24
N ILE D 41 -9.09 12.16 -37.34
CA ILE D 41 -10.27 11.30 -37.16
C ILE D 41 -11.35 11.72 -38.14
N PRO D 42 -12.27 10.83 -38.50
CA PRO D 42 -13.40 11.24 -39.35
C PRO D 42 -14.45 11.99 -38.53
N SER D 43 -15.22 12.80 -39.24
CA SER D 43 -16.15 13.69 -38.56
C SER D 43 -17.19 12.93 -37.75
N ASN D 44 -17.74 11.86 -38.31
CA ASN D 44 -18.73 11.08 -37.58
C ASN D 44 -18.13 10.27 -36.45
N VAL D 45 -16.86 9.90 -36.55
CA VAL D 45 -16.20 9.14 -35.47
C VAL D 45 -16.19 9.96 -34.18
N LEU D 46 -16.00 11.28 -34.29
CA LEU D 46 -16.06 12.11 -33.10
C LEU D 46 -17.43 12.06 -32.42
N ARG D 47 -18.51 11.88 -33.20
CA ARG D 47 -19.82 11.84 -32.59
C ARG D 47 -19.91 10.71 -31.57
N ASP D 48 -19.47 9.50 -31.96
CA ASP D 48 -19.49 8.39 -31.00
C ASP D 48 -18.50 8.63 -29.86
N ALA D 49 -17.42 9.34 -30.12
CA ALA D 49 -16.50 9.69 -29.05
C ALA D 49 -17.18 10.57 -28.00
N VAL D 50 -17.90 11.58 -28.47
CA VAL D 50 -18.60 12.47 -27.55
C VAL D 50 -19.73 11.76 -26.84
N LYS D 51 -20.43 10.88 -27.56
CA LYS D 51 -21.48 10.10 -26.91
C LYS D 51 -20.93 9.20 -25.82
N ASN D 52 -19.68 8.79 -25.95
CA ASN D 52 -19.06 7.88 -24.99
C ASN D 52 -18.12 8.59 -24.03
N GLY D 53 -18.02 9.91 -24.12
CA GLY D 53 -17.18 10.70 -23.24
C GLY D 53 -15.72 10.34 -23.27
N ASP D 54 -15.16 10.24 -24.47
CA ASP D 54 -13.76 9.89 -24.67
C ASP D 54 -13.00 11.21 -24.84
N TYR D 55 -12.57 11.77 -23.71
CA TYR D 55 -11.95 13.08 -23.69
C TYR D 55 -10.61 13.08 -24.43
N ILE D 56 -9.82 12.01 -24.32
CA ILE D 56 -8.51 11.98 -24.98
C ILE D 56 -8.67 11.93 -26.49
N THR D 57 -9.57 11.08 -26.99
CA THR D 57 -9.80 10.95 -28.43
C THR D 57 -10.23 12.29 -29.04
N VAL D 58 -11.20 12.96 -28.43
CA VAL D 58 -11.66 14.21 -29.00
C VAL D 58 -10.58 15.27 -28.87
N LYS D 59 -9.84 15.28 -27.75
CA LYS D 59 -8.80 16.28 -27.59
C LYS D 59 -7.76 16.16 -28.70
N VAL D 60 -7.36 14.93 -29.05
CA VAL D 60 -6.40 14.77 -30.12
C VAL D 60 -6.98 15.26 -31.44
N ALA D 61 -8.23 14.87 -31.74
CA ALA D 61 -8.79 15.32 -33.01
C ALA D 61 -8.94 16.84 -33.07
N LEU D 62 -9.17 17.49 -31.93
CA LEU D 62 -9.44 18.92 -31.89
C LEU D 62 -8.18 19.76 -31.78
N ASN D 63 -7.05 19.20 -31.38
CA ASN D 63 -5.81 19.96 -31.44
C ASN D 63 -5.11 19.78 -32.77
N SER D 64 -5.71 19.02 -33.68
CA SER D 64 -5.22 18.75 -35.01
C SER D 64 -5.59 19.89 -35.95
N ASN D 65 -4.98 19.86 -37.14
CA ASN D 65 -5.25 20.88 -38.14
C ASN D 65 -6.55 20.64 -38.90
N GLU D 66 -7.25 19.53 -38.62
CA GLU D 66 -8.47 19.24 -39.37
C GLU D 66 -9.63 20.04 -38.80
N GLU D 67 -10.43 20.61 -39.71
CA GLU D 67 -11.59 21.42 -39.39
C GLU D 67 -12.87 20.61 -39.47
N TYR D 68 -13.56 20.48 -38.34
CA TYR D 68 -14.84 19.81 -38.29
C TYR D 68 -15.94 20.81 -37.95
N ASN D 69 -17.18 20.41 -38.24
CA ASN D 69 -18.35 21.20 -37.86
C ASN D 69 -18.71 20.80 -36.42
N LEU D 70 -18.40 21.67 -35.47
CA LEU D 70 -18.64 21.39 -34.07
C LEU D 70 -20.09 21.59 -33.68
N ASP D 71 -20.94 21.82 -34.66
CA ASP D 71 -22.37 22.06 -34.46
C ASP D 71 -23.22 21.06 -35.23
N GLN D 72 -22.64 19.93 -35.66
CA GLN D 72 -23.41 18.94 -36.41
C GLN D 72 -24.59 18.43 -35.59
N GLU D 73 -25.72 18.24 -36.26
CA GLU D 73 -26.97 17.82 -35.66
C GLU D 73 -27.49 16.60 -36.41
N ASP D 74 -27.97 15.61 -35.68
CA ASP D 74 -28.66 14.49 -36.30
C ASP D 74 -30.08 14.90 -36.75
N SER D 75 -30.82 13.92 -37.26
CA SER D 75 -32.20 14.16 -37.70
C SER D 75 -33.01 14.82 -36.59
N SER D 76 -32.76 14.40 -35.35
CA SER D 76 -33.43 14.98 -34.19
C SER D 76 -33.07 16.45 -34.00
N GLY D 77 -31.81 16.80 -34.24
CA GLY D 77 -31.35 18.15 -34.00
C GLY D 77 -30.40 18.25 -32.84
N MET D 78 -30.00 17.12 -32.25
CA MET D 78 -29.09 17.14 -31.11
C MET D 78 -27.69 17.46 -31.62
N THR D 79 -27.05 18.44 -30.99
CA THR D 79 -25.69 18.84 -31.30
C THR D 79 -24.69 18.19 -30.36
N LEU D 80 -23.40 18.35 -30.70
CA LEU D 80 -22.34 17.79 -29.86
C LEU D 80 -22.34 18.43 -28.47
N VAL D 81 -22.54 19.75 -28.40
CA VAL D 81 -22.51 20.41 -27.10
C VAL D 81 -23.56 19.82 -26.17
N MET D 82 -24.76 19.56 -26.67
CA MET D 82 -25.80 19.01 -25.82
C MET D 82 -25.55 17.54 -25.55
N LEU D 83 -24.88 16.81 -26.47
CA LEU D 83 -24.44 15.45 -26.15
C LEU D 83 -23.48 15.46 -24.95
N ALA D 84 -22.46 16.33 -25.01
CA ALA D 84 -21.56 16.46 -23.88
C ALA D 84 -22.32 16.83 -22.61
N ALA D 85 -23.20 17.82 -22.69
CA ALA D 85 -23.87 18.29 -21.49
C ALA D 85 -24.84 17.26 -20.92
N ALA D 86 -25.36 16.35 -21.74
CA ALA D 86 -26.27 15.34 -21.22
C ALA D 86 -25.56 14.38 -20.28
N GLY D 87 -24.30 14.07 -20.58
CA GLY D 87 -23.51 13.13 -19.79
C GLY D 87 -22.60 13.70 -18.73
N GLY D 88 -22.70 14.97 -18.43
CA GLY D 88 -21.86 15.56 -17.41
C GLY D 88 -20.39 15.58 -17.73
N GLN D 89 -20.03 15.41 -19.01
CA GLN D 89 -18.65 15.33 -19.44
C GLN D 89 -18.11 16.74 -19.56
N ASP D 90 -17.77 17.33 -18.42
CA ASP D 90 -17.49 18.76 -18.36
C ASP D 90 -16.28 19.15 -19.21
N ASP D 91 -15.18 18.40 -19.13
CA ASP D 91 -13.99 18.79 -19.87
C ASP D 91 -14.25 18.80 -21.38
N LEU D 92 -15.09 17.88 -21.87
CA LEU D 92 -15.49 17.95 -23.28
C LEU D 92 -16.21 19.26 -23.57
N LEU D 93 -17.17 19.62 -22.71
CA LEU D 93 -17.93 20.85 -22.90
C LEU D 93 -16.98 22.05 -22.93
N ARG D 94 -16.00 22.08 -22.03
CA ARG D 94 -15.04 23.17 -22.01
C ARG D 94 -14.32 23.27 -23.35
N LEU D 95 -13.86 22.14 -23.91
CA LEU D 95 -13.16 22.22 -25.20
C LEU D 95 -14.09 22.72 -26.30
N LEU D 96 -15.32 22.22 -26.31
CA LEU D 96 -16.25 22.64 -27.34
C LEU D 96 -16.48 24.14 -27.27
N ILE D 97 -16.65 24.67 -26.05
CA ILE D 97 -16.84 26.11 -25.92
C ILE D 97 -15.58 26.86 -26.39
N THR D 98 -14.40 26.37 -26.03
CA THR D 98 -13.18 27.05 -26.47
C THR D 98 -12.83 26.75 -27.91
N LYS D 99 -13.72 26.09 -28.64
CA LYS D 99 -13.56 25.92 -30.08
C LYS D 99 -14.71 26.56 -30.86
N GLY D 100 -15.51 27.39 -30.22
CA GLY D 100 -16.59 28.09 -30.88
C GLY D 100 -17.80 27.25 -31.19
N ALA D 101 -18.14 26.33 -30.30
CA ALA D 101 -19.32 25.50 -30.49
C ALA D 101 -20.51 26.24 -29.90
N LYS D 102 -21.57 26.38 -30.68
CA LYS D 102 -22.77 27.11 -30.25
C LYS D 102 -23.44 26.40 -29.07
N VAL D 103 -23.59 27.16 -27.97
CA VAL D 103 -24.32 26.71 -26.78
C VAL D 103 -25.84 26.68 -26.98
N ASN D 104 -26.41 27.67 -27.69
CA ASN D 104 -27.87 27.77 -27.78
C ASN D 104 -28.37 27.18 -29.10
N GLY D 105 -28.23 25.87 -29.22
CA GLY D 105 -28.97 25.14 -30.23
C GLY D 105 -30.29 24.60 -29.70
N ARG D 106 -31.10 24.09 -30.62
CA ARG D 106 -32.37 23.49 -30.24
C ARG D 106 -32.69 22.31 -31.13
N GLN D 107 -33.30 21.28 -30.55
CA GLN D 107 -33.81 20.13 -31.28
C GLN D 107 -35.17 20.48 -31.91
N LYS D 108 -35.75 19.51 -32.63
CA LYS D 108 -37.07 19.75 -33.20
C LYS D 108 -38.11 19.95 -32.10
N ASN D 109 -37.92 19.32 -30.95
CA ASN D 109 -38.78 19.48 -29.78
C ASN D 109 -38.32 20.63 -28.89
N GLY D 110 -37.36 21.41 -29.35
CA GLY D 110 -37.05 22.66 -28.67
C GLY D 110 -36.23 22.52 -27.41
N THR D 111 -35.37 21.52 -27.32
CA THR D 111 -34.58 21.29 -26.12
C THR D 111 -33.17 21.82 -26.37
N THR D 112 -32.67 22.61 -25.42
CA THR D 112 -31.31 23.11 -25.46
C THR D 112 -30.42 22.32 -24.48
N ALA D 113 -29.11 22.47 -24.67
CA ALA D 113 -28.15 21.73 -23.84
C ALA D 113 -28.39 21.97 -22.36
N LEU D 114 -28.80 23.19 -22.00
CA LEU D 114 -29.10 23.51 -20.61
C LEU D 114 -30.27 22.70 -20.07
N ILE D 115 -31.28 22.47 -20.91
CA ILE D 115 -32.41 21.66 -20.45
C ILE D 115 -31.94 20.24 -20.15
N HIS D 116 -31.13 19.67 -21.04
CA HIS D 116 -30.56 18.34 -20.81
C HIS D 116 -29.76 18.29 -19.50
N ALA D 117 -28.92 19.30 -19.28
CA ALA D 117 -28.18 19.33 -18.02
C ALA D 117 -29.13 19.34 -16.83
N ALA D 118 -30.16 20.19 -16.87
CA ALA D 118 -31.09 20.28 -15.75
C ALA D 118 -31.85 18.97 -15.51
N GLU D 119 -32.20 18.26 -16.59
CA GLU D 119 -32.88 16.98 -16.45
C GLU D 119 -32.11 16.04 -15.53
N LYS D 120 -30.77 16.00 -15.69
CA LYS D 120 -29.94 15.01 -15.02
C LYS D 120 -29.06 15.58 -13.91
N ASN D 121 -29.50 16.67 -13.29
CA ASN D 121 -28.92 17.22 -12.07
C ASN D 121 -27.43 17.51 -12.18
N PHE D 122 -26.93 17.74 -13.38
CA PHE D 122 -25.51 17.98 -13.54
C PHE D 122 -25.26 19.46 -13.25
N LEU D 123 -25.30 19.78 -11.95
CA LEU D 123 -25.14 21.16 -11.49
C LEU D 123 -23.93 21.84 -12.13
N THR D 124 -22.79 21.16 -12.13
CA THR D 124 -21.56 21.76 -12.65
C THR D 124 -21.71 22.10 -14.14
N THR D 125 -22.38 21.23 -14.90
CA THR D 125 -22.62 21.54 -16.32
C THR D 125 -23.58 22.73 -16.48
N VAL D 126 -24.65 22.78 -15.67
CA VAL D 126 -25.53 23.93 -15.72
C VAL D 126 -24.74 25.20 -15.50
N ALA D 127 -23.82 25.17 -14.51
CA ALA D 127 -23.04 26.36 -14.20
C ALA D 127 -22.18 26.77 -15.38
N ILE D 128 -21.53 25.81 -16.05
CA ILE D 128 -20.67 26.22 -17.15
C ILE D 128 -21.48 26.76 -18.33
N LEU D 129 -22.66 26.18 -18.59
CA LEU D 129 -23.50 26.70 -19.66
C LEU D 129 -24.01 28.12 -19.36
N LEU D 130 -24.47 28.36 -18.12
CA LEU D 130 -24.85 29.72 -17.76
C LEU D 130 -23.66 30.67 -17.88
N GLU D 131 -22.45 30.18 -17.61
CA GLU D 131 -21.28 31.02 -17.81
C GLU D 131 -20.97 31.24 -19.27
N ALA D 132 -21.52 30.41 -20.16
CA ALA D 132 -21.29 30.58 -21.59
C ALA D 132 -22.42 31.33 -22.29
N GLY D 133 -23.31 31.97 -21.53
CA GLY D 133 -24.38 32.74 -22.12
C GLY D 133 -25.53 31.92 -22.64
N ALA D 134 -25.90 30.87 -21.93
CA ALA D 134 -26.96 29.99 -22.39
C ALA D 134 -28.31 30.58 -22.03
N PHE D 135 -29.23 30.54 -22.99
CA PHE D 135 -30.58 31.03 -22.77
C PHE D 135 -31.30 30.11 -21.78
N VAL D 136 -31.95 30.72 -20.78
CA VAL D 136 -32.55 29.97 -19.68
C VAL D 136 -34.03 29.69 -19.91
N ASN D 137 -34.76 30.65 -20.49
CA ASN D 137 -36.21 30.60 -20.51
C ASN D 137 -36.79 29.98 -21.79
N VAL D 138 -35.99 29.25 -22.58
CA VAL D 138 -36.51 28.49 -23.71
C VAL D 138 -37.41 27.36 -23.21
N GLN D 139 -38.35 26.96 -24.06
CA GLN D 139 -39.32 25.92 -23.71
C GLN D 139 -39.29 24.76 -24.68
N GLN D 140 -39.67 23.60 -24.17
CA GLN D 140 -39.91 22.41 -24.98
C GLN D 140 -41.27 22.52 -25.67
N SER D 141 -41.54 21.59 -26.57
CA SER D 141 -42.86 21.57 -27.21
C SER D 141 -43.98 21.42 -26.19
N ASN D 142 -43.71 20.84 -25.03
CA ASN D 142 -44.72 20.71 -23.99
C ASN D 142 -44.77 21.94 -23.07
N GLY D 143 -43.90 22.92 -23.28
CA GLY D 143 -43.95 24.14 -22.52
C GLY D 143 -43.17 24.17 -21.22
N GLU D 144 -42.28 23.22 -20.99
CA GLU D 144 -41.55 23.14 -19.73
C GLU D 144 -40.18 23.80 -19.87
N THR D 145 -39.68 24.37 -18.77
CA THR D 145 -38.40 25.06 -18.74
C THR D 145 -37.38 24.28 -17.94
N ALA D 146 -36.12 24.69 -18.05
CA ALA D 146 -35.08 24.09 -17.22
C ALA D 146 -35.43 24.23 -15.74
N LEU D 147 -35.80 25.45 -15.33
CA LEU D 147 -36.16 25.70 -13.94
C LEU D 147 -37.22 24.72 -13.48
N MET D 148 -38.17 24.39 -14.36
CA MET D 148 -39.24 23.45 -14.01
C MET D 148 -38.67 22.06 -13.77
N LYS D 149 -37.72 21.64 -14.59
CA LYS D 149 -37.09 20.34 -14.38
C LYS D 149 -36.39 20.30 -13.02
N ALA D 150 -35.62 21.35 -12.72
CA ALA D 150 -34.90 21.37 -11.44
C ALA D 150 -35.85 21.38 -10.26
N CYS D 151 -36.92 22.18 -10.32
CA CYS D 151 -37.88 22.22 -9.22
C CYS D 151 -38.62 20.89 -9.06
N LYS D 152 -38.99 20.27 -10.17
CA LYS D 152 -39.69 18.99 -10.11
C LYS D 152 -38.82 17.93 -9.45
N ARG D 153 -37.54 17.89 -9.80
CA ARG D 153 -36.63 16.90 -9.24
C ARG D 153 -36.04 17.34 -7.90
N GLY D 154 -36.37 18.52 -7.41
CA GLY D 154 -36.03 18.87 -6.05
C GLY D 154 -34.61 19.35 -5.82
N ASN D 155 -33.96 19.91 -6.84
CA ASN D 155 -32.59 20.38 -6.71
C ASN D 155 -32.58 21.89 -6.48
N SER D 156 -32.46 22.29 -5.22
CA SER D 156 -32.53 23.70 -4.87
C SER D 156 -31.41 24.49 -5.52
N ASP D 157 -30.23 23.89 -5.64
CA ASP D 157 -29.06 24.62 -6.13
C ASP D 157 -29.23 25.03 -7.59
N ILE D 158 -29.70 24.13 -8.45
CA ILE D 158 -29.93 24.52 -9.84
C ILE D 158 -30.97 25.65 -9.89
N VAL D 159 -32.02 25.54 -9.08
CA VAL D 159 -33.06 26.56 -9.05
C VAL D 159 -32.45 27.91 -8.73
N ARG D 160 -31.62 27.96 -7.68
CA ARG D 160 -30.99 29.22 -7.30
C ARG D 160 -30.14 29.75 -8.44
N LEU D 161 -29.36 28.87 -9.08
CA LEU D 161 -28.46 29.35 -10.13
C LEU D 161 -29.21 29.95 -11.30
N VAL D 162 -30.33 29.35 -11.69
CA VAL D 162 -31.04 29.86 -12.87
C VAL D 162 -31.79 31.13 -12.53
N ILE D 163 -32.46 31.18 -11.38
CA ILE D 163 -33.20 32.40 -11.11
C ILE D 163 -32.25 33.56 -10.83
N GLU D 164 -31.04 33.28 -10.34
CA GLU D 164 -30.08 34.36 -10.11
C GLU D 164 -29.54 34.94 -11.41
N CYS D 165 -29.41 34.11 -12.44
CA CYS D 165 -28.95 34.57 -13.75
C CYS D 165 -30.13 35.01 -14.61
N GLY D 166 -31.31 35.16 -14.01
CA GLY D 166 -32.44 35.82 -14.65
C GLY D 166 -33.52 34.95 -15.24
N ALA D 167 -33.94 33.91 -14.54
CA ALA D 167 -35.00 33.04 -15.04
C ALA D 167 -36.37 33.59 -14.66
N ASP D 168 -37.38 33.12 -15.39
CA ASP D 168 -38.76 33.55 -15.18
C ASP D 168 -39.54 32.42 -14.51
N CYS D 169 -40.16 32.72 -13.38
CA CYS D 169 -40.81 31.69 -12.58
C CYS D 169 -42.24 31.42 -12.99
N ASN D 170 -42.96 32.44 -13.49
CA ASN D 170 -44.39 32.35 -13.75
C ASN D 170 -44.73 31.69 -15.08
N ILE D 171 -43.74 31.29 -15.88
CA ILE D 171 -44.04 30.66 -17.15
C ILE D 171 -44.87 29.40 -16.93
N LEU D 172 -45.79 29.13 -17.86
CA LEU D 172 -46.70 27.99 -17.77
C LEU D 172 -46.47 27.00 -18.89
N SER D 173 -46.72 25.72 -18.61
CA SER D 173 -46.58 24.67 -19.60
C SER D 173 -47.90 24.43 -20.33
N LYS D 174 -47.90 23.48 -21.28
CA LYS D 174 -49.11 23.20 -22.04
C LYS D 174 -50.25 22.69 -21.17
N HIS D 175 -49.95 22.18 -19.97
CA HIS D 175 -50.98 21.72 -19.05
C HIS D 175 -51.22 22.71 -17.92
N GLN D 176 -50.75 23.95 -18.10
CA GLN D 176 -51.02 25.01 -17.14
C GLN D 176 -50.45 24.70 -15.76
N ASN D 177 -49.28 24.08 -15.75
CA ASN D 177 -48.51 23.86 -14.53
C ASN D 177 -47.33 24.83 -14.53
N SER D 178 -47.11 25.49 -13.40
CA SER D 178 -46.02 26.44 -13.23
C SER D 178 -44.86 25.76 -12.51
N ALA D 179 -43.72 26.44 -12.53
CA ALA D 179 -42.59 25.95 -11.73
C ALA D 179 -42.99 25.85 -10.27
N LEU D 180 -43.85 26.75 -9.82
CA LEU D 180 -44.29 26.76 -8.44
C LEU D 180 -45.13 25.54 -8.11
N HIS D 181 -45.98 25.11 -9.04
CA HIS D 181 -46.79 23.91 -8.82
C HIS D 181 -45.92 22.67 -8.67
N PHE D 182 -44.91 22.52 -9.55
CA PHE D 182 -43.99 21.40 -9.44
C PHE D 182 -43.19 21.46 -8.14
N ALA D 183 -42.74 22.65 -7.76
CA ALA D 183 -41.98 22.78 -6.52
C ALA D 183 -42.83 22.38 -5.31
N LYS D 184 -44.11 22.80 -5.29
CA LYS D 184 -44.95 22.47 -4.15
C LYS D 184 -45.35 21.00 -4.14
N GLN D 185 -45.57 20.39 -5.31
CA GLN D 185 -45.98 18.98 -5.31
C GLN D 185 -44.82 18.06 -4.94
N SER D 186 -43.60 18.38 -5.37
CA SER D 186 -42.45 17.55 -5.02
C SER D 186 -42.17 17.57 -3.52
N ASN D 187 -42.76 18.51 -2.80
CA ASN D 187 -42.63 18.57 -1.34
C ASN D 187 -41.17 18.66 -0.91
N ASN D 188 -40.43 19.54 -1.58
CA ASN D 188 -39.07 19.90 -1.17
C ASN D 188 -39.11 21.37 -0.79
N VAL D 189 -39.09 21.64 0.51
CA VAL D 189 -39.46 22.96 1.01
C VAL D 189 -38.48 24.05 0.53
N LEU D 190 -37.20 23.72 0.43
CA LEU D 190 -36.21 24.74 0.08
C LEU D 190 -36.48 25.32 -1.30
N VAL D 191 -36.84 24.46 -2.25
CA VAL D 191 -37.06 24.90 -3.63
C VAL D 191 -38.23 25.88 -3.69
N TYR D 192 -39.34 25.52 -3.05
CA TYR D 192 -40.55 26.34 -3.13
C TYR D 192 -40.39 27.60 -2.29
N ASP D 193 -39.61 27.55 -1.21
CA ASP D 193 -39.24 28.78 -0.52
C ASP D 193 -38.42 29.71 -1.42
N LEU D 194 -37.44 29.16 -2.14
CA LEU D 194 -36.64 29.98 -3.04
C LEU D 194 -37.52 30.69 -4.07
N LEU D 195 -38.38 29.94 -4.74
CA LEU D 195 -39.23 30.53 -5.76
C LEU D 195 -40.14 31.60 -5.18
N LYS D 196 -40.80 31.29 -4.06
CA LYS D 196 -41.76 32.23 -3.51
C LYS D 196 -41.08 33.50 -3.05
N ASN D 197 -39.91 33.41 -2.40
CA ASN D 197 -39.22 34.62 -2.00
C ASN D 197 -38.76 35.43 -3.21
N HIS D 198 -38.32 34.76 -4.28
CA HIS D 198 -37.92 35.52 -5.47
C HIS D 198 -39.09 36.33 -6.01
N LEU D 199 -40.27 35.71 -6.14
CA LEU D 199 -41.40 36.45 -6.69
C LEU D 199 -41.88 37.54 -5.74
N GLU D 200 -41.83 37.29 -4.43
CA GLU D 200 -42.17 38.35 -3.48
C GLU D 200 -41.24 39.54 -3.71
N THR D 201 -39.96 39.28 -3.90
CA THR D 201 -39.00 40.36 -4.16
C THR D 201 -39.35 41.11 -5.44
N LEU D 202 -39.71 40.40 -6.51
CA LEU D 202 -40.06 41.06 -7.77
C LEU D 202 -41.26 42.00 -7.60
N SER D 203 -42.35 41.50 -7.02
CA SER D 203 -43.54 42.34 -6.87
C SER D 203 -43.24 43.53 -5.97
N ARG D 204 -42.45 43.30 -4.91
CA ARG D 204 -42.11 44.38 -4.01
C ARG D 204 -41.33 45.48 -4.73
N VAL D 205 -40.35 45.09 -5.56
CA VAL D 205 -39.56 46.11 -6.24
C VAL D 205 -40.40 46.83 -7.30
N ALA D 206 -41.36 46.14 -7.92
CA ALA D 206 -42.26 46.84 -8.84
C ALA D 206 -43.04 47.94 -8.13
N GLU D 207 -43.63 47.60 -6.98
CA GLU D 207 -44.34 48.61 -6.20
C GLU D 207 -43.42 49.78 -5.86
N GLU D 208 -42.21 49.48 -5.37
CA GLU D 208 -41.30 50.55 -4.96
C GLU D 208 -40.95 51.48 -6.12
N THR D 209 -40.64 50.91 -7.28
CA THR D 209 -40.22 51.76 -8.40
C THR D 209 -41.38 52.61 -8.91
N ILE D 210 -42.59 52.04 -8.98
CA ILE D 210 -43.71 52.87 -9.42
C ILE D 210 -43.98 53.98 -8.42
N LYS D 211 -43.84 53.70 -7.12
CA LYS D 211 -43.98 54.76 -6.13
C LYS D 211 -42.96 55.87 -6.39
N ASP D 212 -41.70 55.48 -6.65
CA ASP D 212 -40.65 56.49 -6.82
C ASP D 212 -40.90 57.36 -8.05
N TYR D 213 -41.35 56.76 -9.16
CA TYR D 213 -41.38 57.50 -10.42
C TYR D 213 -42.63 58.37 -10.58
N PHE D 214 -43.72 58.04 -9.90
CA PHE D 214 -44.95 58.83 -9.95
C PHE D 214 -45.19 59.64 -8.67
N GLU D 215 -44.20 59.78 -7.81
CA GLU D 215 -44.29 60.65 -6.64
C GLU D 215 -45.50 60.31 -5.77
N ALA D 216 -45.92 59.05 -5.79
CA ALA D 216 -46.96 58.49 -4.93
C ALA D 216 -48.35 59.05 -5.23
N ARG D 217 -48.49 59.93 -6.22
CA ARG D 217 -49.84 60.33 -6.65
C ARG D 217 -50.56 59.17 -7.31
N LEU D 218 -49.85 58.10 -7.62
CA LEU D 218 -50.41 56.90 -8.23
C LEU D 218 -50.09 55.71 -7.34
N ALA D 219 -51.01 54.75 -7.29
CA ALA D 219 -50.89 53.58 -6.43
C ALA D 219 -51.40 52.35 -7.14
N LEU D 220 -50.59 51.30 -7.15
CA LEU D 220 -51.01 50.04 -7.74
C LEU D 220 -52.14 49.40 -6.95
N LEU D 221 -53.04 48.72 -7.66
CA LEU D 221 -54.22 48.14 -7.06
C LEU D 221 -54.20 46.61 -7.07
N GLU D 222 -54.08 46.00 -8.25
CA GLU D 222 -54.19 44.55 -8.37
C GLU D 222 -53.52 44.10 -9.66
N PRO D 223 -52.59 43.16 -9.61
CA PRO D 223 -51.98 42.66 -10.86
C PRO D 223 -53.02 42.02 -11.76
N VAL D 224 -52.86 42.21 -13.07
CA VAL D 224 -53.79 41.59 -14.00
C VAL D 224 -53.39 40.16 -14.31
N PHE D 225 -52.09 39.86 -14.27
CA PHE D 225 -51.52 38.61 -14.78
C PHE D 225 -50.08 38.52 -14.33
N PRO D 226 -49.60 37.32 -14.02
CA PRO D 226 -48.32 37.16 -13.31
C PRO D 226 -47.16 37.84 -14.01
N ILE D 227 -46.50 38.76 -13.28
CA ILE D 227 -45.38 39.50 -13.85
C ILE D 227 -44.37 38.53 -14.41
N ALA D 228 -43.91 38.81 -15.62
CA ALA D 228 -42.98 37.93 -16.30
C ALA D 228 -41.61 38.60 -16.42
N CYS D 229 -40.59 37.78 -16.70
CA CYS D 229 -39.22 38.23 -16.78
C CYS D 229 -38.64 37.79 -18.11
N HIS D 230 -37.96 38.71 -18.79
CA HIS D 230 -37.42 38.47 -20.13
C HIS D 230 -35.97 38.92 -20.22
N ARG D 231 -35.10 38.03 -20.67
CA ARG D 231 -33.69 38.34 -20.86
C ARG D 231 -33.49 38.92 -22.26
N LEU D 232 -33.00 40.15 -22.34
CA LEU D 232 -32.81 40.79 -23.65
C LEU D 232 -31.84 40.01 -24.52
N CYS D 233 -30.76 39.51 -23.93
CA CYS D 233 -29.79 38.75 -24.72
C CYS D 233 -30.45 37.55 -25.38
N GLU D 234 -31.56 37.04 -24.82
CA GLU D 234 -32.17 35.83 -25.37
C GLU D 234 -32.87 36.10 -26.69
N GLY D 235 -33.41 37.31 -26.90
CA GLY D 235 -34.01 37.64 -28.17
C GLY D 235 -34.76 38.96 -28.19
N PRO D 236 -35.09 39.44 -29.40
CA PRO D 236 -35.81 40.71 -29.52
C PRO D 236 -37.32 40.62 -29.49
N ASP D 237 -37.87 39.43 -29.57
CA ASP D 237 -39.32 39.23 -29.53
C ASP D 237 -39.72 38.78 -28.13
N PHE D 238 -40.94 39.11 -27.75
CA PHE D 238 -41.50 38.62 -26.50
C PHE D 238 -42.99 38.34 -26.67
N SER D 239 -43.46 37.22 -26.12
CA SER D 239 -44.81 36.76 -26.33
C SER D 239 -45.33 36.19 -25.02
N THR D 240 -46.64 36.30 -24.83
CA THR D 240 -47.28 35.59 -23.72
C THR D 240 -48.78 35.51 -23.97
N ASP D 241 -49.41 34.57 -23.26
CA ASP D 241 -50.85 34.38 -23.28
C ASP D 241 -51.33 34.39 -21.84
N PHE D 242 -52.36 35.20 -21.56
CA PHE D 242 -52.86 35.29 -20.19
C PHE D 242 -54.38 35.29 -20.21
N ASN D 243 -54.95 35.28 -18.99
CA ASN D 243 -56.39 35.28 -18.80
C ASN D 243 -56.75 36.44 -17.88
N TYR D 244 -57.78 37.20 -18.27
CA TYR D 244 -58.19 38.39 -17.53
C TYR D 244 -59.61 38.18 -17.04
N LYS D 245 -59.79 38.22 -15.71
CA LYS D 245 -61.09 38.04 -15.07
C LYS D 245 -61.39 39.30 -14.27
N PRO D 246 -62.23 40.21 -14.78
CA PRO D 246 -62.40 41.48 -14.10
C PRO D 246 -63.13 41.31 -12.78
N PRO D 247 -62.79 42.11 -11.77
CA PRO D 247 -63.59 42.11 -10.53
C PRO D 247 -64.88 42.93 -10.69
N GLN D 248 -65.86 42.59 -9.85
CA GLN D 248 -67.16 43.24 -9.92
C GLN D 248 -67.03 44.74 -9.71
N ASN D 249 -66.29 45.15 -8.67
CA ASN D 249 -66.13 46.54 -8.31
C ASN D 249 -64.95 47.15 -9.06
N ILE D 250 -65.23 47.99 -10.05
CA ILE D 250 -64.21 48.79 -10.71
C ILE D 250 -64.31 50.20 -10.18
N PRO D 251 -63.31 50.70 -9.43
CA PRO D 251 -63.39 52.08 -8.93
C PRO D 251 -63.34 53.07 -10.09
N GLU D 252 -64.43 53.81 -10.28
CA GLU D 252 -64.47 54.75 -11.38
C GLU D 252 -63.31 55.71 -11.23
N GLY D 253 -62.59 55.94 -12.33
CA GLY D 253 -61.31 56.61 -12.25
C GLY D 253 -60.10 55.70 -12.13
N SER D 254 -60.27 54.41 -12.34
CA SER D 254 -59.18 53.44 -12.28
C SER D 254 -58.99 52.85 -13.67
N GLY D 255 -57.73 52.49 -13.98
CA GLY D 255 -57.42 51.99 -15.31
C GLY D 255 -56.28 50.99 -15.29
N ILE D 256 -56.10 50.32 -16.43
CA ILE D 256 -55.08 49.29 -16.58
C ILE D 256 -53.91 49.87 -17.35
N LEU D 257 -52.69 49.60 -16.88
CA LEU D 257 -51.47 50.05 -17.53
C LEU D 257 -50.48 48.91 -17.61
N LEU D 258 -49.74 48.86 -18.72
CA LEU D 258 -48.63 47.91 -18.88
C LEU D 258 -47.32 48.63 -18.56
N PHE D 259 -46.52 48.03 -17.69
CA PHE D 259 -45.22 48.53 -17.30
C PHE D 259 -44.16 47.55 -17.80
N ILE D 260 -43.06 48.10 -18.33
CA ILE D 260 -41.88 47.33 -18.72
C ILE D 260 -40.70 47.88 -17.93
N PHE D 261 -40.45 47.33 -16.75
CA PHE D 261 -39.32 47.80 -15.95
C PHE D 261 -38.02 47.23 -16.51
N HIS D 262 -37.01 48.08 -16.63
CA HIS D 262 -35.66 47.66 -17.05
C HIS D 262 -34.85 47.39 -15.79
N ALA D 263 -34.46 46.12 -15.59
CA ALA D 263 -33.96 45.65 -14.30
C ALA D 263 -32.64 44.92 -14.48
N ASN D 264 -31.87 44.93 -13.40
CA ASN D 264 -30.63 44.17 -13.29
C ASN D 264 -30.71 43.29 -12.06
N PHE D 265 -30.34 42.02 -12.20
CA PHE D 265 -30.23 41.14 -11.05
C PHE D 265 -28.74 41.13 -10.69
N LEU D 266 -28.40 41.77 -9.58
CA LEU D 266 -27.04 41.75 -9.05
C LEU D 266 -27.10 40.80 -7.85
N GLY D 267 -26.82 39.53 -8.11
CA GLY D 267 -26.86 38.53 -7.07
C GLY D 267 -28.31 38.22 -6.76
N LYS D 268 -28.72 38.44 -5.52
CA LYS D 268 -30.12 38.32 -5.15
C LYS D 268 -30.79 39.68 -5.07
N GLU D 269 -30.09 40.75 -5.38
CA GLU D 269 -30.64 42.09 -5.32
C GLU D 269 -31.12 42.43 -6.73
N VAL D 270 -32.35 42.93 -6.82
CA VAL D 270 -32.97 43.29 -8.09
C VAL D 270 -33.23 44.79 -8.05
N ILE D 271 -32.74 45.50 -9.07
CA ILE D 271 -32.98 46.94 -9.16
C ILE D 271 -33.60 47.21 -10.52
N ALA D 272 -34.61 48.08 -10.55
CA ALA D 272 -35.40 48.32 -11.75
C ALA D 272 -35.60 49.80 -11.98
N ARG D 273 -35.91 50.14 -13.22
CA ARG D 273 -36.08 51.53 -13.62
C ARG D 273 -37.20 51.66 -14.64
N LEU D 274 -37.80 52.86 -14.69
CA LEU D 274 -38.78 53.23 -15.72
C LEU D 274 -38.31 54.44 -16.52
N CYS D 275 -37.00 54.70 -16.52
CA CYS D 275 -36.40 55.75 -17.35
C CYS D 275 -35.14 55.23 -18.03
N GLY D 276 -34.42 56.12 -18.71
CA GLY D 276 -33.18 55.78 -19.39
C GLY D 276 -33.41 55.10 -20.72
N PRO D 277 -32.35 54.55 -21.30
CA PRO D 277 -32.50 53.90 -22.61
C PRO D 277 -33.59 52.85 -22.55
N CYS D 278 -34.45 52.85 -23.56
CA CYS D 278 -35.59 51.95 -23.61
C CYS D 278 -35.38 50.95 -24.74
N SER D 279 -35.73 49.69 -24.47
CA SER D 279 -35.59 48.63 -25.45
C SER D 279 -36.93 48.26 -26.06
N VAL D 280 -37.98 49.04 -25.80
CA VAL D 280 -39.31 48.76 -26.26
C VAL D 280 -39.58 49.57 -27.53
N GLN D 281 -39.90 48.86 -28.60
CA GLN D 281 -40.29 49.44 -29.87
C GLN D 281 -41.78 49.32 -30.15
N ALA D 282 -42.39 48.19 -29.83
CA ALA D 282 -43.80 48.06 -30.17
C ALA D 282 -44.50 47.06 -29.27
N VAL D 283 -45.79 47.33 -28.99
CA VAL D 283 -46.62 46.46 -28.18
C VAL D 283 -47.90 46.16 -28.96
N VAL D 284 -48.25 44.87 -29.04
CA VAL D 284 -49.40 44.38 -29.81
C VAL D 284 -50.24 43.55 -28.86
N LEU D 285 -51.44 44.03 -28.56
CA LEU D 285 -52.41 43.31 -27.73
C LEU D 285 -53.53 42.84 -28.64
N ASN D 286 -53.55 41.54 -28.93
CA ASN D 286 -54.59 40.93 -29.75
C ASN D 286 -54.61 41.51 -31.16
N ASP D 287 -53.43 41.67 -31.77
CA ASP D 287 -53.21 42.16 -33.11
C ASP D 287 -53.54 43.64 -33.26
N LYS D 288 -53.95 44.31 -32.18
CA LYS D 288 -54.20 45.75 -32.18
C LYS D 288 -53.09 46.43 -31.40
N PHE D 289 -52.32 47.29 -32.08
CA PHE D 289 -51.22 47.96 -31.39
C PHE D 289 -51.75 48.80 -30.24
N GLN D 290 -51.01 48.81 -29.14
CA GLN D 290 -51.27 49.69 -28.00
C GLN D 290 -50.31 50.86 -28.06
N LEU D 291 -50.76 52.01 -27.57
CA LEU D 291 -49.97 53.22 -27.71
C LEU D 291 -49.39 53.64 -26.36
N PRO D 292 -48.18 54.19 -26.34
CA PRO D 292 -47.62 54.62 -25.05
C PRO D 292 -48.51 55.68 -24.42
N VAL D 293 -48.61 55.64 -23.10
CA VAL D 293 -49.38 56.66 -22.41
C VAL D 293 -48.67 58.00 -22.53
N PHE D 294 -47.34 57.98 -22.57
CA PHE D 294 -46.54 59.18 -22.78
C PHE D 294 -45.87 59.06 -24.14
N LEU D 295 -45.68 60.18 -24.82
CA LEU D 295 -44.95 60.17 -26.08
C LEU D 295 -43.46 60.38 -25.89
N ASP D 296 -43.03 60.88 -24.74
CA ASP D 296 -41.61 61.07 -24.45
C ASP D 296 -40.93 59.81 -23.92
N SER D 297 -41.71 58.79 -23.53
CA SER D 297 -41.16 57.57 -22.96
C SER D 297 -42.00 56.40 -23.44
N HIS D 298 -41.37 55.21 -23.47
CA HIS D 298 -42.05 54.00 -23.92
C HIS D 298 -42.10 52.92 -22.86
N PHE D 299 -41.94 53.27 -21.58
CA PHE D 299 -41.96 52.26 -20.53
C PHE D 299 -43.36 52.00 -19.99
N VAL D 300 -44.24 52.98 -20.08
CA VAL D 300 -45.62 52.85 -19.62
C VAL D 300 -46.51 52.93 -20.85
N TYR D 301 -47.21 51.83 -21.15
CA TYR D 301 -48.17 51.83 -22.24
C TYR D 301 -49.60 51.66 -21.72
N SER D 302 -50.54 52.20 -22.52
CA SER D 302 -51.95 51.90 -22.34
C SER D 302 -52.20 50.43 -22.63
N PHE D 303 -53.02 49.81 -21.79
CA PHE D 303 -53.27 48.36 -21.84
C PHE D 303 -54.76 48.18 -21.59
N SER D 304 -55.51 47.87 -22.64
CA SER D 304 -56.96 47.68 -22.57
C SER D 304 -57.26 46.25 -22.99
N PRO D 305 -57.08 45.29 -22.08
CA PRO D 305 -57.38 43.90 -22.41
C PRO D 305 -58.86 43.60 -22.33
N VAL D 306 -59.26 42.53 -23.01
CA VAL D 306 -60.63 42.04 -22.93
C VAL D 306 -60.66 40.83 -21.99
N ALA D 307 -61.81 40.61 -21.38
CA ALA D 307 -61.98 39.51 -20.44
C ALA D 307 -61.88 38.18 -21.19
N GLY D 308 -61.27 37.19 -20.54
CA GLY D 308 -61.02 35.92 -21.15
C GLY D 308 -59.57 35.82 -21.57
N PRO D 309 -59.31 35.06 -22.63
CA PRO D 309 -57.92 34.90 -23.11
C PRO D 309 -57.43 36.09 -23.91
N ASN D 310 -56.19 36.48 -23.64
CA ASN D 310 -55.53 37.58 -24.32
C ASN D 310 -54.12 37.16 -24.71
N LYS D 311 -53.65 37.70 -25.84
CA LYS D 311 -52.33 37.39 -26.39
C LYS D 311 -51.55 38.68 -26.53
N LEU D 312 -50.37 38.72 -25.91
CA LEU D 312 -49.51 39.90 -25.86
C LEU D 312 -48.23 39.63 -26.61
N PHE D 313 -47.78 40.62 -27.39
CA PHE D 313 -46.51 40.55 -28.12
C PHE D 313 -45.76 41.88 -28.08
N ILE D 314 -44.47 41.82 -27.76
CA ILE D 314 -43.64 43.03 -27.70
C ILE D 314 -42.43 42.86 -28.61
N ARG D 315 -42.12 43.91 -29.37
CA ARG D 315 -40.90 44.00 -30.17
C ARG D 315 -39.93 44.94 -29.48
N LEU D 316 -38.66 44.47 -29.36
CA LEU D 316 -37.61 45.05 -28.56
C LEU D 316 -36.38 45.33 -29.43
N THR D 317 -35.41 46.01 -28.84
CA THR D 317 -34.11 46.22 -29.46
C THR D 317 -33.29 44.92 -29.45
N GLU D 318 -32.33 44.87 -30.38
CA GLU D 318 -31.41 43.74 -30.49
C GLU D 318 -30.08 44.15 -29.85
N ALA D 319 -29.82 43.61 -28.66
CA ALA D 319 -28.53 43.81 -27.99
C ALA D 319 -28.09 42.46 -27.41
N PRO D 320 -27.41 41.64 -28.21
CA PRO D 320 -27.04 40.30 -27.72
C PRO D 320 -26.11 40.32 -26.52
N SER D 321 -25.42 41.43 -26.27
CA SER D 321 -24.52 41.56 -25.14
C SER D 321 -25.14 42.32 -23.98
N ALA D 322 -26.40 42.72 -24.10
CA ALA D 322 -27.06 43.41 -23.01
C ALA D 322 -27.31 42.46 -21.85
N LYS D 323 -26.92 42.89 -20.65
CA LYS D 323 -27.13 42.12 -19.43
C LYS D 323 -28.37 42.60 -18.68
N VAL D 324 -29.43 42.94 -19.42
CA VAL D 324 -30.61 43.58 -18.87
C VAL D 324 -31.80 42.61 -18.89
N LYS D 325 -32.54 42.61 -17.80
CA LYS D 325 -33.79 41.87 -17.68
C LYS D 325 -34.96 42.83 -17.76
N LEU D 326 -36.08 42.36 -18.32
CA LEU D 326 -37.28 43.17 -18.48
C LEU D 326 -38.39 42.55 -17.64
N LEU D 327 -38.92 43.31 -16.70
CA LEU D 327 -40.00 42.87 -15.82
C LEU D 327 -41.28 43.44 -16.41
N ILE D 328 -42.12 42.57 -16.94
CA ILE D 328 -43.27 42.94 -17.75
C ILE D 328 -44.52 42.62 -16.95
N GLY D 329 -45.29 43.66 -16.63
CA GLY D 329 -46.48 43.48 -15.82
C GLY D 329 -47.57 44.50 -16.09
N ALA D 330 -48.81 44.03 -16.16
CA ALA D 330 -49.97 44.88 -16.44
C ALA D 330 -50.81 44.91 -15.18
N TYR D 331 -51.00 46.10 -14.60
CA TYR D 331 -51.75 46.22 -13.37
C TYR D 331 -52.89 47.22 -13.52
N ARG D 332 -53.93 47.02 -12.71
CA ARG D 332 -54.94 48.04 -12.46
C ARG D 332 -54.38 49.08 -11.50
N VAL D 333 -54.89 50.30 -11.58
CA VAL D 333 -54.29 51.40 -10.84
C VAL D 333 -55.32 52.48 -10.61
N GLN D 334 -55.16 53.19 -9.48
CA GLN D 334 -55.98 54.29 -9.01
C GLN D 334 -55.13 55.54 -8.91
N LEU D 335 -55.74 56.71 -9.12
CA LEU D 335 -55.00 57.96 -9.14
C LEU D 335 -55.10 58.57 -7.74
N GLN D 336 -54.30 58.01 -6.83
CA GLN D 336 -54.28 58.41 -5.43
C GLN D 336 -53.37 59.62 -5.19
N ILE E 41 21.12 -58.38 -59.33
CA ILE E 41 21.49 -58.24 -57.92
C ILE E 41 20.36 -58.79 -57.04
N PRO E 42 20.67 -59.78 -56.19
CA PRO E 42 19.61 -60.38 -55.36
C PRO E 42 18.94 -59.39 -54.43
N SER E 43 17.96 -59.85 -53.67
CA SER E 43 17.20 -59.03 -52.73
C SER E 43 17.75 -59.10 -51.31
N ASN E 44 18.03 -60.31 -50.82
CA ASN E 44 18.64 -60.47 -49.49
C ASN E 44 19.95 -59.68 -49.38
N VAL E 45 20.65 -59.48 -50.50
CA VAL E 45 21.93 -58.78 -50.44
C VAL E 45 21.74 -57.37 -49.88
N LEU E 46 20.69 -56.67 -50.32
CA LEU E 46 20.45 -55.31 -49.85
C LEU E 46 20.14 -55.27 -48.36
N ARG E 47 19.54 -56.33 -47.80
CA ARG E 47 19.26 -56.33 -46.38
C ARG E 47 20.55 -56.20 -45.57
N ASP E 48 21.53 -57.08 -45.83
CA ASP E 48 22.80 -56.98 -45.13
C ASP E 48 23.60 -55.76 -45.56
N ALA E 49 23.47 -55.32 -46.82
CA ALA E 49 24.14 -54.11 -47.26
C ALA E 49 23.66 -52.92 -46.44
N VAL E 50 22.36 -52.83 -46.21
CA VAL E 50 21.80 -51.77 -45.37
C VAL E 50 22.24 -51.96 -43.92
N LYS E 51 22.25 -53.20 -43.45
CA LYS E 51 22.72 -53.46 -42.09
C LYS E 51 24.21 -53.14 -41.91
N ASN E 52 25.00 -53.15 -42.99
CA ASN E 52 26.43 -52.90 -42.87
C ASN E 52 26.84 -51.49 -43.26
N GLY E 53 25.99 -50.74 -43.97
CA GLY E 53 26.32 -49.40 -44.38
C GLY E 53 27.21 -49.37 -45.61
N ASP E 54 26.81 -50.06 -46.67
CA ASP E 54 27.54 -50.13 -47.93
C ASP E 54 26.90 -49.13 -48.88
N TYR E 55 27.38 -47.89 -48.84
CA TYR E 55 26.73 -46.78 -49.53
C TYR E 55 26.75 -46.93 -51.05
N ILE E 56 27.86 -47.40 -51.62
CA ILE E 56 27.95 -47.53 -53.07
C ILE E 56 27.06 -48.67 -53.58
N THR E 57 27.02 -49.79 -52.86
CA THR E 57 26.18 -50.91 -53.27
C THR E 57 24.74 -50.47 -53.49
N VAL E 58 24.18 -49.79 -52.48
CA VAL E 58 22.81 -49.34 -52.57
C VAL E 58 22.68 -48.23 -53.62
N LYS E 59 23.70 -47.38 -53.72
CA LYS E 59 23.65 -46.31 -54.73
C LYS E 59 23.50 -46.89 -56.13
N VAL E 60 24.28 -47.92 -56.46
CA VAL E 60 24.17 -48.53 -57.78
C VAL E 60 22.84 -49.28 -57.92
N ALA E 61 22.48 -50.09 -56.93
CA ALA E 61 21.23 -50.85 -57.05
C ALA E 61 20.02 -49.92 -57.16
N LEU E 62 20.13 -48.72 -56.59
CA LEU E 62 19.01 -47.78 -56.60
C LEU E 62 18.98 -46.90 -57.83
N ASN E 63 20.10 -46.76 -58.55
CA ASN E 63 20.10 -46.08 -59.84
C ASN E 63 20.01 -47.04 -61.02
N SER E 64 19.93 -48.35 -60.77
CA SER E 64 19.82 -49.33 -61.83
C SER E 64 18.36 -49.46 -62.25
N ASN E 65 18.15 -50.09 -63.41
CA ASN E 65 16.81 -50.27 -63.94
C ASN E 65 16.10 -51.47 -63.34
N GLU E 66 16.45 -51.88 -62.14
CA GLU E 66 15.85 -53.04 -61.49
C GLU E 66 14.99 -52.53 -60.35
N GLU E 67 13.77 -53.05 -60.25
CA GLU E 67 12.77 -52.63 -59.29
C GLU E 67 12.78 -53.50 -58.05
N TYR E 68 13.07 -52.90 -56.90
CA TYR E 68 13.05 -53.60 -55.63
C TYR E 68 11.96 -53.05 -54.72
N ASN E 69 11.46 -53.94 -53.84
CA ASN E 69 10.46 -53.59 -52.82
C ASN E 69 11.19 -53.02 -51.61
N LEU E 70 11.06 -51.71 -51.39
CA LEU E 70 11.79 -51.03 -50.34
C LEU E 70 11.20 -51.17 -48.94
N ASP E 71 10.17 -52.02 -48.74
CA ASP E 71 9.53 -52.10 -47.43
C ASP E 71 9.45 -53.49 -46.82
N GLN E 72 10.23 -54.48 -47.29
CA GLN E 72 10.14 -55.80 -46.68
C GLN E 72 10.54 -55.75 -45.21
N GLU E 73 9.86 -56.54 -44.39
CA GLU E 73 10.07 -56.58 -42.94
C GLU E 73 10.42 -58.01 -42.54
N ASP E 74 11.50 -58.16 -41.78
CA ASP E 74 11.95 -59.46 -41.31
C ASP E 74 11.04 -60.00 -40.22
N SER E 75 11.44 -61.13 -39.65
CA SER E 75 10.70 -61.76 -38.56
C SER E 75 10.44 -60.79 -37.43
N SER E 76 11.44 -59.96 -37.10
CA SER E 76 11.25 -58.93 -36.08
C SER E 76 10.19 -57.92 -36.50
N GLY E 77 10.18 -57.56 -37.79
CA GLY E 77 9.28 -56.56 -38.31
C GLY E 77 9.93 -55.29 -38.77
N MET E 78 11.26 -55.20 -38.70
CA MET E 78 11.98 -54.01 -39.12
C MET E 78 12.07 -53.94 -40.64
N THR E 79 11.78 -52.77 -41.19
CA THR E 79 11.94 -52.51 -42.61
C THR E 79 13.31 -51.90 -42.86
N LEU E 80 13.63 -51.72 -44.15
CA LEU E 80 14.93 -51.15 -44.51
C LEU E 80 15.11 -49.78 -43.89
N VAL E 81 14.03 -48.99 -43.81
CA VAL E 81 14.09 -47.69 -43.18
C VAL E 81 14.54 -47.83 -41.73
N MET E 82 14.00 -48.83 -41.03
CA MET E 82 14.30 -48.98 -39.61
C MET E 82 15.70 -49.51 -39.38
N LEU E 83 16.19 -50.38 -40.27
CA LEU E 83 17.58 -50.81 -40.19
C LEU E 83 18.53 -49.63 -40.42
N ALA E 84 18.34 -48.88 -41.50
CA ALA E 84 19.19 -47.74 -41.77
C ALA E 84 19.16 -46.74 -40.62
N ALA E 85 17.97 -46.49 -40.05
CA ALA E 85 17.87 -45.54 -38.94
C ALA E 85 18.51 -46.08 -37.67
N ALA E 86 18.57 -47.40 -37.52
CA ALA E 86 19.19 -47.96 -36.33
C ALA E 86 20.69 -47.69 -36.29
N GLY E 87 21.36 -47.70 -37.43
CA GLY E 87 22.79 -47.52 -37.50
C GLY E 87 23.29 -46.12 -37.75
N GLY E 88 22.44 -45.11 -37.66
CA GLY E 88 22.93 -43.77 -37.89
C GLY E 88 23.44 -43.54 -39.28
N GLN E 89 23.06 -44.40 -40.24
CA GLN E 89 23.54 -44.28 -41.60
C GLN E 89 22.67 -43.27 -42.36
N ASP E 90 22.96 -42.00 -42.12
CA ASP E 90 22.08 -40.93 -42.60
C ASP E 90 22.02 -40.89 -44.12
N ASP E 91 23.17 -41.05 -44.79
CA ASP E 91 23.22 -41.01 -46.24
C ASP E 91 22.35 -42.08 -46.87
N LEU E 92 22.25 -43.25 -46.24
CA LEU E 92 21.29 -44.25 -46.67
C LEU E 92 19.86 -43.76 -46.53
N LEU E 93 19.56 -43.13 -45.38
CA LEU E 93 18.21 -42.63 -45.15
C LEU E 93 17.78 -41.67 -46.24
N ARG E 94 18.68 -40.76 -46.66
CA ARG E 94 18.28 -39.79 -47.67
C ARG E 94 17.80 -40.49 -48.95
N LEU E 95 18.54 -41.51 -49.41
CA LEU E 95 18.10 -42.23 -50.61
C LEU E 95 16.79 -42.98 -50.37
N LEU E 96 16.66 -43.61 -49.20
CA LEU E 96 15.43 -44.36 -48.93
C LEU E 96 14.22 -43.43 -48.93
N ILE E 97 14.37 -42.21 -48.38
CA ILE E 97 13.29 -41.25 -48.40
C ILE E 97 12.99 -40.81 -49.83
N THR E 98 14.02 -40.54 -50.62
CA THR E 98 13.79 -40.17 -52.02
C THR E 98 13.46 -41.38 -52.91
N LYS E 99 13.25 -42.56 -52.32
CA LYS E 99 12.80 -43.73 -53.07
C LYS E 99 11.47 -44.27 -52.58
N GLY E 100 10.76 -43.54 -51.74
CA GLY E 100 9.43 -43.94 -51.31
C GLY E 100 9.44 -45.12 -50.37
N ALA E 101 10.01 -44.93 -49.19
CA ALA E 101 10.08 -45.97 -48.18
C ALA E 101 9.34 -45.46 -46.95
N LYS E 102 8.41 -46.25 -46.45
CA LYS E 102 7.58 -45.81 -45.35
C LYS E 102 8.43 -45.53 -44.12
N VAL E 103 8.41 -44.26 -43.70
CA VAL E 103 9.02 -43.85 -42.44
C VAL E 103 8.23 -44.41 -41.27
N ASN E 104 6.90 -44.38 -41.38
CA ASN E 104 6.02 -44.79 -40.29
C ASN E 104 5.56 -46.23 -40.50
N GLY E 105 6.52 -47.14 -40.33
CA GLY E 105 6.21 -48.54 -40.12
C GLY E 105 6.00 -48.83 -38.65
N ARG E 106 5.64 -50.08 -38.36
CA ARG E 106 5.43 -50.47 -36.98
C ARG E 106 6.07 -51.82 -36.76
N GLN E 107 6.74 -51.96 -35.62
CA GLN E 107 7.24 -53.27 -35.25
C GLN E 107 6.10 -54.08 -34.63
N LYS E 108 6.38 -55.35 -34.38
CA LYS E 108 5.45 -56.20 -33.67
C LYS E 108 5.35 -55.79 -32.20
N ASN E 109 6.40 -55.19 -31.65
CA ASN E 109 6.33 -54.52 -30.36
C ASN E 109 5.86 -53.08 -30.53
N GLY E 110 5.50 -52.69 -31.75
CA GLY E 110 4.92 -51.40 -32.01
C GLY E 110 5.91 -50.28 -32.12
N THR E 111 7.12 -50.56 -32.62
CA THR E 111 8.21 -49.59 -32.71
C THR E 111 8.42 -49.13 -34.14
N THR E 112 8.55 -47.82 -34.32
CA THR E 112 8.86 -47.20 -35.60
C THR E 112 10.33 -46.79 -35.65
N ALA E 113 10.79 -46.46 -36.86
CA ALA E 113 12.17 -46.04 -37.07
C ALA E 113 12.55 -44.86 -36.16
N LEU E 114 11.62 -43.92 -35.96
CA LEU E 114 11.90 -42.79 -35.09
C LEU E 114 12.19 -43.24 -33.67
N ILE E 115 11.48 -44.26 -33.20
CA ILE E 115 11.73 -44.77 -31.84
C ILE E 115 13.14 -45.34 -31.74
N HIS E 116 13.55 -46.12 -32.75
CA HIS E 116 14.93 -46.62 -32.75
C HIS E 116 15.92 -45.46 -32.68
N ALA E 117 15.74 -44.46 -33.56
CA ALA E 117 16.66 -43.34 -33.56
C ALA E 117 16.75 -42.72 -32.18
N ALA E 118 15.61 -42.54 -31.50
CA ALA E 118 15.66 -41.98 -30.16
C ALA E 118 16.42 -42.90 -29.22
N GLU E 119 16.20 -44.21 -29.34
CA GLU E 119 16.89 -45.18 -28.50
C GLU E 119 18.40 -45.00 -28.56
N LYS E 120 18.94 -44.71 -29.75
CA LYS E 120 20.39 -44.71 -29.94
C LYS E 120 21.01 -43.32 -30.08
N ASN E 121 20.36 -42.29 -29.53
CA ASN E 121 20.93 -40.95 -29.43
C ASN E 121 21.39 -40.40 -30.79
N PHE E 122 20.82 -40.91 -31.89
CA PHE E 122 21.20 -40.46 -33.23
C PHE E 122 20.35 -39.24 -33.59
N LEU E 123 20.71 -38.11 -32.99
CA LEU E 123 19.96 -36.87 -33.17
C LEU E 123 19.69 -36.59 -34.64
N THR E 124 20.73 -36.63 -35.47
CA THR E 124 20.57 -36.27 -36.88
C THR E 124 19.53 -37.14 -37.58
N THR E 125 19.50 -38.43 -37.25
CA THR E 125 18.49 -39.31 -37.83
C THR E 125 17.09 -38.91 -37.38
N VAL E 126 16.94 -38.57 -36.09
CA VAL E 126 15.66 -38.09 -35.61
C VAL E 126 15.23 -36.88 -36.40
N ALA E 127 16.17 -35.96 -36.64
CA ALA E 127 15.83 -34.74 -37.36
C ALA E 127 15.35 -35.05 -38.77
N ILE E 128 16.03 -35.95 -39.46
CA ILE E 128 15.62 -36.25 -40.83
C ILE E 128 14.27 -36.97 -40.86
N LEU E 129 14.02 -37.86 -39.89
CA LEU E 129 12.72 -38.53 -39.84
C LEU E 129 11.59 -37.55 -39.55
N LEU E 130 11.80 -36.63 -38.62
CA LEU E 130 10.81 -35.59 -38.37
C LEU E 130 10.61 -34.73 -39.62
N GLU E 131 11.67 -34.50 -40.40
CA GLU E 131 11.52 -33.79 -41.65
C GLU E 131 10.86 -34.63 -42.73
N ALA E 132 10.77 -35.94 -42.53
CA ALA E 132 10.13 -36.84 -43.48
C ALA E 132 8.72 -37.19 -43.07
N GLY E 133 8.14 -36.47 -42.12
CA GLY E 133 6.79 -36.76 -41.69
C GLY E 133 6.63 -37.95 -40.78
N ALA E 134 7.54 -38.12 -39.83
CA ALA E 134 7.49 -39.26 -38.94
C ALA E 134 6.53 -38.96 -37.79
N PHE E 135 5.71 -39.95 -37.46
CA PHE E 135 4.78 -39.81 -36.34
C PHE E 135 5.57 -39.84 -35.03
N VAL E 136 5.26 -38.91 -34.15
CA VAL E 136 6.02 -38.71 -32.92
C VAL E 136 5.41 -39.44 -31.74
N ASN E 137 4.08 -39.47 -31.65
CA ASN E 137 3.40 -39.93 -30.44
C ASN E 137 2.98 -41.39 -30.50
N VAL E 138 3.58 -42.18 -31.40
CA VAL E 138 3.34 -43.62 -31.37
C VAL E 138 3.93 -44.25 -30.11
N GLN E 139 3.32 -45.35 -29.67
CA GLN E 139 3.71 -46.02 -28.43
C GLN E 139 4.14 -47.45 -28.71
N GLN E 140 5.02 -47.97 -27.85
CA GLN E 140 5.35 -49.38 -27.81
C GLN E 140 4.26 -50.13 -27.05
N SER E 141 4.34 -51.47 -27.08
CA SER E 141 3.40 -52.27 -26.31
C SER E 141 3.44 -51.95 -24.82
N ASN E 142 4.54 -51.43 -24.31
CA ASN E 142 4.66 -51.07 -22.91
C ASN E 142 4.19 -49.64 -22.62
N GLY E 143 3.77 -48.88 -23.64
CA GLY E 143 3.24 -47.56 -23.44
C GLY E 143 4.22 -46.41 -23.48
N GLU E 144 5.45 -46.63 -23.95
CA GLU E 144 6.47 -45.61 -23.99
C GLU E 144 6.64 -45.03 -25.39
N THR E 145 6.95 -43.73 -25.45
CA THR E 145 7.12 -43.01 -26.70
C THR E 145 8.60 -42.66 -26.93
N ALA E 146 8.89 -42.14 -28.11
CA ALA E 146 10.24 -41.67 -28.39
C ALA E 146 10.66 -40.68 -27.30
N LEU E 147 9.79 -39.72 -27.00
CA LEU E 147 10.10 -38.72 -25.97
C LEU E 147 10.48 -39.40 -24.67
N MET E 148 9.83 -40.52 -24.33
CA MET E 148 10.14 -41.21 -23.08
C MET E 148 11.58 -41.72 -23.12
N LYS E 149 12.01 -42.28 -24.24
CA LYS E 149 13.38 -42.75 -24.38
C LYS E 149 14.37 -41.60 -24.23
N ALA E 150 14.11 -40.50 -24.95
CA ALA E 150 15.03 -39.37 -24.90
C ALA E 150 15.16 -38.83 -23.47
N CYS E 151 14.04 -38.76 -22.75
CA CYS E 151 14.09 -38.33 -21.35
C CYS E 151 14.87 -39.33 -20.51
N LYS E 152 14.72 -40.63 -20.80
CA LYS E 152 15.43 -41.63 -20.02
C LYS E 152 16.94 -41.45 -20.15
N ARG E 153 17.42 -41.24 -21.37
CA ARG E 153 18.85 -41.11 -21.62
C ARG E 153 19.36 -39.68 -21.49
N GLY E 154 18.51 -38.73 -21.15
CA GLY E 154 18.99 -37.42 -20.75
C GLY E 154 19.43 -36.50 -21.86
N ASN E 155 18.92 -36.71 -23.07
CA ASN E 155 19.32 -35.92 -24.23
C ASN E 155 18.30 -34.80 -24.43
N SER E 156 18.64 -33.61 -23.93
CA SER E 156 17.72 -32.48 -24.02
C SER E 156 17.44 -32.11 -25.47
N ASP E 157 18.42 -32.25 -26.35
CA ASP E 157 18.25 -31.80 -27.73
C ASP E 157 17.15 -32.60 -28.44
N ILE E 158 17.13 -33.92 -28.26
CA ILE E 158 16.06 -34.72 -28.86
C ILE E 158 14.70 -34.31 -28.29
N VAL E 159 14.64 -34.06 -26.98
CA VAL E 159 13.39 -33.67 -26.34
C VAL E 159 12.84 -32.41 -26.99
N ARG E 160 13.69 -31.37 -27.10
CA ARG E 160 13.21 -30.13 -27.72
C ARG E 160 12.78 -30.38 -29.17
N LEU E 161 13.56 -31.16 -29.93
CA LEU E 161 13.21 -31.35 -31.34
C LEU E 161 11.85 -32.03 -31.50
N VAL E 162 11.54 -33.00 -30.64
CA VAL E 162 10.27 -33.69 -30.81
C VAL E 162 9.11 -32.84 -30.29
N ILE E 163 9.27 -32.21 -29.11
CA ILE E 163 8.12 -31.47 -28.60
C ILE E 163 7.85 -30.25 -29.47
N GLU E 164 8.87 -29.71 -30.14
CA GLU E 164 8.61 -28.62 -31.07
C GLU E 164 7.85 -29.12 -32.30
N CYS E 165 8.07 -30.38 -32.68
CA CYS E 165 7.39 -30.97 -33.83
C CYS E 165 6.07 -31.59 -33.41
N GLY E 166 5.64 -31.35 -32.17
CA GLY E 166 4.28 -31.64 -31.75
C GLY E 166 4.06 -32.90 -30.95
N ALA E 167 4.95 -33.19 -30.01
CA ALA E 167 4.85 -34.38 -29.18
C ALA E 167 3.97 -34.15 -27.96
N ASP E 168 3.50 -35.25 -27.39
CA ASP E 168 2.62 -35.21 -26.23
C ASP E 168 3.40 -35.72 -25.01
N CYS E 169 3.47 -34.89 -23.96
CA CYS E 169 4.29 -35.20 -22.80
C CYS E 169 3.55 -35.97 -21.73
N ASN E 170 2.26 -35.75 -21.57
CA ASN E 170 1.50 -36.33 -20.45
C ASN E 170 1.08 -37.77 -20.69
N ILE E 171 1.42 -38.34 -21.84
CA ILE E 171 1.06 -39.73 -22.10
C ILE E 171 1.70 -40.62 -21.04
N LEU E 172 1.00 -41.68 -20.68
CA LEU E 172 1.43 -42.59 -19.62
C LEU E 172 1.76 -43.96 -20.21
N SER E 173 2.67 -44.68 -19.53
CA SER E 173 3.02 -46.03 -19.90
C SER E 173 2.15 -47.01 -19.10
N LYS E 174 2.32 -48.31 -19.38
CA LYS E 174 1.55 -49.31 -18.66
C LYS E 174 1.85 -49.34 -17.17
N HIS E 175 2.97 -48.73 -16.74
CA HIS E 175 3.35 -48.65 -15.33
C HIS E 175 3.04 -47.27 -14.74
N GLN E 176 2.22 -46.47 -15.43
CA GLN E 176 1.75 -45.17 -14.95
C GLN E 176 2.91 -44.23 -14.66
N ASN E 177 3.96 -44.31 -15.48
CA ASN E 177 5.07 -43.37 -15.46
C ASN E 177 5.02 -42.52 -16.73
N SER E 178 5.15 -41.21 -16.56
CA SER E 178 5.14 -40.26 -17.66
C SER E 178 6.57 -39.90 -18.05
N ALA E 179 6.68 -39.18 -19.17
CA ALA E 179 7.97 -38.63 -19.56
C ALA E 179 8.54 -37.75 -18.46
N LEU E 180 7.66 -37.02 -17.76
CA LEU E 180 8.12 -36.15 -16.69
C LEU E 180 8.72 -36.94 -15.54
N HIS E 181 8.12 -38.10 -15.22
CA HIS E 181 8.66 -38.92 -14.15
C HIS E 181 10.07 -39.40 -14.47
N PHE E 182 10.29 -39.84 -15.71
CA PHE E 182 11.64 -40.23 -16.12
C PHE E 182 12.59 -39.04 -16.11
N ALA E 183 12.12 -37.87 -16.57
CA ALA E 183 12.99 -36.70 -16.59
C ALA E 183 13.43 -36.33 -15.17
N LYS E 184 12.53 -36.40 -14.19
CA LYS E 184 12.92 -36.07 -12.83
C LYS E 184 13.76 -37.17 -12.21
N GLN E 185 13.49 -38.43 -12.56
CA GLN E 185 14.29 -39.53 -12.01
C GLN E 185 15.68 -39.57 -12.64
N SER E 186 15.78 -39.26 -13.93
CA SER E 186 17.07 -39.23 -14.60
C SER E 186 17.97 -38.12 -14.08
N ASN E 187 17.43 -37.19 -13.30
CA ASN E 187 18.19 -36.11 -12.64
C ASN E 187 19.04 -35.33 -13.64
N ASN E 188 18.42 -34.99 -14.76
CA ASN E 188 19.02 -34.09 -15.75
C ASN E 188 18.13 -32.85 -15.79
N VAL E 189 18.63 -31.76 -15.19
CA VAL E 189 17.75 -30.61 -14.90
C VAL E 189 17.22 -30.00 -16.19
N LEU E 190 18.04 -29.98 -17.25
CA LEU E 190 17.61 -29.30 -18.47
C LEU E 190 16.38 -29.97 -19.09
N VAL E 191 16.35 -31.31 -19.10
CA VAL E 191 15.25 -32.02 -19.73
C VAL E 191 13.94 -31.73 -19.01
N TYR E 192 13.95 -31.83 -17.69
CA TYR E 192 12.72 -31.65 -16.91
C TYR E 192 12.33 -30.19 -16.89
N ASP E 193 13.30 -29.27 -16.98
CA ASP E 193 12.96 -27.87 -17.20
C ASP E 193 12.25 -27.68 -18.55
N LEU E 194 12.75 -28.31 -19.61
CA LEU E 194 12.11 -28.19 -20.91
C LEU E 194 10.66 -28.66 -20.86
N LEU E 195 10.44 -29.87 -20.34
CA LEU E 195 9.08 -30.39 -20.27
C LEU E 195 8.19 -29.49 -19.43
N LYS E 196 8.71 -29.03 -18.28
CA LYS E 196 7.90 -28.22 -17.39
C LYS E 196 7.50 -26.92 -18.05
N ASN E 197 8.44 -26.26 -18.73
CA ASN E 197 8.11 -25.01 -19.41
C ASN E 197 7.11 -25.25 -20.54
N HIS E 198 7.27 -26.35 -21.29
CA HIS E 198 6.34 -26.64 -22.36
C HIS E 198 4.92 -26.81 -21.85
N LEU E 199 4.74 -27.60 -20.80
CA LEU E 199 3.38 -27.85 -20.32
C LEU E 199 2.79 -26.61 -19.63
N GLU E 200 3.62 -25.83 -18.93
CA GLU E 200 3.12 -24.58 -18.39
C GLU E 200 2.63 -23.68 -19.51
N THR E 201 3.37 -23.61 -20.62
CA THR E 201 2.91 -22.81 -21.75
C THR E 201 1.59 -23.34 -22.31
N LEU E 202 1.45 -24.66 -22.43
CA LEU E 202 0.20 -25.20 -22.96
C LEU E 202 -0.99 -24.80 -22.07
N SER E 203 -0.89 -25.05 -20.76
CA SER E 203 -2.01 -24.73 -19.88
C SER E 203 -2.28 -23.23 -19.86
N ARG E 204 -1.22 -22.42 -19.90
CA ARG E 204 -1.39 -20.97 -19.93
C ARG E 204 -2.17 -20.53 -21.17
N VAL E 205 -1.79 -21.07 -22.33
CA VAL E 205 -2.46 -20.65 -23.56
C VAL E 205 -3.90 -21.17 -23.57
N ALA E 206 -4.15 -22.33 -22.97
CA ALA E 206 -5.54 -22.80 -22.86
C ALA E 206 -6.38 -21.82 -22.04
N GLU E 207 -5.86 -21.41 -20.88
CA GLU E 207 -6.60 -20.45 -20.05
C GLU E 207 -6.84 -19.16 -20.83
N GLU E 208 -5.80 -18.65 -21.50
CA GLU E 208 -5.93 -17.38 -22.21
C GLU E 208 -6.97 -17.48 -23.33
N THR E 209 -6.97 -18.56 -24.10
CA THR E 209 -7.93 -18.66 -25.20
C THR E 209 -9.34 -18.80 -24.66
N ILE E 210 -9.52 -19.55 -23.58
CA ILE E 210 -10.87 -19.67 -23.01
C ILE E 210 -11.35 -18.31 -22.51
N LYS E 211 -10.46 -17.53 -21.89
CA LYS E 211 -10.82 -16.18 -21.49
C LYS E 211 -11.24 -15.35 -22.69
N ASP E 212 -10.46 -15.40 -23.77
CA ASP E 212 -10.76 -14.55 -24.92
C ASP E 212 -12.10 -14.90 -25.53
N TYR E 213 -12.40 -16.20 -25.64
CA TYR E 213 -13.56 -16.62 -26.43
C TYR E 213 -14.88 -16.45 -25.69
N PHE E 214 -14.92 -16.61 -24.38
CA PHE E 214 -16.14 -16.49 -23.62
C PHE E 214 -16.30 -15.13 -22.95
N GLU E 215 -15.48 -14.16 -23.34
CA GLU E 215 -15.65 -12.79 -22.88
C GLU E 215 -15.69 -12.72 -21.37
N ALA E 216 -15.02 -13.66 -20.72
CA ALA E 216 -14.84 -13.71 -19.28
C ALA E 216 -16.15 -13.99 -18.56
N ARG E 217 -17.25 -14.26 -19.28
CA ARG E 217 -18.47 -14.70 -18.61
C ARG E 217 -18.27 -16.06 -17.96
N LEU E 218 -17.26 -16.80 -18.40
CA LEU E 218 -16.96 -18.14 -17.92
C LEU E 218 -15.52 -18.17 -17.45
N ALA E 219 -15.24 -19.00 -16.46
CA ALA E 219 -13.90 -19.07 -15.89
C ALA E 219 -13.50 -20.50 -15.53
N LEU E 220 -12.34 -20.93 -16.01
CA LEU E 220 -11.83 -22.27 -15.70
C LEU E 220 -11.51 -22.37 -14.21
N LEU E 221 -11.68 -23.58 -13.66
CA LEU E 221 -11.46 -23.83 -12.24
C LEU E 221 -10.31 -24.79 -11.97
N GLU E 222 -10.35 -26.01 -12.51
CA GLU E 222 -9.32 -27.02 -12.23
C GLU E 222 -9.38 -28.09 -13.33
N PRO E 223 -8.25 -28.43 -13.94
CA PRO E 223 -8.27 -29.51 -14.95
C PRO E 223 -8.72 -30.83 -14.35
N VAL E 224 -9.41 -31.61 -15.16
CA VAL E 224 -9.85 -32.94 -14.72
C VAL E 224 -8.76 -33.97 -14.92
N PHE E 225 -7.90 -33.77 -15.91
CA PHE E 225 -6.95 -34.80 -16.35
C PHE E 225 -5.93 -34.13 -17.27
N PRO E 226 -4.68 -34.58 -17.28
CA PRO E 226 -3.62 -33.81 -17.94
C PRO E 226 -3.94 -33.53 -19.41
N ILE E 227 -3.95 -32.25 -19.77
CA ILE E 227 -4.25 -31.85 -21.13
C ILE E 227 -3.32 -32.58 -22.09
N ALA E 228 -3.89 -33.16 -23.13
CA ALA E 228 -3.14 -33.96 -24.08
C ALA E 228 -3.02 -33.22 -25.42
N CYS E 229 -2.13 -33.75 -26.26
CA CYS E 229 -1.81 -33.18 -27.55
C CYS E 229 -1.90 -34.30 -28.59
N HIS E 230 -2.52 -34.00 -29.73
CA HIS E 230 -2.72 -34.97 -30.80
C HIS E 230 -2.30 -34.36 -32.13
N ARG E 231 -1.46 -35.08 -32.88
CA ARG E 231 -1.07 -34.63 -34.21
C ARG E 231 -2.10 -35.14 -35.21
N LEU E 232 -2.77 -34.21 -35.90
CA LEU E 232 -3.82 -34.59 -36.85
C LEU E 232 -3.26 -35.46 -37.95
N CYS E 233 -2.06 -35.13 -38.45
CA CYS E 233 -1.44 -35.93 -39.50
C CYS E 233 -1.22 -37.37 -39.07
N GLU E 234 -1.09 -37.65 -37.76
CA GLU E 234 -0.80 -39.02 -37.33
C GLU E 234 -2.00 -39.93 -37.53
N GLY E 235 -3.22 -39.40 -37.45
CA GLY E 235 -4.38 -40.21 -37.70
C GLY E 235 -5.71 -39.54 -37.44
N PRO E 236 -6.80 -40.18 -37.89
CA PRO E 236 -8.14 -39.65 -37.63
C PRO E 236 -8.78 -40.14 -36.35
N ASP E 237 -8.21 -41.13 -35.68
CA ASP E 237 -8.73 -41.63 -34.42
C ASP E 237 -7.94 -41.03 -33.26
N PHE E 238 -8.59 -40.91 -32.10
CA PHE E 238 -7.88 -40.49 -30.90
C PHE E 238 -8.46 -41.19 -29.68
N SER E 239 -7.59 -41.68 -28.80
CA SER E 239 -8.01 -42.47 -27.66
C SER E 239 -7.17 -42.09 -26.44
N THR E 240 -7.80 -42.16 -25.27
CA THR E 240 -7.07 -41.98 -24.03
C THR E 240 -7.86 -42.55 -22.87
N ASP E 241 -7.15 -42.80 -21.78
CA ASP E 241 -7.72 -43.27 -20.52
C ASP E 241 -7.22 -42.33 -19.43
N PHE E 242 -8.13 -41.89 -18.57
CA PHE E 242 -7.76 -41.01 -17.47
C PHE E 242 -8.47 -41.49 -16.21
N ASN E 243 -8.12 -40.87 -15.09
CA ASN E 243 -8.73 -41.20 -13.82
C ASN E 243 -9.20 -39.90 -13.19
N TYR E 244 -10.42 -39.91 -12.66
CA TYR E 244 -11.07 -38.73 -12.12
C TYR E 244 -11.28 -38.91 -10.62
N LYS E 245 -10.78 -37.95 -9.85
CA LYS E 245 -10.91 -37.94 -8.40
C LYS E 245 -11.67 -36.68 -8.01
N PRO E 246 -12.97 -36.79 -7.71
CA PRO E 246 -13.77 -35.58 -7.50
C PRO E 246 -13.41 -34.88 -6.21
N PRO E 247 -13.47 -33.56 -6.17
CA PRO E 247 -13.32 -32.85 -4.90
C PRO E 247 -14.62 -32.84 -4.08
N GLN E 248 -14.45 -32.74 -2.76
CA GLN E 248 -15.61 -32.74 -1.87
C GLN E 248 -16.50 -31.52 -2.14
N ASN E 249 -15.90 -30.32 -2.18
CA ASN E 249 -16.63 -29.08 -2.36
C ASN E 249 -16.76 -28.81 -3.86
N ILE E 250 -17.96 -29.02 -4.39
CA ILE E 250 -18.29 -28.69 -5.78
C ILE E 250 -19.12 -27.42 -5.76
N PRO E 251 -18.62 -26.29 -6.30
CA PRO E 251 -19.45 -25.08 -6.33
C PRO E 251 -20.65 -25.25 -7.25
N GLU E 252 -21.85 -25.27 -6.66
CA GLU E 252 -23.05 -25.47 -7.45
C GLU E 252 -23.22 -24.35 -8.47
N GLY E 253 -23.63 -24.74 -9.67
CA GLY E 253 -23.59 -23.87 -10.83
C GLY E 253 -22.33 -24.05 -11.65
N SER E 254 -21.56 -25.09 -11.37
CA SER E 254 -20.33 -25.41 -12.08
C SER E 254 -20.49 -26.74 -12.80
N GLY E 255 -19.77 -26.87 -13.91
CA GLY E 255 -19.85 -28.06 -14.73
C GLY E 255 -18.52 -28.35 -15.38
N ILE E 256 -18.41 -29.55 -15.94
CA ILE E 256 -17.18 -30.01 -16.58
C ILE E 256 -17.37 -29.89 -18.09
N LEU E 257 -16.36 -29.34 -18.78
CA LEU E 257 -16.43 -29.19 -20.22
C LEU E 257 -15.14 -29.68 -20.87
N LEU E 258 -15.29 -30.33 -22.03
CA LEU E 258 -14.18 -30.77 -22.85
C LEU E 258 -13.91 -29.72 -23.93
N PHE E 259 -12.66 -29.32 -24.07
CA PHE E 259 -12.22 -28.37 -25.08
C PHE E 259 -11.27 -29.07 -26.02
N ILE E 260 -11.46 -28.83 -27.31
CA ILE E 260 -10.58 -29.31 -28.36
C ILE E 260 -10.04 -28.06 -29.05
N PHE E 261 -8.92 -27.53 -28.55
CA PHE E 261 -8.34 -26.35 -29.18
C PHE E 261 -7.63 -26.77 -30.46
N HIS E 262 -7.83 -25.98 -31.51
CA HIS E 262 -7.10 -26.17 -32.78
C HIS E 262 -5.89 -25.26 -32.70
N ALA E 263 -4.69 -25.86 -32.67
CA ALA E 263 -3.49 -25.15 -32.28
C ALA E 263 -2.39 -25.34 -33.31
N ASN E 264 -1.49 -24.37 -33.34
CA ASN E 264 -0.29 -24.38 -34.17
C ASN E 264 0.92 -24.11 -33.30
N PHE E 265 1.96 -24.93 -33.47
CA PHE E 265 3.24 -24.73 -32.81
C PHE E 265 4.16 -24.04 -33.81
N LEU E 266 4.67 -22.87 -33.44
CA LEU E 266 5.70 -22.14 -34.18
C LEU E 266 6.88 -22.02 -33.21
N GLY E 267 7.79 -22.97 -33.27
CA GLY E 267 8.96 -22.93 -32.41
C GLY E 267 8.58 -23.27 -30.98
N LYS E 268 8.82 -22.32 -30.08
CA LYS E 268 8.38 -22.46 -28.70
C LYS E 268 7.10 -21.71 -28.41
N GLU E 269 6.50 -21.06 -29.42
CA GLU E 269 5.27 -20.28 -29.24
C GLU E 269 4.09 -21.06 -29.83
N VAL E 270 3.02 -21.16 -29.05
CA VAL E 270 1.83 -21.91 -29.46
C VAL E 270 0.63 -20.97 -29.53
N ILE E 271 -0.13 -21.05 -30.62
CA ILE E 271 -1.34 -20.26 -30.81
C ILE E 271 -2.52 -21.18 -31.04
N ALA E 272 -3.65 -20.88 -30.41
CA ALA E 272 -4.80 -21.77 -30.43
C ALA E 272 -6.09 -21.02 -30.72
N ARG E 273 -7.09 -21.77 -31.19
CA ARG E 273 -8.39 -21.23 -31.55
C ARG E 273 -9.50 -22.21 -31.18
N LEU E 274 -10.69 -21.66 -30.92
CA LEU E 274 -11.89 -22.46 -30.68
C LEU E 274 -13.00 -22.12 -31.67
N CYS E 275 -12.66 -21.55 -32.82
CA CYS E 275 -13.62 -21.32 -33.89
C CYS E 275 -12.97 -21.72 -35.20
N GLY E 276 -13.65 -21.44 -36.30
CA GLY E 276 -13.14 -21.73 -37.62
C GLY E 276 -13.34 -23.19 -37.98
N PRO E 277 -12.65 -23.64 -39.02
CA PRO E 277 -12.79 -25.04 -39.45
C PRO E 277 -12.53 -25.98 -38.31
N CYS E 278 -13.38 -26.99 -38.18
CA CYS E 278 -13.31 -27.97 -37.11
C CYS E 278 -13.00 -29.34 -37.68
N SER E 279 -12.16 -30.10 -36.98
CA SER E 279 -11.79 -31.45 -37.37
C SER E 279 -12.45 -32.51 -36.51
N VAL E 280 -13.39 -32.14 -35.65
CA VAL E 280 -14.03 -33.04 -34.71
C VAL E 280 -15.37 -33.49 -35.28
N GLN E 281 -15.57 -34.81 -35.37
CA GLN E 281 -16.83 -35.37 -35.83
C GLN E 281 -17.68 -35.93 -34.69
N ALA E 282 -17.08 -36.67 -33.75
CA ALA E 282 -17.84 -37.34 -32.71
C ALA E 282 -16.95 -37.54 -31.50
N VAL E 283 -17.59 -37.52 -30.32
CA VAL E 283 -16.92 -37.74 -29.04
C VAL E 283 -17.68 -38.82 -28.29
N VAL E 284 -16.95 -39.82 -27.80
CA VAL E 284 -17.52 -40.97 -27.11
C VAL E 284 -16.84 -41.08 -25.76
N LEU E 285 -17.61 -40.90 -24.69
CA LEU E 285 -17.13 -41.09 -23.33
C LEU E 285 -17.81 -42.34 -22.77
N ASN E 286 -17.03 -43.42 -22.66
CA ASN E 286 -17.52 -44.68 -22.10
C ASN E 286 -18.65 -45.26 -22.95
N ASP E 287 -18.43 -45.25 -24.27
CA ASP E 287 -19.33 -45.79 -25.28
C ASP E 287 -20.64 -45.02 -25.41
N LYS E 288 -20.82 -43.95 -24.65
CA LYS E 288 -21.99 -43.07 -24.74
C LYS E 288 -21.55 -41.77 -25.38
N PHE E 289 -22.14 -41.42 -26.52
CA PHE E 289 -21.77 -40.19 -27.21
C PHE E 289 -22.04 -38.98 -26.32
N GLN E 290 -21.15 -38.00 -26.39
CA GLN E 290 -21.30 -36.70 -25.75
C GLN E 290 -21.81 -35.69 -26.76
N LEU E 291 -22.58 -34.70 -26.28
CA LEU E 291 -23.24 -33.77 -27.18
C LEU E 291 -22.56 -32.40 -27.12
N PRO E 292 -22.39 -31.74 -28.26
CA PRO E 292 -21.76 -30.40 -28.24
C PRO E 292 -22.64 -29.43 -27.47
N VAL E 293 -21.99 -28.47 -26.82
CA VAL E 293 -22.74 -27.44 -26.11
C VAL E 293 -23.47 -26.53 -27.09
N PHE E 294 -22.91 -26.32 -28.28
CA PHE E 294 -23.54 -25.55 -29.34
C PHE E 294 -23.84 -26.46 -30.53
N LEU E 295 -24.87 -26.10 -31.31
CA LEU E 295 -25.13 -26.80 -32.55
C LEU E 295 -24.35 -26.24 -33.75
N ASP E 296 -23.81 -25.03 -33.62
CA ASP E 296 -23.03 -24.44 -34.70
C ASP E 296 -21.56 -24.81 -34.68
N SER E 297 -21.05 -25.32 -33.56
CA SER E 297 -19.62 -25.62 -33.45
C SER E 297 -19.43 -26.88 -32.62
N HIS E 298 -18.30 -27.55 -32.86
CA HIS E 298 -17.97 -28.79 -32.18
C HIS E 298 -16.65 -28.69 -31.41
N PHE E 299 -16.24 -27.48 -31.00
CA PHE E 299 -14.97 -27.37 -30.28
C PHE E 299 -15.14 -27.54 -28.77
N VAL E 300 -16.31 -27.23 -28.22
CA VAL E 300 -16.59 -27.41 -26.80
C VAL E 300 -17.71 -28.41 -26.65
N TYR E 301 -17.43 -29.53 -25.97
CA TYR E 301 -18.47 -30.50 -25.66
C TYR E 301 -18.78 -30.55 -24.17
N SER E 302 -20.01 -30.95 -23.87
CA SER E 302 -20.38 -31.38 -22.52
C SER E 302 -19.60 -32.64 -22.16
N PHE E 303 -19.15 -32.69 -20.91
CA PHE E 303 -18.25 -33.75 -20.44
C PHE E 303 -18.75 -34.11 -19.04
N SER E 304 -19.41 -35.26 -18.93
CA SER E 304 -19.95 -35.76 -17.66
C SER E 304 -19.25 -37.07 -17.33
N PRO E 305 -18.02 -37.01 -16.81
CA PRO E 305 -17.31 -38.24 -16.45
C PRO E 305 -17.76 -38.79 -15.11
N VAL E 306 -17.51 -40.07 -14.93
CA VAL E 306 -17.75 -40.75 -13.66
C VAL E 306 -16.43 -40.88 -12.92
N ALA E 307 -16.51 -40.97 -11.60
CA ALA E 307 -15.31 -41.08 -10.78
C ALA E 307 -14.59 -42.40 -11.03
N GLY E 308 -13.27 -42.35 -11.01
CA GLY E 308 -12.45 -43.52 -11.30
C GLY E 308 -11.92 -43.49 -12.72
N PRO E 309 -11.68 -44.67 -13.30
CA PRO E 309 -11.15 -44.71 -14.67
C PRO E 309 -12.20 -44.45 -15.72
N ASN E 310 -11.84 -43.62 -16.70
CA ASN E 310 -12.71 -43.24 -17.81
C ASN E 310 -11.96 -43.36 -19.13
N LYS E 311 -12.67 -43.69 -20.19
CA LYS E 311 -12.11 -43.90 -21.52
C LYS E 311 -12.75 -42.93 -22.49
N LEU E 312 -11.92 -42.16 -23.20
CA LEU E 312 -12.37 -41.15 -24.15
C LEU E 312 -11.88 -41.51 -25.55
N PHE E 313 -12.76 -41.40 -26.54
CA PHE E 313 -12.34 -41.65 -27.94
C PHE E 313 -13.07 -40.67 -28.86
N ILE E 314 -12.29 -40.01 -29.71
CA ILE E 314 -12.77 -38.98 -30.62
C ILE E 314 -12.46 -39.38 -32.05
N ARG E 315 -13.44 -39.15 -32.94
CA ARG E 315 -13.27 -39.38 -34.37
C ARG E 315 -13.03 -38.05 -35.07
N LEU E 316 -12.06 -38.03 -35.99
CA LEU E 316 -11.59 -36.80 -36.59
C LEU E 316 -11.66 -36.88 -38.10
N THR E 317 -11.43 -35.74 -38.74
CA THR E 317 -11.29 -35.67 -40.19
C THR E 317 -9.93 -36.23 -40.62
N GLU E 318 -9.87 -36.67 -41.88
CA GLU E 318 -8.64 -37.18 -42.45
C GLU E 318 -8.00 -36.07 -43.29
N ALA E 319 -6.92 -35.47 -42.77
CA ALA E 319 -6.13 -34.52 -43.53
C ALA E 319 -4.66 -34.86 -43.27
N PRO E 320 -4.11 -35.81 -44.03
CA PRO E 320 -2.72 -36.24 -43.77
C PRO E 320 -1.69 -35.13 -43.91
N SER E 321 -2.02 -34.04 -44.62
CA SER E 321 -1.10 -32.93 -44.82
C SER E 321 -1.41 -31.76 -43.89
N ALA E 322 -2.41 -31.90 -43.02
CA ALA E 322 -2.73 -30.85 -42.07
C ALA E 322 -1.60 -30.71 -41.05
N LYS E 323 -1.14 -29.48 -40.84
CA LYS E 323 -0.08 -29.18 -39.88
C LYS E 323 -0.68 -28.73 -38.56
N VAL E 324 -1.78 -29.34 -38.16
CA VAL E 324 -2.59 -28.87 -37.04
C VAL E 324 -2.43 -29.81 -35.86
N LYS E 325 -2.26 -29.23 -34.67
CA LYS E 325 -2.24 -29.99 -33.43
C LYS E 325 -3.55 -29.76 -32.70
N LEU E 326 -4.01 -30.75 -31.97
CA LEU E 326 -5.25 -30.66 -31.20
C LEU E 326 -4.90 -30.75 -29.74
N LEU E 327 -5.23 -29.71 -28.98
CA LEU E 327 -4.99 -29.69 -27.54
C LEU E 327 -6.31 -30.07 -26.87
N ILE E 328 -6.34 -31.24 -26.26
CA ILE E 328 -7.57 -31.85 -25.77
C ILE E 328 -7.52 -31.81 -24.24
N GLY E 329 -8.43 -31.03 -23.65
CA GLY E 329 -8.42 -30.87 -22.21
C GLY E 329 -9.78 -30.60 -21.62
N ALA E 330 -10.11 -31.22 -20.50
CA ALA E 330 -11.40 -31.07 -19.85
C ALA E 330 -11.20 -30.37 -18.52
N TYR E 331 -11.85 -29.22 -18.35
CA TYR E 331 -11.73 -28.47 -17.11
C TYR E 331 -13.12 -28.31 -16.48
N ARG E 332 -13.16 -28.22 -15.16
CA ARG E 332 -14.35 -27.72 -14.50
C ARG E 332 -14.40 -26.21 -14.66
N VAL E 333 -15.61 -25.66 -14.56
CA VAL E 333 -15.85 -24.27 -14.95
C VAL E 333 -17.13 -23.81 -14.27
N GLN E 334 -17.26 -22.49 -14.13
CA GLN E 334 -18.43 -21.89 -13.51
C GLN E 334 -19.25 -21.22 -14.61
N LEU E 335 -20.55 -21.50 -14.60
CA LEU E 335 -21.50 -21.03 -15.59
C LEU E 335 -22.42 -20.05 -14.90
N GLN E 336 -22.56 -18.85 -15.46
CA GLN E 336 -23.41 -17.79 -14.92
C GLN E 336 -22.81 -16.42 -15.32
N SER F 43 21.65 19.25 -17.60
CA SER F 43 21.11 18.21 -18.47
C SER F 43 21.86 18.19 -19.81
N ASN F 44 22.07 19.37 -20.40
CA ASN F 44 22.85 19.51 -21.62
C ASN F 44 24.10 18.64 -21.61
N VAL F 45 24.63 18.39 -20.40
CA VAL F 45 25.83 17.56 -20.29
C VAL F 45 25.54 16.17 -20.84
N LEU F 46 24.40 15.60 -20.47
CA LEU F 46 24.02 14.29 -20.99
C LEU F 46 23.71 14.34 -22.49
N ARG F 47 23.16 15.45 -22.99
CA ARG F 47 22.92 15.56 -24.42
C ARG F 47 24.21 15.44 -25.20
N ASP F 48 25.22 16.24 -24.83
CA ASP F 48 26.50 16.15 -25.53
C ASP F 48 27.20 14.82 -25.26
N ALA F 49 27.02 14.24 -24.09
CA ALA F 49 27.61 12.93 -23.82
C ALA F 49 27.00 11.88 -24.75
N VAL F 50 25.69 11.95 -24.97
CA VAL F 50 25.03 11.00 -25.87
C VAL F 50 25.49 11.24 -27.30
N LYS F 51 25.64 12.49 -27.72
CA LYS F 51 26.15 12.71 -29.08
C LYS F 51 27.58 12.16 -29.23
N ASN F 52 28.29 12.01 -28.12
CA ASN F 52 29.61 11.42 -28.12
C ASN F 52 29.45 9.96 -27.67
N GLY F 53 30.54 9.28 -27.43
CA GLY F 53 30.48 7.92 -26.95
C GLY F 53 30.83 7.84 -25.48
N ASP F 54 30.22 8.68 -24.66
CA ASP F 54 30.57 8.72 -23.23
C ASP F 54 29.61 7.83 -22.44
N TYR F 55 29.91 6.53 -22.45
CA TYR F 55 29.11 5.52 -21.76
C TYR F 55 29.29 5.59 -20.25
N ILE F 56 30.51 5.88 -19.77
CA ILE F 56 30.76 5.95 -18.33
C ILE F 56 30.05 7.16 -17.73
N THR F 57 30.09 8.30 -18.44
CA THR F 57 29.39 9.49 -17.99
C THR F 57 27.91 9.16 -17.76
N VAL F 58 27.30 8.47 -18.72
CA VAL F 58 25.89 8.15 -18.58
C VAL F 58 25.66 7.16 -17.44
N LYS F 59 26.58 6.22 -17.23
CA LYS F 59 26.38 5.30 -16.09
C LYS F 59 26.26 6.08 -14.80
N VAL F 60 27.17 7.04 -14.58
CA VAL F 60 27.10 7.84 -13.36
C VAL F 60 25.82 8.68 -13.35
N ALA F 61 25.52 9.34 -14.47
CA ALA F 61 24.32 10.18 -14.52
C ALA F 61 23.05 9.38 -14.24
N LEU F 62 23.08 8.08 -14.51
CA LEU F 62 21.93 7.23 -14.29
C LEU F 62 21.87 6.67 -12.87
N ASN F 63 23.01 6.61 -12.18
CA ASN F 63 22.99 6.25 -10.76
C ASN F 63 23.08 7.46 -9.83
N SER F 64 23.17 8.68 -10.36
CA SER F 64 23.26 9.83 -9.48
C SER F 64 21.87 10.31 -9.07
N ASN F 65 21.84 11.08 -7.98
CA ASN F 65 20.60 11.66 -7.47
C ASN F 65 20.38 12.95 -8.25
N GLU F 66 19.84 12.80 -9.46
CA GLU F 66 19.62 13.92 -10.34
C GLU F 66 18.44 13.61 -11.25
N GLU F 67 17.58 14.60 -11.48
CA GLU F 67 16.42 14.45 -12.33
C GLU F 67 16.82 14.87 -13.75
N TYR F 68 16.88 13.91 -14.67
CA TYR F 68 17.16 14.20 -16.07
C TYR F 68 15.96 13.78 -16.91
N ASN F 69 15.59 14.61 -17.88
CA ASN F 69 14.51 14.28 -18.83
C ASN F 69 15.10 13.63 -20.07
N LEU F 70 14.94 12.31 -20.18
CA LEU F 70 15.53 11.61 -21.32
C LEU F 70 14.69 11.77 -22.58
N ASP F 71 13.68 12.64 -22.54
CA ASP F 71 12.81 12.88 -23.68
C ASP F 71 12.88 14.32 -24.15
N GLN F 72 13.88 15.08 -23.72
CA GLN F 72 14.02 16.46 -24.19
C GLN F 72 14.24 16.47 -25.70
N GLU F 73 13.55 17.39 -26.37
CA GLU F 73 13.61 17.49 -27.82
C GLU F 73 13.95 18.92 -28.21
N ASP F 74 14.96 19.08 -29.06
CA ASP F 74 15.31 20.38 -29.61
C ASP F 74 14.28 20.77 -30.68
N SER F 75 14.52 21.89 -31.36
CA SER F 75 13.62 22.32 -32.42
C SER F 75 13.38 21.21 -33.43
N SER F 76 14.43 20.45 -33.75
CA SER F 76 14.24 19.30 -34.64
C SER F 76 13.31 18.28 -34.00
N GLY F 77 13.51 18.01 -32.71
CA GLY F 77 12.71 17.04 -31.99
C GLY F 77 13.44 15.77 -31.58
N MET F 78 14.75 15.66 -31.82
CA MET F 78 15.44 14.41 -31.52
C MET F 78 15.64 14.23 -30.02
N THR F 79 15.28 13.05 -29.53
CA THR F 79 15.49 12.66 -28.16
C THR F 79 16.82 11.91 -28.04
N LEU F 80 17.22 11.65 -26.80
CA LEU F 80 18.48 10.97 -26.55
C LEU F 80 18.49 9.59 -27.18
N VAL F 81 17.34 8.90 -27.15
CA VAL F 81 17.24 7.56 -27.71
C VAL F 81 17.56 7.58 -29.20
N MET F 82 16.99 8.54 -29.93
CA MET F 82 17.19 8.52 -31.37
C MET F 82 18.57 9.04 -31.78
N LEU F 83 19.17 9.97 -31.03
CA LEU F 83 20.58 10.29 -31.29
C LEU F 83 21.46 9.06 -31.06
N ALA F 84 21.25 8.39 -29.91
CA ALA F 84 22.02 7.19 -29.62
C ALA F 84 21.86 6.15 -30.73
N ALA F 85 20.64 5.99 -31.25
CA ALA F 85 20.45 5.05 -32.36
C ALA F 85 21.06 5.57 -33.65
N ALA F 86 21.17 6.89 -33.80
CA ALA F 86 21.81 7.47 -34.97
C ALA F 86 23.30 7.15 -35.00
N GLY F 87 23.94 7.14 -33.84
CA GLY F 87 25.36 6.85 -33.75
C GLY F 87 25.69 5.39 -33.51
N GLY F 88 24.71 4.51 -33.62
CA GLY F 88 24.94 3.09 -33.44
C GLY F 88 25.41 2.72 -32.06
N GLN F 89 25.25 3.62 -31.09
CA GLN F 89 25.81 3.40 -29.76
C GLN F 89 24.90 2.49 -28.95
N ASP F 90 25.05 1.19 -29.20
CA ASP F 90 24.14 0.21 -28.63
C ASP F 90 24.21 0.21 -27.11
N ASP F 91 25.42 0.34 -26.55
CA ASP F 91 25.57 0.33 -25.10
C ASP F 91 24.78 1.47 -24.45
N LEU F 92 24.72 2.63 -25.11
CA LEU F 92 23.84 3.69 -24.64
C LEU F 92 22.38 3.26 -24.71
N LEU F 93 21.98 2.67 -25.83
CA LEU F 93 20.60 2.26 -26.02
C LEU F 93 20.13 1.28 -24.95
N ARG F 94 20.96 0.30 -24.61
CA ARG F 94 20.54 -0.67 -23.59
C ARG F 94 20.18 0.03 -22.28
N LEU F 95 21.01 0.98 -21.85
CA LEU F 95 20.71 1.71 -20.62
C LEU F 95 19.47 2.61 -20.78
N LEU F 96 19.35 3.28 -21.92
CA LEU F 96 18.20 4.15 -22.11
C LEU F 96 16.90 3.34 -22.06
N ILE F 97 16.88 2.15 -22.67
CA ILE F 97 15.71 1.28 -22.61
C ILE F 97 15.46 0.82 -21.18
N THR F 98 16.52 0.44 -20.45
CA THR F 98 16.37 0.04 -19.06
C THR F 98 16.20 1.24 -18.12
N LYS F 99 15.98 2.43 -18.67
CA LYS F 99 15.60 3.59 -17.88
C LYS F 99 14.20 4.09 -18.26
N GLY F 100 13.47 3.37 -19.10
CA GLY F 100 12.13 3.78 -19.43
C GLY F 100 12.20 5.01 -20.31
N ALA F 101 12.76 4.85 -21.50
CA ALA F 101 12.95 5.97 -22.42
C ALA F 101 12.12 5.69 -23.66
N LYS F 102 11.31 6.66 -24.06
CA LYS F 102 10.37 6.43 -25.14
C LYS F 102 11.15 6.00 -26.38
N VAL F 103 10.89 4.77 -26.81
CA VAL F 103 11.42 4.27 -28.07
C VAL F 103 10.74 4.99 -29.23
N ASN F 104 9.41 5.15 -29.16
CA ASN F 104 8.61 5.68 -30.24
C ASN F 104 8.32 7.16 -30.02
N GLY F 105 9.36 7.97 -30.17
CA GLY F 105 9.17 9.39 -30.36
C GLY F 105 9.03 9.71 -31.84
N ARG F 106 8.73 10.97 -32.13
CA ARG F 106 8.62 11.39 -33.52
C ARG F 106 9.11 12.82 -33.67
N GLN F 107 9.78 13.09 -34.79
CA GLN F 107 10.27 14.41 -35.10
C GLN F 107 9.17 15.31 -35.65
N LYS F 108 9.50 16.58 -35.89
CA LYS F 108 8.58 17.48 -36.57
C LYS F 108 8.36 17.05 -38.01
N ASN F 109 9.38 16.46 -38.63
CA ASN F 109 9.25 15.87 -39.96
C ASN F 109 8.84 14.40 -39.91
N GLY F 110 8.52 13.90 -38.71
CA GLY F 110 7.88 12.60 -38.57
C GLY F 110 8.76 11.37 -38.60
N THR F 111 10.01 11.48 -38.13
CA THR F 111 10.96 10.37 -38.15
C THR F 111 11.14 9.80 -36.75
N THR F 112 11.12 8.46 -36.65
CA THR F 112 11.41 7.78 -35.40
C THR F 112 12.84 7.24 -35.39
N ALA F 113 13.33 6.89 -34.20
CA ALA F 113 14.69 6.41 -34.04
C ALA F 113 14.98 5.22 -34.94
N LEU F 114 13.99 4.33 -35.08
CA LEU F 114 14.15 3.17 -35.94
C LEU F 114 14.42 3.58 -37.38
N ILE F 115 13.81 4.67 -37.84
CA ILE F 115 14.07 5.15 -39.20
C ILE F 115 15.53 5.57 -39.33
N HIS F 116 16.05 6.28 -38.33
CA HIS F 116 17.47 6.64 -38.33
C HIS F 116 18.35 5.38 -38.38
N ALA F 117 18.03 4.40 -37.53
CA ALA F 117 18.80 3.16 -37.52
C ALA F 117 18.83 2.54 -38.91
N ALA F 118 17.68 2.49 -39.58
CA ALA F 118 17.66 1.94 -40.93
C ALA F 118 18.52 2.79 -41.87
N GLU F 119 18.45 4.11 -41.71
CA GLU F 119 19.26 5.02 -42.52
C GLU F 119 20.74 4.66 -42.43
N LYS F 120 21.22 4.28 -41.24
CA LYS F 120 22.65 4.10 -41.04
C LYS F 120 23.06 2.63 -41.04
N ASN F 121 22.26 1.75 -41.63
CA ASN F 121 22.59 0.34 -41.79
C ASN F 121 22.99 -0.31 -40.47
N PHE F 122 22.56 0.25 -39.33
CA PHE F 122 22.96 -0.28 -38.02
C PHE F 122 22.01 -1.43 -37.65
N LEU F 123 22.24 -2.58 -38.28
CA LEU F 123 21.41 -3.76 -38.08
C LEU F 123 21.15 -4.05 -36.61
N THR F 124 22.22 -4.09 -35.81
CA THR F 124 22.08 -4.45 -34.40
C THR F 124 21.16 -3.48 -33.66
N THR F 125 21.27 -2.19 -33.98
CA THR F 125 20.38 -1.20 -33.37
C THR F 125 18.92 -1.44 -33.76
N VAL F 126 18.69 -1.71 -35.05
CA VAL F 126 17.33 -2.01 -35.50
C VAL F 126 16.78 -3.20 -34.74
N ALA F 127 17.60 -4.24 -34.55
CA ALA F 127 17.14 -5.42 -33.84
C ALA F 127 16.76 -5.11 -32.41
N ILE F 128 17.58 -4.30 -31.72
CA ILE F 128 17.26 -4.01 -30.32
C ILE F 128 15.98 -3.17 -30.24
N LEU F 129 15.78 -2.26 -31.19
CA LEU F 129 14.56 -1.46 -31.18
C LEU F 129 13.33 -2.35 -31.41
N LEU F 130 13.41 -3.24 -32.39
CA LEU F 130 12.29 -4.16 -32.60
C LEU F 130 12.05 -5.03 -31.38
N GLU F 131 13.10 -5.38 -30.64
CA GLU F 131 12.89 -6.10 -29.39
C GLU F 131 12.35 -5.21 -28.29
N ALA F 132 12.40 -3.89 -28.45
CA ALA F 132 11.90 -2.95 -27.45
C ALA F 132 10.50 -2.41 -27.78
N GLY F 133 9.80 -3.04 -28.72
CA GLY F 133 8.46 -2.63 -29.07
C GLY F 133 8.36 -1.40 -29.95
N ALA F 134 9.24 -1.26 -30.91
CA ALA F 134 9.24 -0.07 -31.77
C ALA F 134 8.21 -0.23 -32.88
N PHE F 135 7.50 0.85 -33.18
CA PHE F 135 6.55 0.84 -34.27
C PHE F 135 7.29 0.82 -35.61
N VAL F 136 6.85 -0.07 -36.49
CA VAL F 136 7.58 -0.32 -37.73
C VAL F 136 7.09 0.55 -38.86
N ASN F 137 5.76 0.71 -38.97
CA ASN F 137 5.13 1.23 -40.17
C ASN F 137 4.84 2.74 -40.12
N VAL F 138 5.52 3.47 -39.23
CA VAL F 138 5.44 4.92 -39.24
C VAL F 138 6.02 5.51 -40.52
N GLN F 139 5.54 6.70 -40.88
CA GLN F 139 5.99 7.37 -42.09
C GLN F 139 6.58 8.73 -41.74
N GLN F 140 7.49 9.20 -42.61
CA GLN F 140 8.00 10.56 -42.57
C GLN F 140 7.03 11.49 -43.28
N SER F 141 7.30 12.79 -43.17
CA SER F 141 6.52 13.76 -43.92
C SER F 141 6.61 13.50 -45.42
N ASN F 142 7.65 12.78 -45.85
CA ASN F 142 7.84 12.42 -47.25
C ASN F 142 7.10 11.14 -47.63
N GLY F 143 6.47 10.47 -46.67
CA GLY F 143 5.72 9.27 -46.94
C GLY F 143 6.54 7.99 -46.96
N GLU F 144 7.80 8.04 -46.52
CA GLU F 144 8.73 6.91 -46.56
C GLU F 144 8.87 6.24 -45.20
N THR F 145 9.02 4.92 -45.21
CA THR F 145 9.14 4.11 -44.01
C THR F 145 10.55 3.56 -43.86
N ALA F 146 10.82 2.92 -42.72
CA ALA F 146 12.11 2.28 -42.50
C ALA F 146 12.41 1.27 -43.59
N LEU F 147 11.45 0.37 -43.85
CA LEU F 147 11.64 -0.66 -44.86
C LEU F 147 12.09 -0.06 -46.19
N MET F 148 11.54 1.11 -46.53
CA MET F 148 11.93 1.76 -47.78
C MET F 148 13.40 2.17 -47.74
N LYS F 149 13.88 2.70 -46.62
CA LYS F 149 15.29 3.05 -46.51
C LYS F 149 16.17 1.83 -46.69
N ALA F 150 15.82 0.73 -46.00
CA ALA F 150 16.64 -0.48 -46.11
C ALA F 150 16.66 -1.00 -47.54
N CYS F 151 15.52 -0.97 -48.23
CA CYS F 151 15.50 -1.39 -49.63
C CYS F 151 16.34 -0.46 -50.49
N LYS F 152 16.30 0.85 -50.21
CA LYS F 152 17.07 1.80 -50.99
C LYS F 152 18.57 1.53 -50.87
N ARG F 153 19.04 1.25 -49.65
CA ARG F 153 20.47 0.99 -49.43
C ARG F 153 20.85 -0.48 -49.61
N GLY F 154 19.89 -1.35 -49.93
CA GLY F 154 20.21 -2.70 -50.36
C GLY F 154 20.54 -3.71 -49.29
N ASN F 155 20.10 -3.49 -48.05
CA ASN F 155 20.44 -4.36 -46.93
C ASN F 155 19.34 -5.40 -46.69
N SER F 156 19.56 -6.60 -47.21
CA SER F 156 18.57 -7.66 -47.11
C SER F 156 18.30 -8.06 -45.66
N ASP F 157 19.31 -7.98 -44.79
CA ASP F 157 19.11 -8.42 -43.42
C ASP F 157 18.07 -7.58 -42.70
N ILE F 158 18.15 -6.24 -42.86
CA ILE F 158 17.16 -5.36 -42.25
C ILE F 158 15.78 -5.64 -42.82
N VAL F 159 15.69 -5.82 -44.15
CA VAL F 159 14.41 -6.07 -44.78
C VAL F 159 13.76 -7.29 -44.16
N ARG F 160 14.49 -8.40 -44.06
CA ARG F 160 13.93 -9.57 -43.43
C ARG F 160 13.49 -9.27 -42.00
N LEU F 161 14.33 -8.55 -41.26
CA LEU F 161 14.03 -8.35 -39.84
C LEU F 161 12.72 -7.60 -39.67
N VAL F 162 12.45 -6.61 -40.51
CA VAL F 162 11.23 -5.84 -40.35
C VAL F 162 10.01 -6.60 -40.88
N ILE F 163 10.12 -7.21 -42.06
CA ILE F 163 8.93 -7.87 -42.59
C ILE F 163 8.54 -9.06 -41.72
N GLU F 164 9.52 -9.68 -41.05
CA GLU F 164 9.18 -10.77 -40.14
C GLU F 164 8.49 -10.27 -38.89
N CYS F 165 8.81 -9.07 -38.44
CA CYS F 165 8.20 -8.49 -37.25
C CYS F 165 6.94 -7.70 -37.59
N GLY F 166 6.46 -7.82 -38.84
CA GLY F 166 5.14 -7.34 -39.21
C GLY F 166 5.13 -6.01 -39.93
N ALA F 167 6.02 -5.81 -40.89
CA ALA F 167 6.04 -4.57 -41.64
C ALA F 167 5.05 -4.66 -42.80
N ASP F 168 4.69 -3.50 -43.35
CA ASP F 168 3.76 -3.42 -44.48
C ASP F 168 4.54 -2.98 -45.71
N CYS F 169 4.45 -3.78 -46.78
CA CYS F 169 5.25 -3.53 -47.97
C CYS F 169 4.59 -2.60 -48.98
N ASN F 170 3.25 -2.60 -49.06
CA ASN F 170 2.54 -1.90 -50.11
C ASN F 170 2.36 -0.40 -49.85
N ILE F 171 2.79 0.10 -48.70
CA ILE F 171 2.63 1.53 -48.43
C ILE F 171 3.34 2.36 -49.50
N LEU F 172 2.77 3.53 -49.79
CA LEU F 172 3.27 4.43 -50.81
C LEU F 172 3.77 5.73 -50.18
N SER F 173 4.74 6.37 -50.84
CA SER F 173 5.25 7.65 -50.40
C SER F 173 4.47 8.76 -51.11
N LYS F 174 4.83 10.02 -50.81
CA LYS F 174 4.16 11.15 -51.43
C LYS F 174 4.35 11.19 -52.94
N HIS F 175 5.35 10.47 -53.46
CA HIS F 175 5.65 10.41 -54.88
C HIS F 175 5.16 9.12 -55.53
N GLN F 176 4.26 8.39 -54.87
CA GLN F 176 3.66 7.18 -55.45
C GLN F 176 4.71 6.13 -55.74
N ASN F 177 5.73 6.05 -54.88
CA ASN F 177 6.75 5.01 -54.94
C ASN F 177 6.60 4.05 -53.77
N SER F 178 6.63 2.75 -54.06
CA SER F 178 6.53 1.71 -53.05
C SER F 178 7.91 1.21 -52.67
N ALA F 179 7.95 0.42 -51.59
CA ALA F 179 9.19 -0.25 -51.22
C ALA F 179 9.68 -1.17 -52.33
N LEU F 180 8.73 -1.80 -53.03
CA LEU F 180 9.09 -2.74 -54.09
C LEU F 180 9.78 -2.03 -55.24
N HIS F 181 9.32 -0.83 -55.59
CA HIS F 181 9.96 -0.06 -56.66
C HIS F 181 11.39 0.30 -56.29
N PHE F 182 11.61 0.71 -55.04
CA PHE F 182 12.97 0.98 -54.58
C PHE F 182 13.82 -0.28 -54.63
N ALA F 183 13.25 -1.42 -54.24
CA ALA F 183 14.01 -2.68 -54.27
C ALA F 183 14.42 -3.02 -55.70
N LYS F 184 13.54 -2.79 -56.66
CA LYS F 184 13.89 -3.10 -58.05
C LYS F 184 14.90 -2.12 -58.61
N GLN F 185 14.85 -0.84 -58.19
CA GLN F 185 15.83 0.12 -58.70
C GLN F 185 17.22 -0.15 -58.12
N SER F 186 17.28 -0.56 -56.85
CA SER F 186 18.58 -0.86 -56.26
C SER F 186 19.26 -2.04 -56.94
N ASN F 187 18.52 -2.80 -57.73
CA ASN F 187 19.09 -3.91 -58.52
C ASN F 187 19.87 -4.85 -57.61
N ASN F 188 19.27 -5.15 -56.46
CA ASN F 188 19.77 -6.12 -55.50
C ASN F 188 18.75 -7.25 -55.45
N VAL F 189 19.08 -8.37 -56.09
CA VAL F 189 18.08 -9.39 -56.37
C VAL F 189 17.48 -9.92 -55.08
N LEU F 190 18.31 -10.05 -54.03
CA LEU F 190 17.83 -10.68 -52.80
C LEU F 190 16.71 -9.88 -52.16
N VAL F 191 16.82 -8.54 -52.16
CA VAL F 191 15.80 -7.70 -51.52
C VAL F 191 14.45 -7.86 -52.22
N TYR F 192 14.44 -7.75 -53.54
CA TYR F 192 13.18 -7.79 -54.29
C TYR F 192 12.61 -9.20 -54.28
N ASP F 193 13.46 -10.22 -54.23
CA ASP F 193 12.94 -11.57 -54.00
C ASP F 193 12.26 -11.69 -52.63
N LEU F 194 12.88 -11.12 -51.58
CA LEU F 194 12.26 -11.21 -50.26
C LEU F 194 10.89 -10.56 -50.26
N LEU F 195 10.80 -9.32 -50.76
CA LEU F 195 9.51 -8.63 -50.75
C LEU F 195 8.48 -9.39 -51.59
N LYS F 196 8.86 -9.84 -52.78
CA LYS F 196 7.91 -10.48 -53.66
C LYS F 196 7.38 -11.77 -53.04
N ASN F 197 8.26 -12.57 -52.44
CA ASN F 197 7.79 -13.81 -51.82
C ASN F 197 6.90 -13.53 -50.62
N HIS F 198 7.23 -12.50 -49.82
CA HIS F 198 6.38 -12.17 -48.67
C HIS F 198 4.97 -11.80 -49.13
N LEU F 199 4.86 -10.95 -50.15
CA LEU F 199 3.53 -10.52 -50.58
C LEU F 199 2.78 -11.65 -51.27
N GLU F 200 3.47 -12.49 -52.04
CA GLU F 200 2.81 -13.66 -52.59
C GLU F 200 2.25 -14.52 -51.48
N THR F 201 3.02 -14.70 -50.39
CA THR F 201 2.55 -15.49 -49.27
C THR F 201 1.30 -14.89 -48.65
N LEU F 202 1.29 -13.56 -48.48
CA LEU F 202 0.12 -12.91 -47.89
C LEU F 202 -1.12 -13.15 -48.75
N SER F 203 -1.01 -12.92 -50.06
CA SER F 203 -2.19 -13.06 -50.91
C SER F 203 -2.67 -14.51 -50.95
N ARG F 204 -1.74 -15.48 -51.02
CA ARG F 204 -2.18 -16.87 -51.04
C ARG F 204 -2.89 -17.23 -49.74
N VAL F 205 -2.37 -16.79 -48.59
CA VAL F 205 -3.02 -17.17 -47.34
C VAL F 205 -4.38 -16.48 -47.23
N ALA F 206 -4.54 -15.28 -47.79
CA ALA F 206 -5.85 -14.65 -47.82
C ALA F 206 -6.85 -15.52 -48.58
N GLU F 207 -6.45 -15.94 -49.79
CA GLU F 207 -7.32 -16.82 -50.58
C GLU F 207 -7.63 -18.11 -49.82
N GLU F 208 -6.62 -18.71 -49.21
CA GLU F 208 -6.80 -19.98 -48.51
C GLU F 208 -7.82 -19.83 -47.39
N THR F 209 -7.71 -18.75 -46.61
CA THR F 209 -8.60 -18.58 -45.47
C THR F 209 -10.03 -18.31 -45.92
N ILE F 210 -10.22 -17.49 -46.96
CA ILE F 210 -11.59 -17.24 -47.40
C ILE F 210 -12.21 -18.53 -47.94
N LYS F 211 -11.44 -19.31 -48.71
CA LYS F 211 -11.95 -20.59 -49.18
C LYS F 211 -12.37 -21.46 -48.00
N ASP F 212 -11.54 -21.52 -46.96
CA ASP F 212 -11.86 -22.37 -45.82
C ASP F 212 -13.14 -21.91 -45.13
N TYR F 213 -13.31 -20.60 -44.98
CA TYR F 213 -14.36 -20.09 -44.11
C TYR F 213 -15.72 -20.02 -44.81
N PHE F 214 -15.76 -19.73 -46.11
CA PHE F 214 -17.02 -19.73 -46.82
C PHE F 214 -17.29 -21.05 -47.52
N GLU F 215 -16.52 -22.10 -47.22
CA GLU F 215 -16.75 -23.45 -47.73
C GLU F 215 -16.82 -23.45 -49.26
N ALA F 216 -16.12 -22.52 -49.88
CA ALA F 216 -15.92 -22.42 -51.32
C ALA F 216 -17.18 -22.07 -52.09
N ARG F 217 -18.30 -21.80 -51.42
CA ARG F 217 -19.48 -21.29 -52.10
C ARG F 217 -19.22 -19.89 -52.66
N LEU F 218 -18.14 -19.26 -52.22
CA LEU F 218 -17.72 -17.93 -52.64
C LEU F 218 -16.28 -18.04 -53.15
N ALA F 219 -15.95 -17.21 -54.13
CA ALA F 219 -14.62 -17.26 -54.74
C ALA F 219 -14.10 -15.87 -55.06
N LEU F 220 -12.88 -15.57 -54.60
CA LEU F 220 -12.27 -14.28 -54.86
C LEU F 220 -11.97 -14.12 -56.35
N LEU F 221 -12.08 -12.89 -56.83
CA LEU F 221 -11.90 -12.60 -58.24
C LEU F 221 -10.68 -11.72 -58.49
N GLU F 222 -10.65 -10.55 -57.88
CA GLU F 222 -9.63 -9.57 -58.21
C GLU F 222 -9.51 -8.55 -57.09
N PRO F 223 -8.31 -8.35 -56.54
CA PRO F 223 -8.16 -7.36 -55.47
C PRO F 223 -8.52 -5.95 -55.91
N VAL F 224 -9.11 -5.20 -54.98
CA VAL F 224 -9.46 -3.81 -55.27
C VAL F 224 -8.26 -2.89 -55.05
N PHE F 225 -7.38 -3.23 -54.13
CA PHE F 225 -6.33 -2.30 -53.72
C PHE F 225 -5.33 -3.05 -52.85
N PRO F 226 -4.04 -2.71 -52.93
CA PRO F 226 -2.99 -3.59 -52.37
C PRO F 226 -3.20 -3.87 -50.90
N ILE F 227 -3.33 -5.17 -50.59
CA ILE F 227 -3.62 -5.59 -49.23
C ILE F 227 -2.58 -5.00 -48.29
N ALA F 228 -3.05 -4.40 -47.20
CA ALA F 228 -2.17 -3.72 -46.26
C ALA F 228 -2.12 -4.50 -44.95
N CYS F 229 -1.15 -4.13 -44.13
CA CYS F 229 -0.89 -4.79 -42.85
C CYS F 229 -0.82 -3.74 -41.77
N HIS F 230 -1.45 -4.03 -40.63
CA HIS F 230 -1.50 -3.11 -39.50
C HIS F 230 -1.11 -3.84 -38.22
N ARG F 231 -0.14 -3.30 -37.50
CA ARG F 231 0.29 -3.88 -36.23
C ARG F 231 -0.59 -3.31 -35.12
N LEU F 232 -1.38 -4.18 -34.49
CA LEU F 232 -2.36 -3.69 -33.52
C LEU F 232 -1.69 -2.95 -32.37
N CYS F 233 -0.54 -3.44 -31.91
CA CYS F 233 0.17 -2.74 -30.84
C CYS F 233 0.52 -1.31 -31.24
N GLU F 234 0.58 -1.01 -32.54
CA GLU F 234 1.01 0.33 -32.96
C GLU F 234 -0.06 1.39 -32.70
N GLY F 235 -1.34 1.03 -32.70
CA GLY F 235 -2.38 1.99 -32.42
C GLY F 235 -3.79 1.49 -32.63
N PRO F 236 -4.77 2.30 -32.21
CA PRO F 236 -6.17 1.97 -32.44
C PRO F 236 -6.77 2.55 -33.72
N ASP F 237 -6.03 3.40 -34.43
CA ASP F 237 -6.46 3.99 -35.68
C ASP F 237 -5.76 3.30 -36.85
N PHE F 238 -6.42 3.30 -38.01
CA PHE F 238 -5.77 2.83 -39.24
C PHE F 238 -6.29 3.65 -40.42
N SER F 239 -5.39 4.06 -41.32
CA SER F 239 -5.75 4.99 -42.39
C SER F 239 -5.08 4.58 -43.70
N THR F 240 -5.73 4.86 -44.82
CA THR F 240 -5.10 4.68 -46.13
C THR F 240 -5.84 5.45 -47.21
N ASP F 241 -5.12 5.70 -48.32
CA ASP F 241 -5.66 6.33 -49.51
C ASP F 241 -5.34 5.43 -50.69
N PHE F 242 -6.34 5.14 -51.54
CA PHE F 242 -6.09 4.30 -52.70
C PHE F 242 -6.84 4.83 -53.93
N ASN F 243 -6.62 4.18 -55.08
CA ASN F 243 -7.27 4.50 -56.34
C ASN F 243 -7.89 3.23 -56.91
N TYR F 244 -9.15 3.34 -57.35
CA TYR F 244 -9.93 2.19 -57.81
C TYR F 244 -10.32 2.38 -59.26
N LYS F 245 -9.97 1.40 -60.10
CA LYS F 245 -10.28 1.42 -61.52
C LYS F 245 -11.08 0.18 -61.92
N PRO F 246 -12.40 0.28 -62.11
CA PRO F 246 -13.20 -0.91 -62.35
C PRO F 246 -12.94 -1.48 -63.73
N PRO F 247 -13.01 -2.80 -63.90
CA PRO F 247 -12.96 -3.38 -65.24
C PRO F 247 -14.30 -3.30 -65.96
N GLN F 248 -14.23 -3.29 -67.29
CA GLN F 248 -15.43 -3.16 -68.11
C GLN F 248 -16.40 -4.31 -67.88
N ASN F 249 -15.91 -5.54 -67.96
CA ASN F 249 -16.76 -6.73 -67.82
C ASN F 249 -16.88 -7.01 -66.33
N ILE F 250 -18.03 -6.68 -65.76
CA ILE F 250 -18.34 -6.97 -64.36
C ILE F 250 -19.29 -8.16 -64.36
N PRO F 251 -18.88 -9.34 -63.86
CA PRO F 251 -19.82 -10.47 -63.82
C PRO F 251 -20.97 -10.17 -62.88
N GLU F 252 -22.17 -9.99 -63.43
CA GLU F 252 -23.32 -9.67 -62.60
C GLU F 252 -23.56 -10.79 -61.60
N GLY F 253 -23.82 -10.40 -60.36
CA GLY F 253 -23.76 -11.32 -59.25
C GLY F 253 -22.43 -11.30 -58.54
N SER F 254 -21.59 -10.32 -58.84
CA SER F 254 -20.29 -10.15 -58.20
C SER F 254 -20.29 -8.83 -57.43
N GLY F 255 -19.56 -8.81 -56.32
CA GLY F 255 -19.56 -7.66 -55.44
C GLY F 255 -18.23 -7.51 -54.74
N ILE F 256 -18.05 -6.35 -54.12
CA ILE F 256 -16.80 -6.01 -53.44
C ILE F 256 -16.98 -6.18 -51.94
N LEU F 257 -15.99 -6.79 -51.29
CA LEU F 257 -16.01 -6.98 -49.85
C LEU F 257 -14.67 -6.56 -49.26
N LEU F 258 -14.72 -5.97 -48.07
CA LEU F 258 -13.54 -5.68 -47.27
C LEU F 258 -13.36 -6.80 -46.25
N PHE F 259 -12.17 -7.37 -46.21
CA PHE F 259 -11.82 -8.42 -45.27
C PHE F 259 -10.76 -7.87 -44.34
N ILE F 260 -10.93 -8.12 -43.04
CA ILE F 260 -9.95 -7.78 -42.02
C ILE F 260 -9.56 -9.11 -41.36
N PHE F 261 -8.52 -9.76 -41.90
CA PHE F 261 -8.05 -11.01 -41.33
C PHE F 261 -7.21 -10.73 -40.08
N HIS F 262 -7.45 -11.51 -39.03
CA HIS F 262 -6.63 -11.44 -37.81
C HIS F 262 -5.54 -12.50 -37.93
N ALA F 263 -4.28 -12.07 -38.04
CA ALA F 263 -3.19 -12.93 -38.46
C ALA F 263 -2.02 -12.84 -37.50
N ASN F 264 -1.22 -13.90 -37.49
CA ASN F 264 0.03 -13.97 -36.74
C ASN F 264 1.17 -14.32 -37.69
N PHE F 265 2.27 -13.59 -37.56
CA PHE F 265 3.48 -13.87 -38.31
C PHE F 265 4.42 -14.68 -37.41
N LEU F 266 4.71 -15.91 -37.80
CA LEU F 266 5.67 -16.78 -37.13
C LEU F 266 6.78 -17.17 -38.10
N GLY F 267 7.85 -16.40 -38.08
CA GLY F 267 8.97 -16.68 -38.95
C GLY F 267 8.62 -16.28 -40.37
N LYS F 268 8.62 -17.27 -41.26
CA LYS F 268 8.18 -17.06 -42.63
C LYS F 268 6.75 -17.52 -42.87
N GLU F 269 6.06 -18.03 -41.85
CA GLU F 269 4.71 -18.53 -41.98
C GLU F 269 3.69 -17.58 -41.36
N VAL F 270 2.59 -17.34 -42.05
CA VAL F 270 1.52 -16.46 -41.58
C VAL F 270 0.26 -17.29 -41.42
N ILE F 271 -0.40 -17.14 -40.28
CA ILE F 271 -1.68 -17.82 -40.04
C ILE F 271 -2.75 -16.78 -39.77
N ALA F 272 -3.92 -16.94 -40.39
CA ALA F 272 -4.95 -15.92 -40.32
C ALA F 272 -6.31 -16.54 -40.04
N ARG F 273 -7.21 -15.70 -39.52
CA ARG F 273 -8.56 -16.11 -39.14
C ARG F 273 -9.53 -15.00 -39.48
N LEU F 274 -10.78 -15.41 -39.72
CA LEU F 274 -11.93 -14.52 -39.87
C LEU F 274 -13.02 -14.87 -38.86
N CYS F 275 -12.64 -15.46 -37.72
CA CYS F 275 -13.58 -15.69 -36.63
C CYS F 275 -12.90 -15.30 -35.32
N GLY F 276 -13.58 -15.56 -34.20
CA GLY F 276 -13.01 -15.31 -32.90
C GLY F 276 -13.08 -13.86 -32.47
N PRO F 277 -12.35 -13.51 -31.41
CA PRO F 277 -12.34 -12.11 -30.96
C PRO F 277 -11.99 -11.15 -32.08
N CYS F 278 -12.72 -10.04 -32.15
CA CYS F 278 -12.49 -9.03 -33.16
C CYS F 278 -12.00 -7.74 -32.53
N SER F 279 -11.09 -7.06 -33.22
CA SER F 279 -10.57 -5.78 -32.78
C SER F 279 -11.14 -4.61 -33.58
N VAL F 280 -12.09 -4.87 -34.45
CA VAL F 280 -12.63 -3.86 -35.36
C VAL F 280 -13.90 -3.29 -34.75
N GLN F 281 -13.93 -1.97 -34.59
CA GLN F 281 -15.10 -1.27 -34.10
C GLN F 281 -15.86 -0.58 -35.22
N ALA F 282 -15.16 0.11 -36.12
CA ALA F 282 -15.90 0.86 -37.14
C ALA F 282 -15.06 1.04 -38.39
N VAL F 283 -15.73 1.10 -39.53
CA VAL F 283 -15.10 1.30 -40.83
C VAL F 283 -15.76 2.47 -41.53
N VAL F 284 -14.96 3.40 -42.04
CA VAL F 284 -15.41 4.63 -42.68
C VAL F 284 -14.77 4.70 -44.06
N LEU F 285 -15.61 4.65 -45.10
CA LEU F 285 -15.17 4.81 -46.48
C LEU F 285 -15.67 6.18 -46.94
N ASN F 286 -14.75 7.15 -46.99
CA ASN F 286 -15.08 8.49 -47.47
C ASN F 286 -16.15 9.15 -46.61
N ASP F 287 -15.95 9.07 -45.29
CA ASP F 287 -16.77 9.67 -44.25
C ASP F 287 -18.13 9.01 -44.06
N LYS F 288 -18.44 7.96 -44.80
CA LYS F 288 -19.69 7.22 -44.65
C LYS F 288 -19.40 5.85 -44.05
N PHE F 289 -20.02 5.55 -42.90
CA PHE F 289 -19.79 4.26 -42.27
C PHE F 289 -20.15 3.14 -43.24
N GLN F 290 -19.33 2.10 -43.25
CA GLN F 290 -19.64 0.86 -43.95
C GLN F 290 -20.11 -0.15 -42.90
N LEU F 291 -21.05 -0.97 -43.27
CA LEU F 291 -21.67 -1.83 -42.28
C LEU F 291 -21.31 -3.29 -42.47
N PRO F 292 -21.16 -4.04 -41.39
CA PRO F 292 -20.80 -5.46 -41.50
C PRO F 292 -21.85 -6.26 -42.25
N VAL F 293 -21.37 -7.29 -42.97
CA VAL F 293 -22.26 -8.19 -43.67
C VAL F 293 -23.07 -9.03 -42.69
N PHE F 294 -22.48 -9.38 -41.55
CA PHE F 294 -23.17 -10.12 -40.49
C PHE F 294 -23.27 -9.26 -39.24
N LEU F 295 -24.28 -9.54 -38.40
CA LEU F 295 -24.34 -8.92 -37.09
C LEU F 295 -23.56 -9.68 -36.03
N ASP F 296 -23.19 -10.95 -36.30
CA ASP F 296 -22.45 -11.75 -35.33
C ASP F 296 -20.95 -11.53 -35.38
N SER F 297 -20.42 -10.91 -36.42
CA SER F 297 -18.99 -10.78 -36.59
C SER F 297 -18.69 -9.45 -37.24
N HIS F 298 -17.46 -8.96 -37.03
CA HIS F 298 -17.01 -7.70 -37.59
C HIS F 298 -15.76 -7.87 -38.46
N PHE F 299 -15.56 -9.05 -39.05
CA PHE F 299 -14.39 -9.24 -39.90
C PHE F 299 -14.63 -8.96 -41.38
N VAL F 300 -15.85 -9.18 -41.87
CA VAL F 300 -16.18 -8.97 -43.28
C VAL F 300 -17.16 -7.82 -43.37
N TYR F 301 -16.76 -6.74 -44.03
CA TYR F 301 -17.64 -5.61 -44.23
C TYR F 301 -18.01 -5.42 -45.70
N SER F 302 -19.18 -4.83 -45.90
CA SER F 302 -19.54 -4.29 -47.20
C SER F 302 -18.60 -3.16 -47.56
N PHE F 303 -18.24 -3.07 -48.82
CA PHE F 303 -17.22 -2.11 -49.26
C PHE F 303 -17.75 -1.58 -50.59
N SER F 304 -18.26 -0.35 -50.59
CA SER F 304 -18.81 0.29 -51.78
C SER F 304 -17.95 1.50 -52.10
N PRO F 305 -16.79 1.29 -52.73
CA PRO F 305 -15.95 2.43 -53.13
C PRO F 305 -16.42 3.02 -54.44
N VAL F 306 -16.06 4.26 -54.65
CA VAL F 306 -16.30 4.93 -55.92
C VAL F 306 -15.01 4.91 -56.73
N ALA F 307 -15.15 4.96 -58.05
CA ALA F 307 -14.00 4.94 -58.92
C ALA F 307 -13.15 6.20 -58.70
N GLY F 308 -11.84 6.04 -58.79
CA GLY F 308 -10.95 7.14 -58.53
C GLY F 308 -10.35 7.05 -57.15
N PRO F 309 -10.01 8.20 -56.55
CA PRO F 309 -9.41 8.18 -55.22
C PRO F 309 -10.42 7.95 -54.11
N ASN F 310 -10.04 7.10 -53.17
CA ASN F 310 -10.86 6.75 -52.01
C ASN F 310 -10.00 6.81 -50.75
N LYS F 311 -10.64 7.16 -49.63
CA LYS F 311 -9.97 7.29 -48.34
C LYS F 311 -10.65 6.37 -47.34
N LEU F 312 -9.88 5.47 -46.73
CA LEU F 312 -10.38 4.46 -45.82
C LEU F 312 -9.80 4.69 -44.43
N PHE F 313 -10.65 4.58 -43.40
CA PHE F 313 -10.15 4.68 -42.02
C PHE F 313 -10.96 3.74 -41.14
N ILE F 314 -10.25 2.93 -40.36
CA ILE F 314 -10.83 1.94 -39.46
C ILE F 314 -10.45 2.28 -38.04
N ARG F 315 -11.43 2.26 -37.14
CA ARG F 315 -11.18 2.44 -35.71
C ARG F 315 -11.25 1.07 -35.06
N LEU F 316 -10.25 0.79 -34.20
CA LEU F 316 -9.97 -0.51 -33.63
C LEU F 316 -9.99 -0.43 -32.10
N THR F 317 -9.94 -1.60 -31.48
CA THR F 317 -9.75 -1.70 -30.04
C THR F 317 -8.31 -1.37 -29.66
N GLU F 318 -8.14 -0.97 -28.41
CA GLU F 318 -6.85 -0.57 -27.85
C GLU F 318 -6.28 -1.77 -27.10
N ALA F 319 -5.22 -2.36 -27.66
CA ALA F 319 -4.48 -3.47 -27.07
C ALA F 319 -2.99 -3.17 -27.15
N PRO F 320 -2.43 -2.49 -26.14
CA PRO F 320 -1.03 -2.02 -26.26
C PRO F 320 0.02 -3.11 -26.45
N SER F 321 -0.19 -4.33 -25.99
CA SER F 321 0.81 -5.39 -26.14
C SER F 321 0.41 -6.53 -27.06
N ALA F 322 -0.76 -6.48 -27.69
CA ALA F 322 -1.17 -7.61 -28.53
C ALA F 322 -0.20 -7.79 -29.70
N LYS F 323 0.25 -9.03 -29.88
CA LYS F 323 1.16 -9.38 -30.97
C LYS F 323 0.42 -9.89 -32.20
N VAL F 324 -0.64 -9.20 -32.58
CA VAL F 324 -1.51 -9.61 -33.68
C VAL F 324 -1.33 -8.63 -34.83
N LYS F 325 -1.31 -9.15 -36.05
CA LYS F 325 -1.30 -8.34 -37.26
C LYS F 325 -2.67 -8.39 -37.93
N LEU F 326 -3.03 -7.30 -38.60
CA LEU F 326 -4.31 -7.20 -39.30
C LEU F 326 -4.02 -7.07 -40.79
N LEU F 327 -4.58 -7.99 -41.57
CA LEU F 327 -4.44 -7.99 -43.03
C LEU F 327 -5.74 -7.44 -43.61
N ILE F 328 -5.65 -6.26 -44.22
CA ILE F 328 -6.81 -5.48 -44.62
C ILE F 328 -6.83 -5.44 -46.14
N GLY F 329 -7.85 -6.05 -46.74
CA GLY F 329 -7.93 -6.12 -48.18
C GLY F 329 -9.33 -6.16 -48.73
N ALA F 330 -9.58 -5.42 -49.79
CA ALA F 330 -10.90 -5.33 -50.40
C ALA F 330 -10.84 -5.97 -51.77
N TYR F 331 -11.61 -7.02 -51.97
CA TYR F 331 -11.60 -7.76 -53.23
C TYR F 331 -13.00 -7.86 -53.81
N ARG F 332 -13.08 -8.01 -55.14
CA ARG F 332 -14.30 -8.49 -55.74
C ARG F 332 -14.45 -10.00 -55.53
N VAL F 333 -15.69 -10.47 -55.58
CA VAL F 333 -15.97 -11.85 -55.25
C VAL F 333 -17.30 -12.22 -55.89
N GLN F 334 -17.42 -13.49 -56.28
CA GLN F 334 -18.58 -14.05 -56.94
C GLN F 334 -19.12 -15.19 -56.10
N LEU F 335 -20.43 -15.39 -56.13
CA LEU F 335 -21.10 -16.35 -55.26
C LEU F 335 -21.39 -17.61 -56.07
N GLN F 336 -20.41 -18.51 -56.13
CA GLN F 336 -20.54 -19.75 -56.89
C GLN F 336 -21.02 -20.88 -55.99
N ILE G 41 -5.99 -71.37 48.11
CA ILE G 41 -5.10 -70.35 48.68
C ILE G 41 -5.85 -69.03 48.83
N PRO G 42 -6.31 -68.73 50.05
CA PRO G 42 -6.98 -67.44 50.28
C PRO G 42 -6.05 -66.25 50.09
N SER G 43 -6.54 -65.04 50.35
CA SER G 43 -5.69 -63.87 50.24
C SER G 43 -5.02 -63.50 51.57
N ASN G 44 -5.79 -63.45 52.66
CA ASN G 44 -5.23 -63.21 53.99
C ASN G 44 -3.96 -64.02 54.24
N VAL G 45 -3.92 -65.25 53.70
CA VAL G 45 -2.75 -66.09 53.87
C VAL G 45 -1.53 -65.46 53.20
N LEU G 46 -1.74 -64.89 52.01
CA LEU G 46 -0.64 -64.27 51.27
C LEU G 46 -0.05 -63.08 52.02
N ARG G 47 -0.86 -62.35 52.79
CA ARG G 47 -0.33 -61.25 53.56
C ARG G 47 0.72 -61.75 54.56
N ASP G 48 0.35 -62.75 55.35
CA ASP G 48 1.29 -63.32 56.32
C ASP G 48 2.46 -64.00 55.60
N ALA G 49 2.22 -64.52 54.40
CA ALA G 49 3.31 -65.10 53.61
C ALA G 49 4.35 -64.03 53.28
N VAL G 50 3.90 -62.84 52.89
CA VAL G 50 4.83 -61.76 52.60
C VAL G 50 5.50 -61.30 53.89
N LYS G 51 4.74 -61.21 54.98
CA LYS G 51 5.33 -60.82 56.25
C LYS G 51 6.38 -61.82 56.72
N ASN G 52 6.26 -63.08 56.29
CA ASN G 52 7.19 -64.14 56.69
C ASN G 52 8.18 -64.57 55.61
N GLY G 53 8.15 -63.97 54.42
CA GLY G 53 9.10 -64.31 53.37
C GLY G 53 9.08 -65.72 52.80
N ASP G 54 7.93 -66.18 52.33
CA ASP G 54 7.74 -67.53 51.78
C ASP G 54 7.80 -67.46 50.25
N TYR G 55 9.01 -67.66 49.70
CA TYR G 55 9.20 -67.47 48.26
C TYR G 55 8.39 -68.47 47.44
N ILE G 56 8.32 -69.72 47.88
CA ILE G 56 7.60 -70.73 47.09
C ILE G 56 6.12 -70.40 47.04
N THR G 57 5.56 -70.01 48.19
CA THR G 57 4.14 -69.66 48.25
C THR G 57 3.81 -68.55 47.25
N VAL G 58 4.60 -67.49 47.24
CA VAL G 58 4.31 -66.36 46.36
C VAL G 58 4.50 -66.75 44.91
N LYS G 59 5.50 -67.59 44.60
CA LYS G 59 5.68 -68.00 43.21
C LYS G 59 4.46 -68.75 42.69
N VAL G 60 3.94 -69.69 43.47
CA VAL G 60 2.74 -70.40 43.01
C VAL G 60 1.56 -69.44 42.90
N ALA G 61 1.36 -68.59 43.91
CA ALA G 61 0.24 -67.65 43.85
C ALA G 61 0.37 -66.71 42.66
N LEU G 62 1.60 -66.47 42.19
CA LEU G 62 1.85 -65.55 41.08
C LEU G 62 1.70 -66.21 39.73
N ASN G 63 1.84 -67.54 39.64
CA ASN G 63 1.52 -68.22 38.39
C ASN G 63 0.13 -68.83 38.36
N SER G 64 -0.63 -68.74 39.45
CA SER G 64 -1.98 -69.29 39.43
C SER G 64 -2.95 -68.28 38.82
N ASN G 65 -4.08 -68.80 38.35
CA ASN G 65 -5.15 -67.98 37.79
C ASN G 65 -6.05 -67.45 38.89
N GLU G 66 -5.46 -66.92 39.95
CA GLU G 66 -6.19 -66.41 41.10
C GLU G 66 -6.06 -64.89 41.13
N GLU G 67 -7.15 -64.21 41.45
CA GLU G 67 -7.18 -62.76 41.48
C GLU G 67 -6.81 -62.30 42.88
N TYR G 68 -5.63 -61.72 43.01
CA TYR G 68 -5.15 -61.18 44.27
C TYR G 68 -4.96 -59.68 44.11
N ASN G 69 -5.38 -58.92 45.12
CA ASN G 69 -5.18 -57.48 45.14
C ASN G 69 -3.87 -57.20 45.86
N LEU G 70 -2.83 -56.90 45.09
CA LEU G 70 -1.52 -56.65 45.68
C LEU G 70 -1.40 -55.24 46.24
N ASP G 71 -2.52 -54.50 46.28
CA ASP G 71 -2.55 -53.14 46.83
C ASP G 71 -3.47 -53.09 48.05
N GLN G 72 -3.83 -54.25 48.58
CA GLN G 72 -4.64 -54.32 49.79
C GLN G 72 -3.90 -53.68 50.95
N GLU G 73 -4.64 -52.95 51.78
CA GLU G 73 -4.06 -52.26 52.93
C GLU G 73 -4.81 -52.70 54.17
N ASP G 74 -4.08 -53.11 55.20
CA ASP G 74 -4.68 -53.44 56.47
C ASP G 74 -5.12 -52.17 57.18
N SER G 75 -5.63 -52.31 58.41
CA SER G 75 -6.05 -51.13 59.17
C SER G 75 -4.93 -50.09 59.21
N SER G 76 -3.69 -50.55 59.35
CA SER G 76 -2.56 -49.63 59.31
C SER G 76 -2.45 -48.96 57.95
N GLY G 77 -2.64 -49.74 56.88
CA GLY G 77 -2.51 -49.24 55.52
C GLY G 77 -1.35 -49.81 54.73
N MET G 78 -0.60 -50.77 55.28
CA MET G 78 0.57 -51.31 54.59
C MET G 78 0.17 -52.26 53.47
N THR G 79 0.77 -52.07 52.31
CA THR G 79 0.58 -52.96 51.18
C THR G 79 1.63 -54.04 51.20
N LEU G 80 1.47 -55.03 50.31
CA LEU G 80 2.41 -56.13 50.26
C LEU G 80 3.81 -55.63 49.89
N VAL G 81 3.90 -54.66 48.99
CA VAL G 81 5.20 -54.14 48.58
C VAL G 81 5.97 -53.59 49.78
N MET G 82 5.31 -52.79 50.61
CA MET G 82 6.05 -52.14 51.68
C MET G 82 6.37 -53.10 52.83
N LEU G 83 5.52 -54.09 53.12
CA LEU G 83 5.91 -55.13 54.08
C LEU G 83 7.12 -55.91 53.56
N ALA G 84 7.07 -56.32 52.29
CA ALA G 84 8.21 -57.02 51.70
C ALA G 84 9.48 -56.18 51.81
N ALA G 85 9.37 -54.88 51.55
CA ALA G 85 10.55 -54.02 51.69
C ALA G 85 10.94 -53.85 53.15
N ALA G 86 9.98 -53.97 54.06
CA ALA G 86 10.27 -53.88 55.48
C ALA G 86 11.10 -55.05 55.95
N GLY G 87 10.87 -56.23 55.37
CA GLY G 87 11.59 -57.42 55.76
C GLY G 87 12.83 -57.74 54.94
N GLY G 88 13.26 -56.82 54.07
CA GLY G 88 14.45 -57.02 53.28
C GLY G 88 14.39 -58.17 52.32
N GLN G 89 13.20 -58.70 52.04
CA GLN G 89 13.06 -59.89 51.19
C GLN G 89 13.07 -59.46 49.73
N ASP G 90 14.28 -59.29 49.20
CA ASP G 90 14.47 -58.64 47.90
C ASP G 90 13.83 -59.42 46.75
N ASP G 91 13.95 -60.74 46.76
CA ASP G 91 13.37 -61.53 45.67
C ASP G 91 11.86 -61.33 45.57
N LEU G 92 11.21 -61.17 46.73
CA LEU G 92 9.80 -60.81 46.73
C LEU G 92 9.57 -59.49 46.02
N LEU G 93 10.40 -58.48 46.34
CA LEU G 93 10.27 -57.20 45.67
C LEU G 93 10.42 -57.34 44.16
N ARG G 94 11.39 -58.15 43.72
CA ARG G 94 11.55 -58.34 42.28
C ARG G 94 10.28 -58.87 41.65
N LEU G 95 9.67 -59.88 42.28
CA LEU G 95 8.42 -60.41 41.71
C LEU G 95 7.28 -59.39 41.76
N LEU G 96 7.16 -58.66 42.87
CA LEU G 96 6.10 -57.67 42.99
C LEU G 96 6.25 -56.58 41.92
N ILE G 97 7.49 -56.16 41.65
CA ILE G 97 7.71 -55.17 40.60
C ILE G 97 7.34 -55.77 39.24
N THR G 98 7.76 -57.01 38.98
CA THR G 98 7.36 -57.66 37.73
C THR G 98 5.95 -58.26 37.81
N LYS G 99 5.19 -57.95 38.85
CA LYS G 99 3.78 -58.32 38.91
C LYS G 99 2.86 -57.11 39.01
N GLY G 100 3.40 -55.91 38.80
CA GLY G 100 2.60 -54.70 38.77
C GLY G 100 2.10 -54.29 40.14
N ALA G 101 3.02 -53.93 41.04
CA ALA G 101 2.65 -53.54 42.39
C ALA G 101 3.13 -52.11 42.63
N LYS G 102 2.25 -51.27 43.15
CA LYS G 102 2.57 -49.87 43.34
C LYS G 102 3.76 -49.77 44.27
N VAL G 103 4.86 -49.20 43.76
CA VAL G 103 6.00 -48.89 44.60
C VAL G 103 5.66 -47.75 45.55
N ASN G 104 4.98 -46.73 45.04
CA ASN G 104 4.68 -45.50 45.78
C ASN G 104 3.26 -45.55 46.31
N GLY G 105 3.06 -46.34 47.36
CA GLY G 105 1.88 -46.22 48.20
C GLY G 105 2.11 -45.22 49.32
N ARG G 106 1.05 -45.02 50.11
CA ARG G 106 1.14 -44.13 51.26
C ARG G 106 0.39 -44.76 52.43
N GLN G 107 0.95 -44.59 53.62
CA GLN G 107 0.34 -45.04 54.87
C GLN G 107 -0.76 -44.07 55.28
N LYS G 108 -1.45 -44.39 56.38
CA LYS G 108 -2.37 -43.40 56.92
C LYS G 108 -1.60 -42.17 57.40
N ASN G 109 -0.40 -42.38 57.94
CA ASN G 109 0.51 -41.31 58.32
C ASN G 109 1.49 -40.95 57.22
N GLY G 110 1.29 -41.47 56.00
CA GLY G 110 2.04 -41.00 54.86
C GLY G 110 3.42 -41.56 54.64
N THR G 111 3.63 -42.83 54.98
CA THR G 111 4.92 -43.50 54.83
C THR G 111 4.89 -44.40 53.61
N THR G 112 5.91 -44.30 52.77
CA THR G 112 6.06 -45.16 51.60
C THR G 112 7.05 -46.28 51.87
N ALA G 113 7.01 -47.31 51.01
CA ALA G 113 7.88 -48.46 51.17
C ALA G 113 9.34 -48.05 51.27
N LEU G 114 9.73 -47.05 50.49
CA LEU G 114 11.10 -46.57 50.52
C LEU G 114 11.47 -46.05 51.90
N ILE G 115 10.54 -45.36 52.58
CA ILE G 115 10.82 -44.86 53.94
C ILE G 115 11.05 -46.02 54.90
N HIS G 116 10.22 -47.07 54.81
CA HIS G 116 10.43 -48.27 55.62
C HIS G 116 11.83 -48.85 55.38
N ALA G 117 12.19 -49.02 54.10
CA ALA G 117 13.51 -49.55 53.79
C ALA G 117 14.60 -48.70 54.42
N ALA G 118 14.49 -47.38 54.32
CA ALA G 118 15.52 -46.52 54.89
C ALA G 118 15.60 -46.68 56.40
N GLU G 119 14.44 -46.82 57.08
CA GLU G 119 14.44 -46.96 58.52
C GLU G 119 15.37 -48.07 58.99
N LYS G 120 15.36 -49.22 58.31
CA LYS G 120 16.05 -50.42 58.78
C LYS G 120 17.30 -50.75 57.97
N ASN G 121 17.91 -49.73 57.38
CA ASN G 121 19.23 -49.84 56.75
C ASN G 121 19.29 -50.90 55.66
N PHE G 122 18.18 -51.21 55.01
CA PHE G 122 18.18 -52.25 53.97
C PHE G 122 18.59 -51.65 52.62
N LEU G 123 19.90 -51.36 52.51
CA LEU G 123 20.45 -50.69 51.34
C LEU G 123 19.98 -51.31 50.03
N THR G 124 20.11 -52.63 49.90
CA THR G 124 19.77 -53.29 48.64
C THR G 124 18.31 -53.04 48.25
N THR G 125 17.41 -53.03 49.24
CA THR G 125 16.01 -52.72 48.97
C THR G 125 15.83 -51.28 48.49
N VAL G 126 16.52 -50.33 49.13
CA VAL G 126 16.49 -48.94 48.69
C VAL G 126 16.93 -48.85 47.23
N ALA G 127 17.98 -49.57 46.88
CA ALA G 127 18.50 -49.53 45.52
C ALA G 127 17.47 -50.05 44.52
N ILE G 128 16.80 -51.15 44.85
CA ILE G 128 15.82 -51.69 43.90
C ILE G 128 14.63 -50.74 43.78
N LEU G 129 14.21 -50.12 44.89
CA LEU G 129 13.10 -49.18 44.81
C LEU G 129 13.46 -47.97 43.96
N LEU G 130 14.66 -47.40 44.16
CA LEU G 130 15.07 -46.30 43.30
C LEU G 130 15.16 -46.73 41.84
N GLU G 131 15.47 -48.00 41.60
CA GLU G 131 15.45 -48.51 40.23
C GLU G 131 14.02 -48.69 39.72
N ALA G 132 13.03 -48.72 40.61
CA ALA G 132 11.64 -48.91 40.23
C ALA G 132 10.86 -47.61 40.13
N GLY G 133 11.55 -46.47 40.15
CA GLY G 133 10.88 -45.19 40.04
C GLY G 133 10.19 -44.74 41.32
N ALA G 134 10.81 -44.98 42.46
CA ALA G 134 10.20 -44.64 43.73
C ALA G 134 10.47 -43.18 44.08
N PHE G 135 9.45 -42.51 44.60
CA PHE G 135 9.58 -41.13 45.03
C PHE G 135 10.42 -41.06 46.29
N VAL G 136 11.39 -40.15 46.31
CA VAL G 136 12.33 -40.04 47.41
C VAL G 136 11.86 -39.02 48.45
N ASN G 137 11.28 -37.90 47.96
CA ASN G 137 11.03 -36.73 48.78
C ASN G 137 9.63 -36.69 49.39
N VAL G 138 8.93 -37.83 49.47
CA VAL G 138 7.69 -37.89 50.22
C VAL G 138 7.97 -37.66 51.69
N GLN G 139 6.97 -37.13 52.40
CA GLN G 139 7.13 -36.81 53.81
C GLN G 139 6.11 -37.56 54.67
N GLN G 140 6.49 -37.81 55.91
CA GLN G 140 5.59 -38.34 56.92
C GLN G 140 4.77 -37.21 57.53
N SER G 141 3.78 -37.60 58.33
CA SER G 141 3.01 -36.60 59.05
C SER G 141 3.90 -35.76 59.97
N ASN G 142 5.05 -36.29 60.37
CA ASN G 142 6.00 -35.56 61.21
C ASN G 142 6.99 -34.72 60.40
N GLY G 143 6.93 -34.78 59.08
CA GLY G 143 7.77 -33.94 58.24
C GLY G 143 9.13 -34.49 57.88
N GLU G 144 9.38 -35.78 58.11
CA GLU G 144 10.69 -36.38 57.87
C GLU G 144 10.69 -37.19 56.58
N THR G 145 11.81 -37.18 55.88
CA THR G 145 11.97 -37.87 54.62
C THR G 145 12.88 -39.09 54.81
N ALA G 146 12.98 -39.92 53.77
CA ALA G 146 13.89 -41.05 53.82
C ALA G 146 15.31 -40.58 54.12
N LEU G 147 15.77 -39.58 53.37
CA LEU G 147 17.13 -39.05 53.55
C LEU G 147 17.39 -38.72 55.01
N MET G 148 16.39 -38.17 55.71
CA MET G 148 16.57 -37.84 57.12
C MET G 148 16.75 -39.09 57.96
N LYS G 149 16.00 -40.16 57.66
CA LYS G 149 16.18 -41.40 58.40
C LYS G 149 17.60 -41.92 58.24
N ALA G 150 18.07 -41.93 56.99
CA ALA G 150 19.41 -42.42 56.72
C ALA G 150 20.45 -41.58 57.45
N CYS G 151 20.27 -40.26 57.47
CA CYS G 151 21.19 -39.40 58.21
C CYS G 151 21.13 -39.70 59.71
N LYS G 152 19.93 -39.95 60.23
CA LYS G 152 19.77 -40.19 61.65
C LYS G 152 20.50 -41.44 62.10
N ARG G 153 20.40 -42.53 61.33
CA ARG G 153 21.07 -43.77 61.69
C ARG G 153 22.52 -43.83 61.19
N GLY G 154 23.00 -42.79 60.52
CA GLY G 154 24.41 -42.69 60.21
C GLY G 154 24.88 -43.49 59.03
N ASN G 155 24.00 -43.84 58.10
CA ASN G 155 24.36 -44.67 56.95
C ASN G 155 24.65 -43.79 55.73
N SER G 156 25.94 -43.55 55.48
CA SER G 156 26.35 -42.67 54.39
C SER G 156 25.94 -43.23 53.03
N ASP G 157 25.93 -44.55 52.88
CA ASP G 157 25.65 -45.13 51.56
C ASP G 157 24.23 -44.81 51.09
N ILE G 158 23.24 -44.94 51.98
CA ILE G 158 21.87 -44.59 51.59
C ILE G 158 21.77 -43.11 51.25
N VAL G 159 22.48 -42.27 52.02
CA VAL G 159 22.46 -40.83 51.75
C VAL G 159 22.93 -40.56 50.34
N ARG G 160 24.08 -41.12 49.97
CA ARG G 160 24.61 -40.94 48.62
C ARG G 160 23.63 -41.47 47.58
N LEU G 161 23.06 -42.65 47.81
CA LEU G 161 22.21 -43.27 46.81
C LEU G 161 20.97 -42.44 46.54
N VAL G 162 20.36 -41.87 47.58
CA VAL G 162 19.13 -41.10 47.34
C VAL G 162 19.45 -39.73 46.77
N ILE G 163 20.45 -39.02 47.33
CA ILE G 163 20.72 -37.68 46.81
C ILE G 163 21.24 -37.74 45.39
N GLU G 164 21.85 -38.85 44.97
CA GLU G 164 22.26 -38.98 43.58
C GLU G 164 21.06 -39.18 42.66
N CYS G 165 19.99 -39.80 43.15
CA CYS G 165 18.77 -40.00 42.37
C CYS G 165 17.79 -38.83 42.54
N GLY G 166 18.24 -37.74 43.16
CA GLY G 166 17.53 -36.47 43.19
C GLY G 166 16.79 -36.11 44.47
N ALA G 167 17.38 -36.36 45.63
CA ALA G 167 16.73 -36.03 46.89
C ALA G 167 16.99 -34.57 47.25
N ASP G 168 16.17 -34.05 48.17
CA ASP G 168 16.25 -32.66 48.62
C ASP G 168 16.73 -32.62 50.07
N CYS G 169 17.82 -31.90 50.30
CA CYS G 169 18.46 -31.90 51.61
C CYS G 169 17.86 -30.85 52.55
N ASN G 170 17.37 -29.74 52.00
CA ASN G 170 16.93 -28.61 52.81
C ASN G 170 15.51 -28.74 53.35
N ILE G 171 14.79 -29.81 53.02
CA ILE G 171 13.45 -29.97 53.54
C ILE G 171 13.48 -30.02 55.06
N LEU G 172 12.43 -29.47 55.69
CA LEU G 172 12.33 -29.38 57.13
C LEU G 172 11.20 -30.25 57.66
N SER G 173 11.34 -30.70 58.91
CA SER G 173 10.31 -31.46 59.59
C SER G 173 9.42 -30.54 60.44
N LYS G 174 8.42 -31.12 61.11
CA LYS G 174 7.52 -30.33 61.94
C LYS G 174 8.24 -29.69 63.12
N HIS G 175 9.41 -30.19 63.49
CA HIS G 175 10.21 -29.61 64.55
C HIS G 175 11.32 -28.74 63.98
N GLN G 176 11.25 -28.43 62.68
CA GLN G 176 12.21 -27.54 62.04
C GLN G 176 13.62 -28.11 62.15
N ASN G 177 13.71 -29.43 62.03
CA ASN G 177 14.97 -30.14 61.95
C ASN G 177 15.19 -30.55 60.50
N SER G 178 16.37 -30.27 59.97
CA SER G 178 16.71 -30.60 58.60
C SER G 178 17.50 -31.91 58.56
N ALA G 179 17.67 -32.44 57.35
CA ALA G 179 18.55 -33.58 57.19
C ALA G 179 19.95 -33.21 57.66
N LEU G 180 20.36 -31.97 57.44
CA LEU G 180 21.68 -31.54 57.84
C LEU G 180 21.83 -31.52 59.35
N HIS G 181 20.81 -31.05 60.06
CA HIS G 181 20.87 -31.05 61.53
C HIS G 181 20.95 -32.47 62.07
N PHE G 182 20.16 -33.40 61.52
CA PHE G 182 20.25 -34.80 61.94
C PHE G 182 21.63 -35.39 61.62
N ALA G 183 22.17 -35.07 60.45
CA ALA G 183 23.49 -35.59 60.08
C ALA G 183 24.55 -35.12 61.08
N LYS G 184 24.46 -33.85 61.49
CA LYS G 184 25.42 -33.34 62.47
C LYS G 184 25.15 -33.88 63.86
N GLN G 185 23.87 -34.14 64.18
CA GLN G 185 23.53 -34.65 65.52
C GLN G 185 23.99 -36.09 65.69
N SER G 186 23.88 -36.92 64.65
CA SER G 186 24.42 -38.27 64.74
C SER G 186 25.94 -38.26 64.84
N ASN G 187 26.56 -37.11 64.55
CA ASN G 187 28.00 -36.94 64.67
C ASN G 187 28.75 -37.99 63.84
N ASN G 188 28.29 -38.14 62.60
CA ASN G 188 28.93 -38.99 61.60
C ASN G 188 29.44 -38.12 60.45
N VAL G 189 30.76 -37.97 60.37
CA VAL G 189 31.34 -36.93 59.52
C VAL G 189 31.02 -37.16 58.05
N LEU G 190 31.02 -38.43 57.60
CA LEU G 190 30.86 -38.70 56.18
C LEU G 190 29.50 -38.24 55.67
N VAL G 191 28.44 -38.46 56.44
CA VAL G 191 27.10 -38.09 56.01
C VAL G 191 27.00 -36.58 55.81
N TYR G 192 27.46 -35.83 56.80
CA TYR G 192 27.31 -34.37 56.76
C TYR G 192 28.27 -33.76 55.75
N ASP G 193 29.44 -34.40 55.52
CA ASP G 193 30.26 -33.99 54.38
C ASP G 193 29.52 -34.21 53.06
N LEU G 194 28.85 -35.35 52.91
CA LEU G 194 28.11 -35.60 51.67
C LEU G 194 27.05 -34.51 51.46
N LEU G 195 26.24 -34.26 52.49
CA LEU G 195 25.19 -33.26 52.35
C LEU G 195 25.78 -31.88 52.07
N LYS G 196 26.83 -31.51 52.80
CA LYS G 196 27.41 -30.19 52.65
C LYS G 196 27.97 -29.98 51.25
N ASN G 197 28.68 -30.98 50.73
CA ASN G 197 29.22 -30.87 49.37
C ASN G 197 28.11 -30.86 48.33
N HIS G 198 27.05 -31.65 48.54
CA HIS G 198 25.94 -31.63 47.59
C HIS G 198 25.32 -30.25 47.50
N LEU G 199 25.03 -29.64 48.66
CA LEU G 199 24.38 -28.33 48.63
C LEU G 199 25.34 -27.24 48.13
N GLU G 200 26.62 -27.35 48.46
CA GLU G 200 27.59 -26.41 47.91
C GLU G 200 27.63 -26.51 46.39
N THR G 201 27.61 -27.74 45.86
CA THR G 201 27.58 -27.93 44.42
C THR G 201 26.32 -27.34 43.79
N LEU G 202 25.16 -27.54 44.43
CA LEU G 202 23.91 -27.00 43.91
C LEU G 202 23.97 -25.47 43.83
N SER G 203 24.34 -24.82 44.92
CA SER G 203 24.39 -23.36 44.93
C SER G 203 25.45 -22.85 43.94
N ARG G 204 26.56 -23.57 43.83
CA ARG G 204 27.61 -23.19 42.87
C ARG G 204 27.09 -23.25 41.45
N VAL G 205 26.38 -24.33 41.09
CA VAL G 205 25.90 -24.43 39.72
C VAL G 205 24.82 -23.39 39.45
N ALA G 206 24.01 -23.05 40.45
CA ALA G 206 23.03 -21.98 40.29
C ALA G 206 23.73 -20.67 39.98
N GLU G 207 24.76 -20.34 40.75
CA GLU G 207 25.52 -19.11 40.50
C GLU G 207 26.11 -19.12 39.10
N GLU G 208 26.73 -20.25 38.70
CA GLU G 208 27.37 -20.30 37.40
C GLU G 208 26.36 -20.13 36.26
N THR G 209 25.20 -20.80 36.36
CA THR G 209 24.23 -20.73 35.27
C THR G 209 23.60 -19.34 35.18
N ILE G 210 23.32 -18.71 36.32
CA ILE G 210 22.76 -17.36 36.25
C ILE G 210 23.79 -16.38 35.69
N LYS G 211 25.07 -16.52 36.06
CA LYS G 211 26.06 -15.67 35.43
C LYS G 211 26.06 -15.90 33.92
N ASP G 212 26.03 -17.17 33.50
CA ASP G 212 26.17 -17.48 32.08
C ASP G 212 25.01 -16.92 31.26
N TYR G 213 23.76 -17.18 31.67
CA TYR G 213 22.66 -16.75 30.82
C TYR G 213 22.53 -15.23 30.81
N PHE G 214 22.58 -14.59 31.98
CA PHE G 214 22.48 -13.14 31.98
C PHE G 214 23.76 -12.46 31.53
N GLU G 215 24.74 -13.21 31.04
CA GLU G 215 25.93 -12.64 30.42
C GLU G 215 26.58 -11.60 31.34
N ALA G 216 26.43 -11.78 32.65
CA ALA G 216 27.08 -11.01 33.70
C ALA G 216 26.58 -9.57 33.81
N ARG G 217 25.55 -9.17 33.07
CA ARG G 217 24.95 -7.86 33.33
C ARG G 217 24.24 -7.81 34.67
N LEU G 218 24.00 -8.98 35.26
CA LEU G 218 23.33 -9.13 36.54
C LEU G 218 24.17 -10.02 37.44
N ALA G 219 24.07 -9.80 38.75
CA ALA G 219 24.89 -10.55 39.71
C ALA G 219 24.08 -10.93 40.94
N LEU G 220 24.15 -12.20 41.32
CA LEU G 220 23.45 -12.64 42.52
C LEU G 220 24.03 -11.94 43.74
N LEU G 221 23.16 -11.65 44.70
CA LEU G 221 23.55 -10.91 45.91
C LEU G 221 23.41 -11.77 47.15
N GLU G 222 22.22 -12.32 47.43
CA GLU G 222 22.01 -13.13 48.63
C GLU G 222 20.74 -13.97 48.49
N PRO G 223 20.81 -15.27 48.71
CA PRO G 223 19.60 -16.10 48.60
C PRO G 223 18.51 -15.68 49.58
N VAL G 224 17.27 -15.83 49.15
CA VAL G 224 16.13 -15.53 50.01
C VAL G 224 15.73 -16.72 50.88
N PHE G 225 15.94 -17.96 50.41
CA PHE G 225 15.38 -19.13 51.09
C PHE G 225 16.01 -20.39 50.53
N PRO G 226 16.22 -21.41 51.37
CA PRO G 226 17.12 -22.53 50.99
C PRO G 226 16.70 -23.20 49.70
N ILE G 227 17.60 -23.18 48.71
CA ILE G 227 17.29 -23.72 47.40
C ILE G 227 16.76 -25.14 47.53
N ALA G 228 15.63 -25.42 46.91
CA ALA G 228 14.97 -26.71 47.00
C ALA G 228 15.06 -27.45 45.68
N CYS G 229 14.77 -28.76 45.74
CA CYS G 229 14.86 -29.63 44.58
C CYS G 229 13.58 -30.45 44.47
N HIS G 230 13.04 -30.53 43.25
CA HIS G 230 11.80 -31.23 43.00
C HIS G 230 11.91 -32.17 41.81
N ARG G 231 11.55 -33.42 42.02
CA ARG G 231 11.56 -34.42 40.95
C ARG G 231 10.25 -34.34 40.19
N LEU G 232 10.33 -34.03 38.89
CA LEU G 232 9.11 -33.87 38.09
C LEU G 232 8.30 -35.16 38.09
N CYS G 233 8.96 -36.31 37.97
CA CYS G 233 8.22 -37.55 37.99
C CYS G 233 7.40 -37.71 39.27
N GLU G 234 7.80 -37.04 40.36
CA GLU G 234 7.09 -37.22 41.63
C GLU G 234 5.72 -36.55 41.60
N GLY G 235 5.55 -35.48 40.84
CA GLY G 235 4.23 -34.87 40.72
C GLY G 235 4.19 -33.56 39.98
N PRO G 236 2.97 -33.11 39.65
CA PRO G 236 2.83 -31.81 38.98
C PRO G 236 2.66 -30.64 39.93
N ASP G 237 2.50 -30.89 41.22
CA ASP G 237 2.37 -29.84 42.22
C ASP G 237 3.69 -29.65 42.93
N PHE G 238 3.94 -28.43 43.41
CA PHE G 238 5.08 -28.19 44.27
C PHE G 238 4.71 -27.16 45.32
N SER G 239 5.11 -27.40 46.57
CA SER G 239 4.71 -26.56 47.69
C SER G 239 5.90 -26.37 48.60
N THR G 240 5.96 -25.22 49.25
CA THR G 240 6.96 -25.00 50.28
C THR G 240 6.56 -23.81 51.15
N ASP G 241 7.10 -23.80 52.37
CA ASP G 241 6.89 -22.73 53.34
C ASP G 241 8.26 -22.26 53.81
N PHE G 242 8.49 -20.95 53.79
CA PHE G 242 9.77 -20.43 54.25
C PHE G 242 9.51 -19.21 55.12
N ASN G 243 10.59 -18.68 55.71
CA ASN G 243 10.52 -17.49 56.54
C ASN G 243 11.58 -16.51 56.04
N TYR G 244 11.19 -15.26 55.87
CA TYR G 244 12.03 -14.23 55.26
C TYR G 244 12.28 -13.10 56.24
N LYS G 245 13.55 -12.81 56.48
CA LYS G 245 13.97 -11.73 57.37
C LYS G 245 14.83 -10.73 56.61
N PRO G 246 14.29 -9.57 56.20
CA PRO G 246 15.07 -8.67 55.33
C PRO G 246 16.20 -8.01 56.09
N PRO G 247 17.33 -7.76 55.43
CA PRO G 247 18.38 -6.93 56.04
C PRO G 247 18.08 -5.43 55.89
N GLN G 248 18.72 -4.65 56.77
CA GLN G 248 18.50 -3.21 56.74
C GLN G 248 18.87 -2.62 55.39
N ASN G 249 20.07 -2.94 54.92
CA ASN G 249 20.65 -2.33 53.74
C ASN G 249 20.19 -3.08 52.51
N ILE G 250 19.23 -2.50 51.80
CA ILE G 250 18.79 -2.98 50.50
C ILE G 250 19.34 -2.01 49.45
N PRO G 251 20.28 -2.44 48.61
CA PRO G 251 20.83 -1.52 47.60
C PRO G 251 19.76 -1.11 46.59
N GLU G 252 19.43 0.18 46.59
CA GLU G 252 18.39 0.67 45.69
C GLU G 252 18.76 0.31 44.25
N GLY G 253 17.79 -0.20 43.51
CA GLY G 253 18.07 -0.82 42.24
C GLY G 253 18.28 -2.32 42.32
N SER G 254 17.94 -2.94 43.44
CA SER G 254 18.08 -4.37 43.64
C SER G 254 16.70 -4.99 43.86
N GLY G 255 16.55 -6.25 43.45
CA GLY G 255 15.26 -6.92 43.55
C GLY G 255 15.38 -8.41 43.78
N ILE G 256 14.26 -9.02 44.12
CA ILE G 256 14.19 -10.46 44.42
C ILE G 256 13.59 -11.17 43.22
N LEU G 257 14.20 -12.30 42.84
CA LEU G 257 13.73 -13.11 41.73
C LEU G 257 13.67 -14.59 42.11
N LEU G 258 12.65 -15.27 41.59
CA LEU G 258 12.53 -16.72 41.71
C LEU G 258 13.04 -17.34 40.42
N PHE G 259 13.94 -18.33 40.55
CA PHE G 259 14.48 -19.07 39.43
C PHE G 259 14.04 -20.52 39.55
N ILE G 260 13.64 -21.09 38.42
CA ILE G 260 13.32 -22.50 38.32
C ILE G 260 14.29 -23.08 37.29
N PHE G 261 15.46 -23.54 37.75
CA PHE G 261 16.41 -24.14 36.84
C PHE G 261 15.94 -25.55 36.49
N HIS G 262 15.99 -25.90 35.22
CA HIS G 262 15.71 -27.26 34.76
C HIS G 262 17.05 -27.98 34.65
N ALA G 263 17.25 -28.99 35.50
CA ALA G 263 18.56 -29.57 35.73
C ALA G 263 18.51 -31.09 35.62
N ASN G 264 19.68 -31.65 35.30
CA ASN G 264 19.89 -33.10 35.28
C ASN G 264 21.06 -33.43 36.21
N PHE G 265 20.84 -34.42 37.09
CA PHE G 265 21.87 -34.95 37.98
C PHE G 265 22.39 -36.22 37.32
N LEU G 266 23.67 -36.21 36.94
CA LEU G 266 24.37 -37.37 36.38
C LEU G 266 25.52 -37.70 37.33
N GLY G 267 25.26 -38.63 38.23
CA GLY G 267 26.24 -39.03 39.22
C GLY G 267 26.32 -37.98 40.29
N LYS G 268 27.50 -37.38 40.46
CA LYS G 268 27.67 -36.23 41.34
C LYS G 268 27.77 -34.92 40.58
N GLU G 269 27.56 -34.94 39.25
CA GLU G 269 27.62 -33.72 38.45
C GLU G 269 26.21 -33.25 38.14
N VAL G 270 25.96 -31.95 38.32
CA VAL G 270 24.65 -31.36 38.07
C VAL G 270 24.79 -30.29 37.00
N ILE G 271 23.95 -30.37 35.96
CA ILE G 271 23.94 -29.36 34.91
C ILE G 271 22.53 -28.82 34.75
N ALA G 272 22.42 -27.51 34.59
CA ALA G 272 21.13 -26.84 34.59
C ALA G 272 21.00 -25.85 33.44
N ARG G 273 19.74 -25.52 33.14
CA ARG G 273 19.39 -24.60 32.06
C ARG G 273 18.23 -23.73 32.52
N LEU G 274 18.16 -22.53 31.95
CA LEU G 274 17.03 -21.62 32.17
C LEU G 274 16.36 -21.24 30.86
N CYS G 275 16.51 -22.06 29.81
CA CYS G 275 15.78 -21.87 28.57
C CYS G 275 15.25 -23.23 28.10
N GLY G 276 14.66 -23.26 26.91
CA GLY G 276 14.13 -24.47 26.34
C GLY G 276 12.76 -24.80 26.88
N PRO G 277 12.29 -26.03 26.65
CA PRO G 277 10.97 -26.42 27.13
C PRO G 277 10.84 -26.15 28.62
N CYS G 278 9.71 -25.58 29.01
CA CYS G 278 9.45 -25.24 30.39
C CYS G 278 8.27 -26.05 30.92
N SER G 279 8.37 -26.44 32.19
CA SER G 279 7.32 -27.21 32.86
C SER G 279 6.52 -26.35 33.84
N VAL G 280 6.74 -25.04 33.85
CA VAL G 280 6.12 -24.13 34.81
C VAL G 280 4.94 -23.42 34.17
N GLN G 281 3.77 -23.52 34.79
CA GLN G 281 2.58 -22.81 34.34
C GLN G 281 2.26 -21.59 35.19
N ALA G 282 2.32 -21.72 36.52
CA ALA G 282 1.91 -20.62 37.37
C ALA G 282 2.60 -20.71 38.73
N VAL G 283 2.80 -19.55 39.34
CA VAL G 283 3.42 -19.41 40.65
C VAL G 283 2.48 -18.61 41.54
N VAL G 284 2.25 -19.12 42.75
CA VAL G 284 1.32 -18.52 43.70
C VAL G 284 2.11 -18.28 44.98
N LEU G 285 2.30 -17.01 45.33
CA LEU G 285 2.95 -16.60 46.57
C LEU G 285 1.86 -15.98 47.44
N ASN G 286 1.40 -16.75 48.43
CA ASN G 286 0.36 -16.28 49.36
C ASN G 286 -0.93 -15.96 48.62
N ASP G 287 -1.33 -16.87 47.73
CA ASP G 287 -2.57 -16.81 46.95
C ASP G 287 -2.59 -15.69 45.92
N LYS G 288 -1.49 -14.96 45.76
CA LYS G 288 -1.36 -13.91 44.75
C LYS G 288 -0.45 -14.44 43.64
N PHE G 289 -0.98 -14.50 42.41
CA PHE G 289 -0.13 -14.97 41.31
C PHE G 289 1.07 -14.04 41.17
N GLN G 290 2.23 -14.64 40.88
CA GLN G 290 3.46 -13.91 40.58
C GLN G 290 3.65 -13.85 39.07
N LEU G 291 4.28 -12.79 38.61
CA LEU G 291 4.29 -12.60 37.17
C LEU G 291 5.66 -12.89 36.60
N PRO G 292 5.72 -13.59 35.46
CA PRO G 292 7.03 -13.88 34.85
C PRO G 292 7.69 -12.57 34.44
N VAL G 293 9.03 -12.56 34.52
CA VAL G 293 9.76 -11.37 34.11
C VAL G 293 9.65 -11.17 32.61
N PHE G 294 9.60 -12.26 31.85
CA PHE G 294 9.39 -12.22 30.41
C PHE G 294 8.07 -12.94 30.08
N LEU G 295 7.43 -12.51 29.00
CA LEU G 295 6.26 -13.24 28.50
C LEU G 295 6.62 -14.37 27.56
N ASP G 296 7.85 -14.36 27.04
CA ASP G 296 8.36 -15.41 26.17
C ASP G 296 8.96 -16.58 26.95
N SER G 297 9.16 -16.43 28.26
CA SER G 297 9.80 -17.44 29.08
C SER G 297 9.14 -17.50 30.44
N HIS G 298 9.19 -18.70 31.06
CA HIS G 298 8.60 -18.93 32.37
C HIS G 298 9.57 -19.54 33.38
N PHE G 299 10.87 -19.33 33.22
CA PHE G 299 11.80 -19.89 34.19
C PHE G 299 12.14 -18.91 35.31
N VAL G 300 12.07 -17.62 35.04
CA VAL G 300 12.38 -16.57 36.02
C VAL G 300 11.10 -15.79 36.29
N TYR G 301 10.64 -15.80 37.53
CA TYR G 301 9.51 -14.99 37.94
C TYR G 301 9.93 -13.88 38.89
N SER G 302 9.14 -12.80 38.89
CA SER G 302 9.22 -11.81 39.96
C SER G 302 8.80 -12.47 41.26
N PHE G 303 9.48 -12.12 42.34
CA PHE G 303 9.28 -12.75 43.65
C PHE G 303 9.31 -11.62 44.67
N SER G 304 8.13 -11.23 45.15
CA SER G 304 7.98 -10.14 46.12
C SER G 304 7.37 -10.71 47.40
N PRO G 305 8.17 -11.38 48.23
CA PRO G 305 7.63 -11.92 49.48
C PRO G 305 7.51 -10.85 50.56
N VAL G 306 6.66 -11.14 51.53
CA VAL G 306 6.51 -10.28 52.70
C VAL G 306 7.32 -10.89 53.84
N ALA G 307 7.77 -10.04 54.76
CA ALA G 307 8.58 -10.51 55.87
C ALA G 307 7.78 -11.44 56.77
N GLY G 308 8.46 -12.43 57.32
CA GLY G 308 7.81 -13.43 58.14
C GLY G 308 7.58 -14.71 57.36
N PRO G 309 6.55 -15.46 57.72
CA PRO G 309 6.26 -16.72 57.01
C PRO G 309 5.62 -16.46 55.66
N ASN G 310 6.10 -17.20 54.67
CA ASN G 310 5.62 -17.10 53.30
C ASN G 310 5.36 -18.51 52.78
N LYS G 311 4.37 -18.63 51.89
CA LYS G 311 3.98 -19.90 51.31
C LYS G 311 4.06 -19.81 49.79
N LEU G 312 4.80 -20.73 49.18
CA LEU G 312 5.01 -20.77 47.74
C LEU G 312 4.38 -22.04 47.21
N PHE G 313 3.65 -21.94 46.10
CA PHE G 313 3.08 -23.14 45.45
C PHE G 313 3.10 -22.92 43.95
N ILE G 314 3.67 -23.92 43.23
CA ILE G 314 3.88 -23.86 41.80
C ILE G 314 3.13 -25.00 41.12
N ARG G 315 2.50 -24.68 39.98
CA ARG G 315 1.83 -25.66 39.14
C ARG G 315 2.72 -26.03 37.96
N LEU G 316 2.81 -27.32 37.66
CA LEU G 316 3.76 -27.84 36.68
C LEU G 316 3.02 -28.68 35.65
N THR G 317 3.74 -29.01 34.57
CA THR G 317 3.27 -29.98 33.60
C THR G 317 3.39 -31.39 34.19
N GLU G 318 2.60 -32.32 33.64
CA GLU G 318 2.63 -33.71 34.09
C GLU G 318 3.47 -34.53 33.11
N ALA G 319 4.68 -34.90 33.54
CA ALA G 319 5.54 -35.80 32.77
C ALA G 319 6.14 -36.84 33.70
N PRO G 320 5.40 -37.91 33.99
CA PRO G 320 5.92 -38.93 34.92
C PRO G 320 7.17 -39.62 34.42
N SER G 321 7.45 -39.60 33.12
CA SER G 321 8.61 -40.29 32.59
C SER G 321 9.78 -39.35 32.32
N ALA G 322 9.63 -38.05 32.54
CA ALA G 322 10.76 -37.14 32.41
C ALA G 322 11.69 -37.34 33.60
N LYS G 323 12.97 -37.55 33.33
CA LYS G 323 13.96 -37.73 34.38
C LYS G 323 14.65 -36.41 34.72
N VAL G 324 13.85 -35.36 34.87
CA VAL G 324 14.34 -33.99 35.03
C VAL G 324 14.10 -33.55 36.47
N LYS G 325 15.09 -32.84 37.02
CA LYS G 325 14.99 -32.23 38.34
C LYS G 325 14.80 -30.72 38.19
N LEU G 326 14.08 -30.13 39.14
CA LEU G 326 13.81 -28.69 39.15
C LEU G 326 14.45 -28.10 40.39
N LEU G 327 15.34 -27.12 40.19
CA LEU G 327 16.01 -26.42 41.28
C LEU G 327 15.32 -25.07 41.47
N ILE G 328 14.66 -24.89 42.61
CA ILE G 328 13.79 -23.75 42.86
C ILE G 328 14.48 -22.87 43.90
N GLY G 329 14.83 -21.65 43.52
CA GLY G 329 15.51 -20.75 44.43
C GLY G 329 15.23 -19.28 44.18
N ALA G 330 15.01 -18.51 45.24
CA ALA G 330 14.70 -17.09 45.13
C ALA G 330 15.86 -16.32 45.73
N TYR G 331 16.49 -15.48 44.93
CA TYR G 331 17.65 -14.72 45.37
C TYR G 331 17.41 -13.22 45.18
N ARG G 332 18.10 -12.42 45.98
CA ARG G 332 18.26 -11.00 45.68
C ARG G 332 19.28 -10.83 44.55
N VAL G 333 19.20 -9.69 43.87
CA VAL G 333 19.96 -9.50 42.65
C VAL G 333 20.11 -8.00 42.40
N GLN G 334 21.19 -7.64 41.70
CA GLN G 334 21.55 -6.25 41.42
C GLN G 334 21.42 -5.95 39.93
N LEU G 335 20.97 -4.74 39.64
CA LEU G 335 20.66 -4.33 38.28
C LEU G 335 21.69 -3.37 37.73
N ILE H 41 72.29 -31.03 36.25
CA ILE H 41 72.76 -32.09 35.36
C ILE H 41 72.44 -31.73 33.92
N PRO H 42 73.03 -32.47 32.97
CA PRO H 42 72.76 -32.21 31.54
C PRO H 42 71.30 -32.44 31.18
N SER H 43 70.94 -32.16 29.93
CA SER H 43 69.59 -32.42 29.44
C SER H 43 69.48 -33.76 28.72
N ASN H 44 70.40 -34.05 27.79
CA ASN H 44 70.44 -35.35 27.14
C ASN H 44 70.25 -36.50 28.13
N VAL H 45 70.80 -36.33 29.34
CA VAL H 45 70.69 -37.38 30.35
C VAL H 45 69.23 -37.56 30.74
N LEU H 46 68.51 -36.46 30.96
CA LEU H 46 67.10 -36.56 31.30
C LEU H 46 66.29 -37.10 30.13
N ARG H 47 66.67 -36.76 28.89
CA ARG H 47 65.94 -37.27 27.74
C ARG H 47 66.03 -38.79 27.68
N ASP H 48 67.25 -39.33 27.72
CA ASP H 48 67.40 -40.78 27.67
C ASP H 48 66.87 -41.47 28.94
N ALA H 49 66.96 -40.82 30.10
CA ALA H 49 66.41 -41.39 31.32
C ALA H 49 64.90 -41.52 31.24
N VAL H 50 64.22 -40.48 30.76
CA VAL H 50 62.77 -40.54 30.58
C VAL H 50 62.43 -41.55 29.49
N LYS H 51 63.24 -41.59 28.43
CA LYS H 51 63.08 -42.59 27.38
C LYS H 51 63.26 -44.00 27.91
N ASN H 52 63.89 -44.15 29.08
CA ASN H 52 64.15 -45.44 29.68
C ASN H 52 63.10 -45.83 30.71
N GLY H 53 62.98 -45.03 31.77
CA GLY H 53 62.08 -45.33 32.86
C GLY H 53 62.71 -45.04 34.21
N ASP H 54 63.79 -44.27 34.21
CA ASP H 54 64.51 -43.94 35.44
C ASP H 54 63.70 -43.03 36.34
N TYR H 55 62.88 -43.61 37.21
CA TYR H 55 62.01 -42.81 38.08
C TYR H 55 62.81 -42.05 39.13
N ILE H 56 63.87 -42.66 39.67
CA ILE H 56 64.63 -42.05 40.76
C ILE H 56 65.39 -40.82 40.29
N THR H 57 66.08 -40.93 39.14
CA THR H 57 66.85 -39.80 38.63
C THR H 57 65.98 -38.57 38.38
N VAL H 58 64.81 -38.78 37.76
CA VAL H 58 63.95 -37.65 37.41
C VAL H 58 63.45 -36.93 38.66
N LYS H 59 63.21 -37.66 39.75
CA LYS H 59 62.77 -36.99 40.97
C LYS H 59 63.79 -35.92 41.39
N VAL H 60 65.07 -36.27 41.39
CA VAL H 60 66.10 -35.30 41.73
C VAL H 60 66.14 -34.17 40.70
N ALA H 61 66.09 -34.53 39.41
CA ALA H 61 66.15 -33.49 38.39
C ALA H 61 64.98 -32.52 38.53
N LEU H 62 63.86 -32.98 39.09
CA LEU H 62 62.67 -32.15 39.26
C LEU H 62 62.68 -31.36 40.56
N ASN H 63 63.43 -31.82 41.57
CA ASN H 63 63.66 -31.02 42.76
C ASN H 63 65.00 -30.30 42.76
N SER H 64 65.82 -30.47 41.73
CA SER H 64 67.12 -29.81 41.69
C SER H 64 67.00 -28.39 41.15
N ASN H 65 68.04 -27.60 41.40
CA ASN H 65 68.07 -26.20 40.99
C ASN H 65 68.54 -26.03 39.54
N GLU H 66 67.98 -26.81 38.63
CA GLU H 66 68.31 -26.73 37.22
C GLU H 66 67.08 -26.31 36.41
N GLU H 67 67.30 -25.46 35.41
CA GLU H 67 66.24 -24.99 34.54
C GLU H 67 66.16 -25.97 33.38
N TYR H 68 65.08 -26.73 33.31
CA TYR H 68 64.89 -27.73 32.27
C TYR H 68 63.69 -27.37 31.41
N ASN H 69 63.85 -27.56 30.11
CA ASN H 69 62.78 -27.33 29.14
C ASN H 69 62.03 -28.65 28.97
N LEU H 70 60.86 -28.75 29.60
CA LEU H 70 60.07 -29.98 29.53
C LEU H 70 59.28 -30.10 28.25
N ASP H 71 59.51 -29.19 27.30
CA ASP H 71 58.89 -29.21 25.98
C ASP H 71 59.95 -29.32 24.90
N GLN H 72 61.17 -29.68 25.29
CA GLN H 72 62.28 -29.86 24.36
C GLN H 72 61.92 -30.92 23.34
N GLU H 73 62.25 -30.67 22.07
CA GLU H 73 61.89 -31.59 21.00
C GLU H 73 63.12 -31.93 20.15
N ASP H 74 63.31 -33.23 19.91
CA ASP H 74 64.35 -33.70 19.02
C ASP H 74 63.99 -33.42 17.56
N SER H 75 64.85 -33.89 16.65
CA SER H 75 64.60 -33.72 15.22
C SER H 75 63.23 -34.23 14.83
N SER H 76 62.81 -35.37 15.41
CA SER H 76 61.47 -35.88 15.13
C SER H 76 60.41 -34.91 15.60
N GLY H 77 60.61 -34.32 16.78
CA GLY H 77 59.67 -33.39 17.38
C GLY H 77 59.00 -33.92 18.63
N MET H 78 59.32 -35.13 19.06
CA MET H 78 58.71 -35.72 20.25
C MET H 78 59.36 -35.15 21.50
N THR H 79 58.51 -34.71 22.43
CA THR H 79 58.94 -34.17 23.71
C THR H 79 58.97 -35.26 24.79
N LEU H 80 59.43 -34.87 25.97
CA LEU H 80 59.52 -35.83 27.07
C LEU H 80 58.16 -36.44 27.38
N VAL H 81 57.11 -35.63 27.30
CA VAL H 81 55.76 -36.14 27.56
C VAL H 81 55.44 -37.26 26.59
N MET H 82 55.78 -37.08 25.31
CA MET H 82 55.36 -38.05 24.32
C MET H 82 56.19 -39.34 24.42
N LEU H 83 57.48 -39.24 24.74
CA LEU H 83 58.27 -40.45 25.00
C LEU H 83 57.76 -41.20 26.24
N ALA H 84 57.55 -40.47 27.34
CA ALA H 84 57.03 -41.10 28.55
C ALA H 84 55.73 -41.83 28.27
N ALA H 85 54.84 -41.21 27.49
CA ALA H 85 53.59 -41.89 27.14
C ALA H 85 53.84 -43.03 26.17
N ALA H 86 54.90 -42.95 25.36
CA ALA H 86 55.21 -44.03 24.44
C ALA H 86 55.61 -45.30 25.20
N GLY H 87 56.33 -45.14 26.31
CA GLY H 87 56.81 -46.27 27.07
C GLY H 87 55.94 -46.74 28.20
N GLY H 88 54.71 -46.23 28.31
CA GLY H 88 53.83 -46.67 29.36
C GLY H 88 54.33 -46.35 30.74
N GLN H 89 55.28 -45.43 30.86
CA GLN H 89 55.91 -45.11 32.15
C GLN H 89 55.02 -44.11 32.87
N ASP H 90 53.99 -44.65 33.54
CA ASP H 90 52.93 -43.80 34.07
C ASP H 90 53.44 -42.85 35.13
N ASP H 91 54.27 -43.32 36.07
CA ASP H 91 54.76 -42.45 37.12
C ASP H 91 55.57 -41.29 36.58
N LEU H 92 56.30 -41.51 35.47
CA LEU H 92 56.95 -40.40 34.80
C LEU H 92 55.94 -39.38 34.31
N LEU H 93 54.85 -39.84 33.69
CA LEU H 93 53.80 -38.93 33.26
C LEU H 93 53.24 -38.18 34.46
N ARG H 94 53.03 -38.87 35.58
CA ARG H 94 52.50 -38.21 36.77
C ARG H 94 53.40 -37.05 37.19
N LEU H 95 54.72 -37.28 37.21
CA LEU H 95 55.65 -36.22 37.58
C LEU H 95 55.69 -35.10 36.54
N LEU H 96 55.72 -35.45 35.26
CA LEU H 96 55.78 -34.43 34.22
C LEU H 96 54.54 -33.53 34.24
N ILE H 97 53.36 -34.11 34.45
CA ILE H 97 52.15 -33.31 34.53
C ILE H 97 52.22 -32.39 35.74
N THR H 98 52.62 -32.93 36.90
CA THR H 98 52.76 -32.11 38.10
C THR H 98 54.07 -31.34 38.14
N LYS H 99 54.86 -31.38 37.07
CA LYS H 99 56.07 -30.56 36.93
C LYS H 99 55.99 -29.63 35.73
N GLY H 100 54.82 -29.52 35.11
CA GLY H 100 54.60 -28.60 34.02
C GLY H 100 55.10 -29.15 32.70
N ALA H 101 54.18 -29.50 31.80
CA ALA H 101 54.59 -30.01 30.50
C ALA H 101 53.37 -30.12 29.60
N LYS H 102 53.46 -29.55 28.40
CA LYS H 102 52.30 -29.55 27.51
C LYS H 102 51.92 -30.99 27.19
N VAL H 103 50.69 -31.36 27.52
CA VAL H 103 50.16 -32.66 27.13
C VAL H 103 49.93 -32.72 25.62
N ASN H 104 49.36 -31.66 25.04
CA ASN H 104 49.02 -31.67 23.62
C ASN H 104 50.11 -30.97 22.80
N GLY H 105 51.24 -31.64 22.72
CA GLY H 105 52.22 -31.33 21.70
C GLY H 105 51.90 -32.09 20.44
N ARG H 106 52.66 -31.80 19.39
CA ARG H 106 52.49 -32.52 18.13
C ARG H 106 53.83 -32.71 17.47
N GLN H 107 54.00 -33.88 16.84
CA GLN H 107 55.21 -34.18 16.10
C GLN H 107 55.21 -33.42 14.79
N LYS H 108 56.29 -33.57 14.02
CA LYS H 108 56.33 -32.93 12.70
C LYS H 108 55.27 -33.51 11.79
N ASN H 109 54.95 -34.80 11.95
CA ASN H 109 53.85 -35.43 11.24
C ASN H 109 52.54 -35.31 12.01
N GLY H 110 52.50 -34.52 13.07
CA GLY H 110 51.26 -34.18 13.73
C GLY H 110 50.74 -35.18 14.73
N THR H 111 51.61 -35.90 15.43
CA THR H 111 51.21 -36.92 16.39
C THR H 111 51.36 -36.36 17.79
N THR H 112 50.32 -36.51 18.62
CA THR H 112 50.35 -36.10 20.01
C THR H 112 50.54 -37.31 20.92
N ALA H 113 50.89 -37.03 22.18
CA ALA H 113 51.18 -38.11 23.13
C ALA H 113 50.04 -39.11 23.21
N LEU H 114 48.80 -38.64 23.17
CA LEU H 114 47.66 -39.54 23.25
C LEU H 114 47.63 -40.51 22.07
N ILE H 115 48.01 -40.04 20.89
CA ILE H 115 48.04 -40.92 19.72
C ILE H 115 49.06 -42.04 19.93
N HIS H 116 50.25 -41.68 20.43
CA HIS H 116 51.25 -42.69 20.75
C HIS H 116 50.69 -43.69 21.75
N ALA H 117 50.10 -43.20 22.84
CA ALA H 117 49.54 -44.10 23.84
C ALA H 117 48.54 -45.06 23.23
N ALA H 118 47.67 -44.57 22.34
CA ALA H 118 46.69 -45.43 21.70
C ALA H 118 47.39 -46.50 20.84
N GLU H 119 48.48 -46.11 20.17
CA GLU H 119 49.19 -47.04 19.30
C GLU H 119 49.52 -48.35 20.02
N LYS H 120 49.99 -48.27 21.26
CA LYS H 120 50.55 -49.41 21.97
C LYS H 120 49.67 -49.89 23.11
N ASN H 121 48.36 -49.72 22.99
CA ASN H 121 47.37 -50.32 23.89
C ASN H 121 47.61 -49.99 25.36
N PHE H 122 48.26 -48.87 25.65
CA PHE H 122 48.57 -48.50 27.03
C PHE H 122 47.37 -47.76 27.62
N LEU H 123 46.33 -48.54 27.93
CA LEU H 123 45.07 -47.99 28.46
C LEU H 123 45.29 -46.99 29.59
N THR H 124 46.10 -47.37 30.58
CA THR H 124 46.30 -46.52 31.75
C THR H 124 46.86 -45.15 31.37
N THR H 125 47.80 -45.14 30.40
CA THR H 125 48.36 -43.87 29.93
C THR H 125 47.31 -43.00 29.24
N VAL H 126 46.48 -43.61 28.39
CA VAL H 126 45.39 -42.88 27.75
C VAL H 126 44.49 -42.27 28.82
N ALA H 127 44.18 -43.04 29.86
CA ALA H 127 43.29 -42.54 30.89
C ALA H 127 43.88 -41.32 31.58
N ILE H 128 45.17 -41.36 31.90
CA ILE H 128 45.75 -40.21 32.59
C ILE H 128 45.79 -38.99 31.66
N LEU H 129 46.06 -39.21 30.37
CA LEU H 129 46.08 -38.08 29.44
C LEU H 129 44.70 -37.44 29.29
N LEU H 130 43.65 -38.26 29.18
CA LEU H 130 42.30 -37.71 29.17
C LEU H 130 41.98 -36.99 30.47
N GLU H 131 42.55 -37.44 31.59
CA GLU H 131 42.37 -36.69 32.82
C GLU H 131 43.18 -35.39 32.84
N ALA H 132 44.15 -35.26 31.93
CA ALA H 132 44.99 -34.08 31.88
C ALA H 132 44.53 -33.07 30.84
N GLY H 133 43.32 -33.21 30.32
CA GLY H 133 42.81 -32.27 29.34
C GLY H 133 43.40 -32.44 27.96
N ALA H 134 43.60 -33.67 27.53
CA ALA H 134 44.22 -33.95 26.26
C ALA H 134 43.21 -33.88 25.13
N PHE H 135 43.64 -33.26 24.02
CA PHE H 135 42.79 -33.19 22.83
C PHE H 135 42.66 -34.58 22.24
N VAL H 136 41.43 -35.00 21.94
CA VAL H 136 41.19 -36.36 21.49
C VAL H 136 41.16 -36.43 19.97
N ASN H 137 40.58 -35.43 19.32
CA ASN H 137 40.31 -35.48 17.90
C ASN H 137 41.42 -34.87 17.06
N VAL H 138 42.61 -34.70 17.62
CA VAL H 138 43.74 -34.27 16.80
C VAL H 138 43.98 -35.38 15.77
N GLN H 139 44.47 -34.99 14.61
CA GLN H 139 44.61 -35.92 13.49
C GLN H 139 46.06 -35.94 13.03
N GLN H 140 46.47 -37.09 12.48
CA GLN H 140 47.79 -37.20 11.88
C GLN H 140 47.78 -36.67 10.45
N SER H 141 48.98 -36.55 9.86
CA SER H 141 49.11 -36.13 8.48
C SER H 141 48.40 -37.10 7.53
N ASN H 142 48.24 -38.36 7.94
CA ASN H 142 47.54 -39.35 7.13
C ASN H 142 46.03 -39.36 7.38
N GLY H 143 45.54 -38.50 8.28
CA GLY H 143 44.13 -38.38 8.55
C GLY H 143 43.56 -39.30 9.61
N GLU H 144 44.40 -39.95 10.41
CA GLU H 144 43.93 -40.88 11.42
C GLU H 144 43.95 -40.27 12.81
N THR H 145 42.98 -40.66 13.62
CA THR H 145 42.85 -40.19 14.99
C THR H 145 43.18 -41.32 15.95
N ALA H 146 43.24 -41.00 17.24
CA ALA H 146 43.46 -42.02 18.26
C ALA H 146 42.40 -43.11 18.18
N LEU H 147 41.13 -42.70 18.13
CA LEU H 147 40.05 -43.67 18.09
C LEU H 147 40.25 -44.68 16.96
N MET H 148 40.75 -44.22 15.82
CA MET H 148 40.96 -45.13 14.70
C MET H 148 42.02 -46.17 15.04
N LYS H 149 43.10 -45.75 15.70
CA LYS H 149 44.12 -46.70 16.12
C LYS H 149 43.53 -47.74 17.06
N ALA H 150 42.78 -47.27 18.06
CA ALA H 150 42.21 -48.21 19.03
C ALA H 150 41.26 -49.19 18.33
N CYS H 151 40.46 -48.71 17.40
CA CYS H 151 39.57 -49.60 16.65
C CYS H 151 40.37 -50.61 15.84
N LYS H 152 41.47 -50.18 15.23
CA LYS H 152 42.28 -51.11 14.44
C LYS H 152 42.85 -52.23 15.31
N ARG H 153 43.33 -51.90 16.51
CA ARG H 153 43.91 -52.94 17.36
C ARG H 153 42.87 -53.67 18.20
N GLY H 154 41.60 -53.27 18.12
CA GLY H 154 40.53 -54.04 18.73
C GLY H 154 40.35 -53.85 20.22
N ASN H 155 40.79 -52.74 20.78
CA ASN H 155 40.72 -52.53 22.22
C ASN H 155 39.48 -51.73 22.58
N SER H 156 38.43 -52.45 22.98
CA SER H 156 37.14 -51.81 23.26
C SER H 156 37.22 -50.82 24.41
N ASP H 157 38.06 -51.11 25.40
CA ASP H 157 38.11 -50.25 26.58
C ASP H 157 38.55 -48.85 26.21
N ILE H 158 39.59 -48.75 25.37
CA ILE H 158 40.05 -47.44 24.90
C ILE H 158 38.94 -46.76 24.12
N VAL H 159 38.22 -47.50 23.28
CA VAL H 159 37.20 -46.91 22.44
C VAL H 159 36.13 -46.23 23.29
N ARG H 160 35.55 -46.93 24.27
CA ARG H 160 34.55 -46.22 25.06
C ARG H 160 35.20 -45.09 25.85
N LEU H 161 36.41 -45.31 26.38
CA LEU H 161 37.00 -44.28 27.21
C LEU H 161 37.14 -42.97 26.43
N VAL H 162 37.48 -43.05 25.14
CA VAL H 162 37.64 -41.83 24.35
C VAL H 162 36.29 -41.25 23.90
N ILE H 163 35.37 -42.10 23.42
CA ILE H 163 34.13 -41.54 22.91
C ILE H 163 33.30 -40.96 24.06
N GLU H 164 33.46 -41.48 25.28
CA GLU H 164 32.75 -40.90 26.41
C GLU H 164 33.30 -39.53 26.78
N CYS H 165 34.58 -39.29 26.56
CA CYS H 165 35.18 -37.99 26.85
C CYS H 165 35.06 -37.04 25.66
N GLY H 166 34.24 -37.40 24.66
CA GLY H 166 33.83 -36.47 23.63
C GLY H 166 34.55 -36.60 22.31
N ALA H 167 34.76 -37.81 21.84
CA ALA H 167 35.44 -38.02 20.57
C ALA H 167 34.45 -37.97 19.41
N ASP H 168 34.99 -37.76 18.21
CA ASP H 168 34.20 -37.69 17.00
C ASP H 168 34.47 -38.95 16.19
N CYS H 169 33.42 -39.70 15.90
CA CYS H 169 33.58 -41.00 15.25
C CYS H 169 33.61 -40.91 13.74
N ASN H 170 32.90 -39.94 13.15
CA ASN H 170 32.72 -39.87 11.70
C ASN H 170 33.90 -39.25 10.97
N ILE H 171 34.94 -38.80 11.68
CA ILE H 171 36.07 -38.17 11.01
C ILE H 171 36.68 -39.15 10.00
N LEU H 172 37.16 -38.61 8.88
CA LEU H 172 37.69 -39.43 7.80
C LEU H 172 39.17 -39.18 7.59
N SER H 173 39.86 -40.23 7.10
CA SER H 173 41.27 -40.16 6.78
C SER H 173 41.50 -39.82 5.30
N LYS H 174 42.77 -39.72 4.92
CA LYS H 174 43.11 -39.40 3.54
C LYS H 174 42.68 -40.48 2.56
N HIS H 175 42.42 -41.70 3.06
CA HIS H 175 41.93 -42.79 2.23
C HIS H 175 40.43 -43.00 2.42
N GLN H 176 39.75 -42.05 3.05
CA GLN H 176 38.29 -42.07 3.19
C GLN H 176 37.80 -43.32 3.91
N ASN H 177 38.58 -43.77 4.89
CA ASN H 177 38.18 -44.84 5.81
C ASN H 177 37.88 -44.21 7.15
N SER H 178 36.75 -44.57 7.74
CA SER H 178 36.36 -44.04 9.03
C SER H 178 36.80 -44.98 10.14
N ALA H 179 36.66 -44.51 11.38
CA ALA H 179 36.87 -45.41 12.51
C ALA H 179 35.95 -46.62 12.39
N LEU H 180 34.74 -46.42 11.84
CA LEU H 180 33.78 -47.50 11.69
C LEU H 180 34.26 -48.57 10.72
N HIS H 181 34.85 -48.16 9.60
CA HIS H 181 35.35 -49.12 8.64
C HIS H 181 36.47 -49.96 9.24
N PHE H 182 37.40 -49.31 9.95
CA PHE H 182 38.45 -50.04 10.64
C PHE H 182 37.85 -50.96 11.70
N ALA H 183 36.82 -50.50 12.41
CA ALA H 183 36.22 -51.33 13.45
C ALA H 183 35.67 -52.62 12.86
N LYS H 184 35.01 -52.54 11.69
CA LYS H 184 34.54 -53.78 11.10
C LYS H 184 35.68 -54.58 10.48
N GLN H 185 36.73 -53.91 9.98
CA GLN H 185 37.83 -54.64 9.36
C GLN H 185 38.61 -55.45 10.38
N SER H 186 38.81 -54.91 11.59
CA SER H 186 39.47 -55.67 12.64
C SER H 186 38.63 -56.85 13.12
N ASN H 187 37.34 -56.89 12.77
CA ASN H 187 36.46 -57.99 13.13
C ASN H 187 36.42 -58.15 14.65
N ASN H 188 36.24 -57.02 15.34
CA ASN H 188 36.04 -56.96 16.79
C ASN H 188 34.64 -56.45 17.07
N VAL H 189 33.75 -57.36 17.50
CA VAL H 189 32.33 -57.04 17.55
C VAL H 189 32.05 -55.93 18.55
N LEU H 190 32.74 -55.95 19.70
CA LEU H 190 32.44 -54.98 20.74
C LEU H 190 32.72 -53.56 20.29
N VAL H 191 33.82 -53.35 19.55
CA VAL H 191 34.22 -52.01 19.14
C VAL H 191 33.16 -51.39 18.24
N TYR H 192 32.74 -52.12 17.21
CA TYR H 192 31.81 -51.56 16.24
C TYR H 192 30.40 -51.49 16.81
N ASP H 193 30.03 -52.40 17.74
CA ASP H 193 28.78 -52.19 18.46
C ASP H 193 28.83 -50.89 19.26
N LEU H 194 29.94 -50.64 19.95
CA LEU H 194 30.07 -49.40 20.71
C LEU H 194 29.89 -48.20 19.80
N LEU H 195 30.63 -48.17 18.69
CA LEU H 195 30.54 -47.03 17.78
C LEU H 195 29.12 -46.86 17.24
N LYS H 196 28.50 -47.97 16.80
CA LYS H 196 27.18 -47.87 16.19
C LYS H 196 26.16 -47.35 17.19
N ASN H 197 26.19 -47.86 18.42
CA ASN H 197 25.24 -47.38 19.43
C ASN H 197 25.51 -45.92 19.79
N HIS H 198 26.77 -45.51 19.86
CA HIS H 198 27.06 -44.10 20.16
C HIS H 198 26.46 -43.19 19.09
N LEU H 199 26.67 -43.53 17.81
CA LEU H 199 26.16 -42.67 16.75
C LEU H 199 24.63 -42.71 16.66
N GLU H 200 24.04 -43.89 16.91
CA GLU H 200 22.59 -43.96 16.98
C GLU H 200 22.05 -43.05 18.07
N THR H 201 22.71 -43.04 19.24
CA THR H 201 22.30 -42.15 20.31
C THR H 201 22.41 -40.69 19.90
N LEU H 202 23.50 -40.33 19.21
CA LEU H 202 23.66 -38.95 18.78
C LEU H 202 22.52 -38.52 17.84
N SER H 203 22.26 -39.34 16.81
CA SER H 203 21.22 -38.96 15.86
C SER H 203 19.85 -38.92 16.50
N ARG H 204 19.54 -39.87 17.39
CA ARG H 204 18.24 -39.82 18.06
C ARG H 204 18.11 -38.55 18.89
N VAL H 205 19.17 -38.17 19.62
CA VAL H 205 19.05 -36.99 20.48
C VAL H 205 18.92 -35.73 19.63
N ALA H 206 19.56 -35.69 18.45
CA ALA H 206 19.36 -34.55 17.55
C ALA H 206 17.90 -34.44 17.14
N GLU H 207 17.31 -35.57 16.72
CA GLU H 207 15.89 -35.56 16.38
C GLU H 207 15.04 -35.09 17.56
N GLU H 208 15.35 -35.59 18.76
CA GLU H 208 14.55 -35.23 19.93
C GLU H 208 14.60 -33.74 20.20
N THR H 209 15.81 -33.15 20.13
CA THR H 209 15.95 -31.74 20.46
C THR H 209 15.26 -30.86 19.43
N ILE H 210 15.39 -31.19 18.13
CA ILE H 210 14.69 -30.40 17.14
C ILE H 210 13.18 -30.56 17.30
N LYS H 211 12.72 -31.76 17.68
CA LYS H 211 11.32 -31.95 17.99
C LYS H 211 10.86 -30.99 19.07
N ASP H 212 11.63 -30.88 20.15
CA ASP H 212 11.22 -30.02 21.26
C ASP H 212 11.24 -28.55 20.87
N TYR H 213 12.34 -28.07 20.28
CA TYR H 213 12.53 -26.62 20.17
C TYR H 213 11.63 -26.00 19.10
N PHE H 214 11.24 -26.76 18.07
CA PHE H 214 10.34 -26.24 17.05
C PHE H 214 8.90 -26.73 17.24
N GLU H 215 8.59 -27.35 18.37
CA GLU H 215 7.21 -27.72 18.71
C GLU H 215 6.56 -28.54 17.60
N ALA H 216 7.37 -29.30 16.86
CA ALA H 216 6.96 -30.29 15.87
C ALA H 216 6.31 -29.73 14.62
N ARG H 217 6.21 -28.41 14.46
CA ARG H 217 5.77 -27.86 13.17
C ARG H 217 6.80 -28.11 12.07
N LEU H 218 8.00 -28.57 12.44
CA LEU H 218 9.10 -28.87 11.51
C LEU H 218 9.55 -30.30 11.73
N ALA H 219 10.01 -30.96 10.65
CA ALA H 219 10.43 -32.36 10.74
C ALA H 219 11.63 -32.66 9.86
N LEU H 220 12.65 -33.28 10.46
CA LEU H 220 13.86 -33.67 9.74
C LEU H 220 13.58 -34.77 8.72
N LEU H 221 14.32 -34.74 7.62
CA LEU H 221 14.12 -35.67 6.51
C LEU H 221 15.29 -36.62 6.30
N GLU H 222 16.49 -36.09 6.04
CA GLU H 222 17.64 -36.92 5.70
C GLU H 222 18.91 -36.12 5.94
N PRO H 223 19.88 -36.65 6.68
CA PRO H 223 21.13 -35.90 6.90
C PRO H 223 21.86 -35.62 5.61
N VAL H 224 22.53 -34.47 5.57
CA VAL H 224 23.32 -34.11 4.40
C VAL H 224 24.70 -34.75 4.48
N PHE H 225 25.23 -34.92 5.69
CA PHE H 225 26.64 -35.29 5.87
C PHE H 225 26.84 -35.67 7.33
N PRO H 226 27.71 -36.64 7.61
CA PRO H 226 27.72 -37.28 8.94
C PRO H 226 27.89 -36.28 10.06
N ILE H 227 26.92 -36.28 10.98
CA ILE H 227 26.97 -35.34 12.11
C ILE H 227 28.31 -35.46 12.80
N ALA H 228 28.96 -34.33 13.03
CA ALA H 228 30.29 -34.29 13.60
C ALA H 228 30.23 -33.76 15.03
N CYS H 229 31.31 -34.01 15.76
CA CYS H 229 31.41 -33.65 17.17
C CYS H 229 32.69 -32.88 17.38
N HIS H 230 32.60 -31.77 18.12
CA HIS H 230 33.73 -30.89 18.36
C HIS H 230 33.85 -30.58 19.85
N ARG H 231 35.04 -30.76 20.40
CA ARG H 231 35.30 -30.40 21.79
C ARG H 231 35.71 -28.92 21.83
N LEU H 232 34.91 -28.11 22.52
CA LEU H 232 35.19 -26.68 22.56
C LEU H 232 36.55 -26.40 23.20
N CYS H 233 36.89 -27.14 24.26
CA CYS H 233 38.18 -26.93 24.91
C CYS H 233 39.35 -27.12 23.95
N GLU H 234 39.15 -27.88 22.85
CA GLU H 234 40.26 -28.16 21.94
C GLU H 234 40.66 -26.95 21.11
N GLY H 235 39.72 -26.06 20.79
CA GLY H 235 40.08 -24.87 20.06
C GLY H 235 38.90 -24.05 19.61
N PRO H 236 39.18 -22.83 19.13
CA PRO H 236 38.10 -21.96 18.61
C PRO H 236 37.79 -22.11 17.14
N ASP H 237 38.63 -22.82 16.39
CA ASP H 237 38.40 -23.05 14.96
C ASP H 237 37.80 -24.43 14.76
N PHE H 238 37.03 -24.58 13.70
CA PHE H 238 36.50 -25.88 13.30
C PHE H 238 36.46 -25.96 11.79
N SER H 239 36.89 -27.10 11.23
CA SER H 239 36.99 -27.26 9.79
C SER H 239 36.54 -28.66 9.41
N THR H 240 35.94 -28.77 8.22
CA THR H 240 35.63 -30.08 7.67
C THR H 240 35.39 -29.98 6.17
N ASP H 241 35.53 -31.12 5.50
CA ASP H 241 35.27 -31.26 4.07
C ASP H 241 34.28 -32.41 3.92
N PHE H 242 33.22 -32.19 3.13
CA PHE H 242 32.23 -33.25 2.92
C PHE H 242 31.85 -33.28 1.45
N ASN H 243 31.03 -34.27 1.09
CA ASN H 243 30.52 -34.42 -0.27
C ASN H 243 29.00 -34.53 -0.20
N TYR H 244 28.32 -33.81 -1.08
CA TYR H 244 26.86 -33.72 -1.05
C TYR H 244 26.29 -34.28 -2.33
N LYS H 245 25.46 -35.33 -2.19
CA LYS H 245 24.79 -35.98 -3.31
C LYS H 245 23.28 -35.95 -3.09
N PRO H 246 22.56 -35.05 -3.76
CA PRO H 246 21.12 -34.89 -3.48
C PRO H 246 20.30 -36.06 -4.02
N PRO H 247 19.20 -36.41 -3.36
CA PRO H 247 18.27 -37.40 -3.93
C PRO H 247 17.35 -36.82 -4.98
N GLN H 248 16.87 -37.70 -5.86
CA GLN H 248 16.04 -37.29 -7.00
C GLN H 248 14.73 -36.64 -6.56
N ASN H 249 13.98 -37.31 -5.68
CA ASN H 249 12.66 -36.81 -5.26
C ASN H 249 12.87 -35.89 -4.06
N ILE H 250 12.81 -34.59 -4.31
CA ILE H 250 12.87 -33.55 -3.28
C ILE H 250 11.48 -32.95 -3.13
N PRO H 251 10.82 -33.08 -1.98
CA PRO H 251 9.51 -32.43 -1.81
C PRO H 251 9.64 -30.91 -1.81
N GLU H 252 9.08 -30.25 -2.82
CA GLU H 252 9.16 -28.80 -2.90
C GLU H 252 8.57 -28.18 -1.66
N GLY H 253 9.23 -27.16 -1.13
CA GLY H 253 8.93 -26.65 0.19
C GLY H 253 9.80 -27.20 1.29
N SER H 254 10.88 -27.88 0.95
CA SER H 254 11.82 -28.45 1.91
C SER H 254 13.17 -27.76 1.76
N GLY H 255 13.92 -27.67 2.86
CA GLY H 255 15.17 -26.94 2.84
C GLY H 255 16.23 -27.48 3.76
N ILE H 256 17.45 -27.00 3.56
CA ILE H 256 18.63 -27.47 4.29
C ILE H 256 18.99 -26.44 5.36
N LEU H 257 19.28 -26.94 6.56
CA LEU H 257 19.72 -26.10 7.67
C LEU H 257 20.89 -26.75 8.39
N LEU H 258 21.82 -25.90 8.86
CA LEU H 258 22.92 -26.33 9.71
C LEU H 258 22.54 -26.06 11.16
N PHE H 259 22.68 -27.09 11.99
CA PHE H 259 22.41 -27.02 13.42
C PHE H 259 23.71 -27.22 14.17
N ILE H 260 23.92 -26.41 15.19
CA ILE H 260 25.03 -26.55 16.11
C ILE H 260 24.43 -26.76 17.49
N PHE H 261 24.18 -28.03 17.84
CA PHE H 261 23.65 -28.32 19.16
C PHE H 261 24.76 -28.18 20.19
N HIS H 262 24.44 -27.53 21.30
CA HIS H 262 25.36 -27.43 22.44
C HIS H 262 25.01 -28.55 23.41
N ALA H 263 25.93 -29.51 23.58
CA ALA H 263 25.64 -30.78 24.22
C ALA H 263 26.65 -31.06 25.32
N ASN H 264 26.20 -31.92 26.25
CA ASN H 264 27.02 -32.48 27.32
C ASN H 264 26.93 -34.01 27.26
N PHE H 265 28.09 -34.68 27.29
CA PHE H 265 28.17 -36.13 27.33
C PHE H 265 28.46 -36.55 28.78
N LEU H 266 27.56 -37.31 29.39
CA LEU H 266 27.82 -37.97 30.67
C LEU H 266 27.48 -39.46 30.60
N GLY H 267 28.50 -40.29 30.45
CA GLY H 267 28.33 -41.73 30.39
C GLY H 267 27.76 -42.15 29.07
N LYS H 268 26.60 -42.79 29.10
CA LYS H 268 25.88 -43.12 27.89
C LYS H 268 24.79 -42.11 27.59
N GLU H 269 24.67 -41.06 28.39
CA GLU H 269 23.63 -40.06 28.20
C GLU H 269 24.22 -38.81 27.57
N VAL H 270 23.60 -38.33 26.50
CA VAL H 270 23.98 -37.10 25.84
C VAL H 270 22.76 -36.19 25.87
N ILE H 271 22.93 -34.98 26.37
CA ILE H 271 21.84 -34.01 26.38
C ILE H 271 22.30 -32.75 25.68
N ALA H 272 21.44 -32.22 24.81
CA ALA H 272 21.80 -31.11 23.94
C ALA H 272 20.71 -30.05 23.97
N ARG H 273 21.09 -28.86 23.55
CA ARG H 273 20.23 -27.69 23.56
C ARG H 273 20.48 -26.87 22.30
N LEU H 274 19.46 -26.10 21.89
CA LEU H 274 19.57 -25.13 20.81
C LEU H 274 19.22 -23.72 21.29
N CYS H 275 19.32 -23.47 22.60
CA CYS H 275 19.18 -22.13 23.15
C CYS H 275 20.28 -21.85 24.16
N GLY H 276 20.22 -20.71 24.84
CA GLY H 276 21.20 -20.37 25.84
C GLY H 276 22.46 -19.79 25.25
N PRO H 277 23.52 -19.75 26.05
CA PRO H 277 24.80 -19.19 25.56
C PRO H 277 25.26 -19.89 24.29
N CYS H 278 25.75 -19.09 23.36
CA CYS H 278 26.21 -19.57 22.06
C CYS H 278 27.72 -19.35 21.94
N SER H 279 28.41 -20.31 21.34
CA SER H 279 29.83 -20.18 21.10
C SER H 279 30.15 -19.94 19.62
N VAL H 280 29.13 -19.71 18.81
CA VAL H 280 29.27 -19.59 17.37
C VAL H 280 29.39 -18.11 17.02
N GLN H 281 30.48 -17.75 16.36
CA GLN H 281 30.71 -16.41 15.85
C GLN H 281 30.54 -16.31 14.34
N ALA H 282 31.04 -17.28 13.57
CA ALA H 282 30.92 -17.15 12.13
C ALA H 282 30.92 -18.50 11.45
N VAL H 283 30.19 -18.59 10.34
CA VAL H 283 30.12 -19.81 9.53
C VAL H 283 30.45 -19.46 8.09
N VAL H 284 31.36 -20.23 7.49
CA VAL H 284 31.87 -20.01 6.14
C VAL H 284 31.69 -21.31 5.37
N LEU H 285 30.83 -21.29 4.37
CA LEU H 285 30.63 -22.43 3.47
C LEU H 285 31.21 -22.03 2.12
N ASN H 286 32.38 -22.59 1.79
CA ASN H 286 33.05 -22.33 0.52
C ASN H 286 33.40 -20.85 0.37
N ASP H 287 33.95 -20.28 1.44
CA ASP H 287 34.44 -18.90 1.51
C ASP H 287 33.33 -17.87 1.46
N LYS H 288 32.06 -18.28 1.40
CA LYS H 288 30.92 -17.38 1.44
C LYS H 288 30.22 -17.54 2.79
N PHE H 289 30.12 -16.45 3.54
CA PHE H 289 29.49 -16.51 4.85
C PHE H 289 28.05 -16.99 4.74
N GLN H 290 27.64 -17.82 5.69
CA GLN H 290 26.24 -18.20 5.87
C GLN H 290 25.68 -17.40 7.05
N LEU H 291 24.39 -17.03 6.95
CA LEU H 291 23.81 -16.13 7.94
C LEU H 291 22.76 -16.83 8.80
N PRO H 292 22.66 -16.49 10.08
CA PRO H 292 21.70 -17.17 10.95
C PRO H 292 20.27 -16.96 10.49
N VAL H 293 19.44 -17.97 10.73
CA VAL H 293 18.03 -17.88 10.39
C VAL H 293 17.32 -16.87 11.27
N PHE H 294 17.72 -16.75 12.54
CA PHE H 294 17.19 -15.75 13.44
C PHE H 294 18.30 -14.77 13.81
N LEU H 295 17.93 -13.54 14.13
CA LEU H 295 18.88 -12.61 14.72
C LEU H 295 18.97 -12.79 16.23
N ASP H 296 18.02 -13.52 16.82
CA ASP H 296 18.06 -13.77 18.26
C ASP H 296 18.95 -14.95 18.65
N SER H 297 19.33 -15.80 17.70
CA SER H 297 20.10 -16.99 18.02
C SER H 297 21.07 -17.30 16.89
N HIS H 298 22.17 -17.98 17.24
CA HIS H 298 23.19 -18.37 16.30
C HIS H 298 23.39 -19.88 16.25
N PHE H 299 22.40 -20.67 16.66
CA PHE H 299 22.53 -22.11 16.65
C PHE H 299 22.05 -22.76 15.35
N VAL H 300 21.11 -22.13 14.65
CA VAL H 300 20.59 -22.63 13.39
C VAL H 300 20.97 -21.63 12.29
N TYR H 301 21.77 -22.08 11.33
CA TYR H 301 22.10 -21.26 10.18
C TYR H 301 21.50 -21.82 8.89
N SER H 302 21.28 -20.92 7.94
CA SER H 302 21.02 -21.32 6.58
C SER H 302 22.23 -22.02 5.98
N PHE H 303 21.98 -23.09 5.24
CA PHE H 303 23.03 -23.96 4.71
C PHE H 303 22.63 -24.28 3.27
N SER H 304 23.29 -23.63 2.31
CA SER H 304 23.03 -23.83 0.89
C SER H 304 24.30 -24.38 0.25
N PRO H 305 24.56 -25.68 0.42
CA PRO H 305 25.75 -26.28 -0.19
C PRO H 305 25.52 -26.61 -1.66
N VAL H 306 26.63 -26.75 -2.38
CA VAL H 306 26.59 -27.16 -3.77
C VAL H 306 26.93 -28.65 -3.85
N ALA H 307 26.42 -29.31 -4.88
CA ALA H 307 26.65 -30.73 -5.05
C ALA H 307 28.12 -31.01 -5.33
N GLY H 308 28.61 -32.13 -4.80
CA GLY H 308 30.00 -32.46 -4.92
C GLY H 308 30.75 -32.13 -3.65
N PRO H 309 32.03 -31.81 -3.76
CA PRO H 309 32.82 -31.47 -2.56
C PRO H 309 32.52 -30.07 -2.05
N ASN H 310 32.39 -29.97 -0.73
CA ASN H 310 32.12 -28.73 -0.03
C ASN H 310 33.06 -28.61 1.16
N LYS H 311 33.42 -27.37 1.49
CA LYS H 311 34.34 -27.07 2.58
C LYS H 311 33.63 -26.15 3.57
N LEU H 312 33.59 -26.57 4.83
CA LEU H 312 32.90 -25.89 5.92
C LEU H 312 33.90 -25.42 6.96
N PHE H 313 33.75 -24.18 7.43
CA PHE H 313 34.61 -23.64 8.47
C PHE H 313 33.81 -22.78 9.44
N ILE H 314 34.00 -23.02 10.73
CA ILE H 314 33.30 -22.28 11.77
C ILE H 314 34.31 -21.63 12.71
N ARG H 315 34.06 -20.37 13.06
CA ARG H 315 34.82 -19.67 14.09
C ARG H 315 33.96 -19.58 15.35
N LEU H 316 34.57 -19.91 16.49
CA LEU H 316 33.91 -20.10 17.77
C LEU H 316 34.51 -19.17 18.82
N THR H 317 33.84 -19.14 19.98
CA THR H 317 34.38 -18.47 21.16
C THR H 317 35.49 -19.31 21.80
N GLU H 318 36.39 -18.63 22.51
CA GLU H 318 37.51 -19.27 23.19
C GLU H 318 37.19 -19.41 24.68
N ALA H 319 36.89 -20.63 25.11
CA ALA H 319 36.71 -20.97 26.52
C ALA H 319 37.47 -22.26 26.79
N PRO H 320 38.76 -22.17 27.10
CA PRO H 320 39.56 -23.40 27.29
C PRO H 320 39.04 -24.28 28.42
N SER H 321 38.26 -23.74 29.34
CA SER H 321 37.73 -24.49 30.46
C SER H 321 36.30 -24.96 30.24
N ALA H 322 35.73 -24.68 29.07
CA ALA H 322 34.38 -25.12 28.77
C ALA H 322 34.34 -26.64 28.63
N LYS H 323 33.38 -27.28 29.31
CA LYS H 323 33.17 -28.71 29.24
C LYS H 323 32.08 -29.06 28.25
N VAL H 324 32.03 -28.33 27.14
CA VAL H 324 30.92 -28.37 26.19
C VAL H 324 31.33 -29.06 24.89
N LYS H 325 30.46 -29.92 24.39
CA LYS H 325 30.63 -30.55 23.08
C LYS H 325 29.65 -29.90 22.11
N LEU H 326 30.05 -29.82 20.84
CA LEU H 326 29.23 -29.22 19.80
C LEU H 326 28.91 -30.28 18.76
N LEU H 327 27.62 -30.52 18.55
CA LEU H 327 27.16 -31.49 17.56
C LEU H 327 26.72 -30.73 16.33
N ILE H 328 27.46 -30.89 15.24
CA ILE H 328 27.35 -30.08 14.04
C ILE H 328 26.76 -30.94 12.95
N GLY H 329 25.58 -30.57 12.47
CA GLY H 329 24.93 -31.35 11.43
C GLY H 329 24.04 -30.56 10.51
N ALA H 330 24.10 -30.84 9.21
CA ALA H 330 23.30 -30.13 8.22
C ALA H 330 22.31 -31.11 7.61
N TYR H 331 21.03 -30.85 7.82
CA TYR H 331 19.99 -31.74 7.35
C TYR H 331 18.98 -31.02 6.48
N ARG H 332 18.30 -31.79 5.61
CA ARG H 332 17.06 -31.35 5.00
C ARG H 332 15.89 -31.47 5.97
N VAL H 333 14.84 -30.70 5.70
CA VAL H 333 13.73 -30.62 6.63
C VAL H 333 12.49 -30.15 5.88
N GLN H 334 11.32 -30.63 6.34
CA GLN H 334 10.01 -30.32 5.77
C GLN H 334 9.10 -29.72 6.85
N LEU H 335 8.25 -28.78 6.44
CA LEU H 335 7.37 -28.14 7.40
C LEU H 335 6.13 -28.98 7.63
N GLN H 336 5.51 -28.80 8.80
CA GLN H 336 4.29 -29.51 9.16
C GLN H 336 3.14 -28.51 9.27
#